data_7H3B
# 
_entry.id   7H3B 
# 
_audit_conform.dict_name       mmcif_pdbx.dic 
_audit_conform.dict_version    5.397 
_audit_conform.dict_location   http://mmcif.pdb.org/dictionaries/ascii/mmcif_pdbx.dic 
# 
loop_
_database_2.database_id 
_database_2.database_code 
_database_2.pdbx_database_accession 
_database_2.pdbx_DOI 
PDB   7H3B         pdb_00007h3b 10.2210/pdb7h3b/pdb 
WWPDB D_1001406970 ?            ?                   
# 
loop_
_pdbx_audit_revision_history.ordinal 
_pdbx_audit_revision_history.data_content_type 
_pdbx_audit_revision_history.major_revision 
_pdbx_audit_revision_history.minor_revision 
_pdbx_audit_revision_history.revision_date 
1 'Structure model' 1 0 2024-04-24 
2 'Structure model' 1 1 2024-10-16 
# 
_pdbx_audit_revision_details.ordinal             1 
_pdbx_audit_revision_details.revision_ordinal    1 
_pdbx_audit_revision_details.data_content_type   'Structure model' 
_pdbx_audit_revision_details.provider            repository 
_pdbx_audit_revision_details.type                'Initial release' 
_pdbx_audit_revision_details.description         ? 
_pdbx_audit_revision_details.details             ? 
# 
loop_
_pdbx_audit_revision_group.ordinal 
_pdbx_audit_revision_group.revision_ordinal 
_pdbx_audit_revision_group.data_content_type 
_pdbx_audit_revision_group.group 
1 2 'Structure model' 'Database references' 
2 2 'Structure model' 'Structure summary'   
# 
loop_
_pdbx_audit_revision_category.ordinal 
_pdbx_audit_revision_category.revision_ordinal 
_pdbx_audit_revision_category.data_content_type 
_pdbx_audit_revision_category.category 
1 2 'Structure model' citation           
2 2 'Structure model' citation_author    
3 2 'Structure model' pdbx_entry_details 
# 
loop_
_pdbx_audit_revision_item.ordinal 
_pdbx_audit_revision_item.revision_ordinal 
_pdbx_audit_revision_item.data_content_type 
_pdbx_audit_revision_item.item 
1 2 'Structure model' '_citation.country'                 
2 2 'Structure model' '_citation.journal_abbrev'          
3 2 'Structure model' '_citation.journal_id_CSD'          
4 2 'Structure model' '_citation.journal_id_ISSN'         
5 2 'Structure model' '_citation.pdbx_database_id_DOI'    
6 2 'Structure model' '_citation.pdbx_database_id_PubMed' 
7 2 'Structure model' '_citation.title'                   
8 2 'Structure model' '_citation.year'                    
# 
_pdbx_database_status.entry_id                        7H3B 
_pdbx_database_status.status_code                     REL 
_pdbx_database_status.status_code_sf                  REL 
_pdbx_database_status.status_code_mr                  ? 
_pdbx_database_status.status_code_cs                  ? 
_pdbx_database_status.recvd_initial_deposition_date   2024-04-04 
_pdbx_database_status.status_code_nmr_data            ? 
_pdbx_database_status.deposit_site                    RCSB 
_pdbx_database_status.process_site                    RCSB 
_pdbx_database_status.SG_entry                        ? 
_pdbx_database_status.pdb_format_compatible           Y 
_pdbx_database_status.methods_development_category    ? 
# 
_pdbx_contact_author.id                 1 
_pdbx_contact_author.email              frank.von-delft@diamond.ac.uk 
_pdbx_contact_author.name_first         Frank 
_pdbx_contact_author.name_last          'von Delft' 
_pdbx_contact_author.role               'principal investigator/group leader' 
_pdbx_contact_author.identifier_ORCID   0000-0003-0378-0017 
_pdbx_contact_author.name_mi            ? 
# 
loop_
_audit_author.name 
_audit_author.pdbx_ordinal 
'Lithgo, R.M.'        1  
'Fairhead, M.'        2  
'Koekemoer, L.'       3  
'Balcomb, B.H.'       4  
'Capkin, E.'          5  
'Chandran, A.V.'      6  
'Golding, M.'         7  
'Godoy, A.S.'         8  
'Aschenbrenner, J.C.' 9  
'Marples, P.G.'       10 
'Ni, X.'              11 
'Thompson, W.'        12 
'Tomlinson, C.W.E.'   13 
'Wild, C.'            14 
'Winokan, M.'         15 
'Xavier, M.-A.E.'     16 
'Fearon, D.'          17 
'von Delft, F.'       18 
# 
_citation.id                        primary 
_citation.title                     
;Crystallographic Fragment Screen of Coxsackievirus A16 2A Protease identifies new opportunities for the development of broad-spectrum anti-enterovirals.
;
_citation.journal_abbrev            Biorxiv 
_citation.journal_volume            ? 
_citation.page_first                ? 
_citation.page_last                 ? 
_citation.year                      2024 
_citation.journal_id_ASTM           ? 
_citation.country                   US 
_citation.journal_id_ISSN           2692-8205 
_citation.journal_id_CSD            ? 
_citation.book_publisher            ? 
_citation.pdbx_database_id_PubMed   38746446 
_citation.pdbx_database_id_DOI      10.1101/2024.04.29.591684 
# 
loop_
_citation_author.citation_id 
_citation_author.name 
_citation_author.identifier_ORCID 
_citation_author.ordinal 
primary 'Lithgo, R.M.'        0000-0002-4706-9916 1  
primary 'Tomlinson, C.W.E.'   0000-0002-1845-6028 2  
primary 'Fairhead, M.'        0000-0001-5361-3933 3  
primary 'Winokan, M.'         ?                   4  
primary 'Thompson, W.'        0000-0003-1474-7810 5  
primary 'Wild, C.'            0000-0003-0654-8141 6  
primary 'Aschenbrenner, J.C.' 0000-0002-4318-0481 7  
primary 'Balcomb, B.H.'       0000-0001-7599-8467 8  
primary 'Marples, P.G.'       0000-0002-8787-7969 9  
primary 'Chandran, A.V.'      0000-0001-9942-2614 10 
primary 'Golding, M.'         0009-0004-7472-8333 11 
primary 'Koekemoer, L.'       0000-0001-9226-9127 12 
primary 'Williams, E.P.'      0000-0002-1331-9518 13 
primary 'Wang, S.'            ?                   14 
primary 'Ni, X.'              0000-0002-7769-8297 15 
primary 'MacLean, E.'         0000-0003-1680-4292 16 
primary 'Giroud, C.'          0000-0002-1629-1581 17 
primary 'Godoy, A.S.'         0000-0002-0613-9164 18 
primary 'Xavier, M.A.'        0000-0002-1709-9479 19 
primary 'Walsh, M.'           0000-0001-5683-1151 20 
primary 'Fearon, D.'          0000-0003-3529-7863 21 
primary 'von Delft, F.'       0000-0003-0378-0017 22 
# 
loop_
_entity.id 
_entity.type 
_entity.src_method 
_entity.pdbx_description 
_entity.formula_weight 
_entity.pdbx_number_of_molecules 
_entity.pdbx_ec 
_entity.pdbx_mutation 
_entity.pdbx_fragment 
_entity.details 
1 polymer     man 'Protease 2A'                                                                16493.311 1   3.4.22.29 ? ? ? 
2 non-polymer man 'N-[(3S)-3-methyl-1,1-dioxo-1lambda~6~-thiolan-3-yl]cyclopropanecarboxamide' 217.285   1   ?         ? ? ? 
3 non-polymer syn 'ZINC ION'                                                                   65.409    1   ?         ? ? ? 
4 non-polymer syn 'DIMETHYL SULFOXIDE'                                                         78.133    5   ?         ? ? ? 
5 non-polymer syn 'SULFATE ION'                                                                96.063    1   ?         ? ? ? 
6 water       nat water                                                                        18.015    236 ?         ? ? ? 
# 
_entity_name_com.entity_id   1 
_entity_name_com.name        'P2A,Picornain 2A,Protein 2A' 
# 
_entity_poly.entity_id                      1 
_entity_poly.type                           'polypeptide(L)' 
_entity_poly.nstd_linkage                   no 
_entity_poly.nstd_monomer                   no 
_entity_poly.pdbx_seq_one_letter_code       
;QEQTGGSGAIYVGNYRVVNRHLATHNDWANLVWEDSSRDLLVSSTTAQGCDTIARCDCQTGVYYCSSRRKHYPVSFSKPS
LIFVEASEYYPARYQSHLMLAVGHSEPGDCGGILRCQHGVVGIVSTGGNGLVGFADVRDLLWLDEEAMEQ
;
_entity_poly.pdbx_seq_one_letter_code_can   
;QEQTGGSGAIYVGNYRVVNRHLATHNDWANLVWEDSSRDLLVSSTTAQGCDTIARCDCQTGVYYCSSRRKHYPVSFSKPS
LIFVEASEYYPARYQSHLMLAVGHSEPGDCGGILRCQHGVVGIVSTGGNGLVGFADVRDLLWLDEEAMEQ
;
_entity_poly.pdbx_strand_id                 A 
_entity_poly.pdbx_target_identifier         ? 
# 
loop_
_pdbx_entity_nonpoly.entity_id 
_pdbx_entity_nonpoly.name 
_pdbx_entity_nonpoly.comp_id 
2 'N-[(3S)-3-methyl-1,1-dioxo-1lambda~6~-thiolan-3-yl]cyclopropanecarboxamide' YFN 
3 'ZINC ION'                                                                   ZN  
4 'DIMETHYL SULFOXIDE'                                                         DMS 
5 'SULFATE ION'                                                                SO4 
6 water                                                                        HOH 
# 
loop_
_entity_poly_seq.entity_id 
_entity_poly_seq.num 
_entity_poly_seq.mon_id 
_entity_poly_seq.hetero 
1 1   GLN n 
1 2   GLU n 
1 3   GLN n 
1 4   THR n 
1 5   GLY n 
1 6   GLY n 
1 7   SER n 
1 8   GLY n 
1 9   ALA n 
1 10  ILE n 
1 11  TYR n 
1 12  VAL n 
1 13  GLY n 
1 14  ASN n 
1 15  TYR n 
1 16  ARG n 
1 17  VAL n 
1 18  VAL n 
1 19  ASN n 
1 20  ARG n 
1 21  HIS n 
1 22  LEU n 
1 23  ALA n 
1 24  THR n 
1 25  HIS n 
1 26  ASN n 
1 27  ASP n 
1 28  TRP n 
1 29  ALA n 
1 30  ASN n 
1 31  LEU n 
1 32  VAL n 
1 33  TRP n 
1 34  GLU n 
1 35  ASP n 
1 36  SER n 
1 37  SER n 
1 38  ARG n 
1 39  ASP n 
1 40  LEU n 
1 41  LEU n 
1 42  VAL n 
1 43  SER n 
1 44  SER n 
1 45  THR n 
1 46  THR n 
1 47  ALA n 
1 48  GLN n 
1 49  GLY n 
1 50  CYS n 
1 51  ASP n 
1 52  THR n 
1 53  ILE n 
1 54  ALA n 
1 55  ARG n 
1 56  CYS n 
1 57  ASP n 
1 58  CYS n 
1 59  GLN n 
1 60  THR n 
1 61  GLY n 
1 62  VAL n 
1 63  TYR n 
1 64  TYR n 
1 65  CYS n 
1 66  SER n 
1 67  SER n 
1 68  ARG n 
1 69  ARG n 
1 70  LYS n 
1 71  HIS n 
1 72  TYR n 
1 73  PRO n 
1 74  VAL n 
1 75  SER n 
1 76  PHE n 
1 77  SER n 
1 78  LYS n 
1 79  PRO n 
1 80  SER n 
1 81  LEU n 
1 82  ILE n 
1 83  PHE n 
1 84  VAL n 
1 85  GLU n 
1 86  ALA n 
1 87  SER n 
1 88  GLU n 
1 89  TYR n 
1 90  TYR n 
1 91  PRO n 
1 92  ALA n 
1 93  ARG n 
1 94  TYR n 
1 95  GLN n 
1 96  SER n 
1 97  HIS n 
1 98  LEU n 
1 99  MET n 
1 100 LEU n 
1 101 ALA n 
1 102 VAL n 
1 103 GLY n 
1 104 HIS n 
1 105 SER n 
1 106 GLU n 
1 107 PRO n 
1 108 GLY n 
1 109 ASP n 
1 110 CYS n 
1 111 GLY n 
1 112 GLY n 
1 113 ILE n 
1 114 LEU n 
1 115 ARG n 
1 116 CYS n 
1 117 GLN n 
1 118 HIS n 
1 119 GLY n 
1 120 VAL n 
1 121 VAL n 
1 122 GLY n 
1 123 ILE n 
1 124 VAL n 
1 125 SER n 
1 126 THR n 
1 127 GLY n 
1 128 GLY n 
1 129 ASN n 
1 130 GLY n 
1 131 LEU n 
1 132 VAL n 
1 133 GLY n 
1 134 PHE n 
1 135 ALA n 
1 136 ASP n 
1 137 VAL n 
1 138 ARG n 
1 139 ASP n 
1 140 LEU n 
1 141 LEU n 
1 142 TRP n 
1 143 LEU n 
1 144 ASP n 
1 145 GLU n 
1 146 GLU n 
1 147 ALA n 
1 148 MET n 
1 149 GLU n 
1 150 GLN n 
# 
loop_
_entity_src_gen.entity_id 
_entity_src_gen.pdbx_src_id 
_entity_src_gen.pdbx_alt_source_flag 
_entity_src_gen.pdbx_seq_type 
_entity_src_gen.pdbx_beg_seq_num 
_entity_src_gen.pdbx_end_seq_num 
_entity_src_gen.gene_src_common_name 
_entity_src_gen.gene_src_genus 
_entity_src_gen.pdbx_gene_src_gene 
_entity_src_gen.gene_src_species 
_entity_src_gen.gene_src_strain 
_entity_src_gen.gene_src_tissue 
_entity_src_gen.gene_src_tissue_fraction 
_entity_src_gen.gene_src_details 
_entity_src_gen.pdbx_gene_src_fragment 
_entity_src_gen.pdbx_gene_src_scientific_name 
_entity_src_gen.pdbx_gene_src_ncbi_taxonomy_id 
_entity_src_gen.pdbx_gene_src_variant 
_entity_src_gen.pdbx_gene_src_cell_line 
_entity_src_gen.pdbx_gene_src_atcc 
_entity_src_gen.pdbx_gene_src_organ 
_entity_src_gen.pdbx_gene_src_organelle 
_entity_src_gen.pdbx_gene_src_cell 
_entity_src_gen.pdbx_gene_src_cellular_location 
_entity_src_gen.host_org_common_name 
_entity_src_gen.pdbx_host_org_scientific_name 
_entity_src_gen.pdbx_host_org_ncbi_taxonomy_id 
_entity_src_gen.host_org_genus 
_entity_src_gen.pdbx_host_org_gene 
_entity_src_gen.pdbx_host_org_organ 
_entity_src_gen.host_org_species 
_entity_src_gen.pdbx_host_org_tissue 
_entity_src_gen.pdbx_host_org_tissue_fraction 
_entity_src_gen.pdbx_host_org_strain 
_entity_src_gen.pdbx_host_org_variant 
_entity_src_gen.pdbx_host_org_cell_line 
_entity_src_gen.pdbx_host_org_atcc 
_entity_src_gen.pdbx_host_org_culture_collection 
_entity_src_gen.pdbx_host_org_cell 
_entity_src_gen.pdbx_host_org_organelle 
_entity_src_gen.pdbx_host_org_cellular_location 
_entity_src_gen.pdbx_host_org_vector_type 
_entity_src_gen.pdbx_host_org_vector 
_entity_src_gen.host_org_details 
_entity_src_gen.expression_system_id 
_entity_src_gen.plasmid_name 
_entity_src_gen.plasmid_details 
_entity_src_gen.pdbx_description 
1 1 sample 'Biological sequence' 1 150 ? ? ? ? ? ? ? ? ? 'Coxsackievirus A16' 31704 ? ? ? ? ? ? ? ? 'Escherichia coli' 562 ? ? ? ? 
? ? ? ? ? ? ? ? ? ? ? ? ? ? ? ? ? 
2 1 sample ?                     ? ?   ? ? ? ? ? ? ? ? ? 'Coxsackievirus A16' 31704 ? ? ? ? ? ? ? ? 'Escherichia coli' 562 ? ? ? ? 
? ? ? ? ? ? ? ? ? ? ? ? ? ? ? ? ? 
# 
loop_
_chem_comp.id 
_chem_comp.type 
_chem_comp.mon_nstd_flag 
_chem_comp.name 
_chem_comp.pdbx_synonyms 
_chem_comp.formula 
_chem_comp.formula_weight 
ALA 'L-peptide linking' y ALANINE                                                                      ? 'C3 H7 N O2'     89.093  
ARG 'L-peptide linking' y ARGININE                                                                     ? 'C6 H15 N4 O2 1' 175.209 
ASN 'L-peptide linking' y ASPARAGINE                                                                   ? 'C4 H8 N2 O3'    132.118 
ASP 'L-peptide linking' y 'ASPARTIC ACID'                                                              ? 'C4 H7 N O4'     133.103 
CYS 'L-peptide linking' y CYSTEINE                                                                     ? 'C3 H7 N O2 S'   121.158 
DMS non-polymer         . 'DIMETHYL SULFOXIDE'                                                         ? 'C2 H6 O S'      78.133  
GLN 'L-peptide linking' y GLUTAMINE                                                                    ? 'C5 H10 N2 O3'   146.144 
GLU 'L-peptide linking' y 'GLUTAMIC ACID'                                                              ? 'C5 H9 N O4'     147.129 
GLY 'peptide linking'   y GLYCINE                                                                      ? 'C2 H5 N O2'     75.067  
HIS 'L-peptide linking' y HISTIDINE                                                                    ? 'C6 H10 N3 O2 1' 156.162 
HOH non-polymer         . WATER                                                                        ? 'H2 O'           18.015  
ILE 'L-peptide linking' y ISOLEUCINE                                                                   ? 'C6 H13 N O2'    131.173 
LEU 'L-peptide linking' y LEUCINE                                                                      ? 'C6 H13 N O2'    131.173 
LYS 'L-peptide linking' y LYSINE                                                                       ? 'C6 H15 N2 O2 1' 147.195 
MET 'L-peptide linking' y METHIONINE                                                                   ? 'C5 H11 N O2 S'  149.211 
PHE 'L-peptide linking' y PHENYLALANINE                                                                ? 'C9 H11 N O2'    165.189 
PRO 'L-peptide linking' y PROLINE                                                                      ? 'C5 H9 N O2'     115.130 
SER 'L-peptide linking' y SERINE                                                                       ? 'C3 H7 N O3'     105.093 
SO4 non-polymer         . 'SULFATE ION'                                                                ? 'O4 S -2'        96.063  
THR 'L-peptide linking' y THREONINE                                                                    ? 'C4 H9 N O3'     119.119 
TRP 'L-peptide linking' y TRYPTOPHAN                                                                   ? 'C11 H12 N2 O2'  204.225 
TYR 'L-peptide linking' y TYROSINE                                                                     ? 'C9 H11 N O3'    181.189 
VAL 'L-peptide linking' y VALINE                                                                       ? 'C5 H11 N O2'    117.146 
YFN non-polymer         . 'N-[(3S)-3-methyl-1,1-dioxo-1lambda~6~-thiolan-3-yl]cyclopropanecarboxamide' ? 'C9 H15 N O3 S'  217.285 
ZN  non-polymer         . 'ZINC ION'                                                                   ? 'Zn 2'           65.409  
# 
loop_
_pdbx_poly_seq_scheme.asym_id 
_pdbx_poly_seq_scheme.entity_id 
_pdbx_poly_seq_scheme.seq_id 
_pdbx_poly_seq_scheme.mon_id 
_pdbx_poly_seq_scheme.ndb_seq_num 
_pdbx_poly_seq_scheme.pdb_seq_num 
_pdbx_poly_seq_scheme.auth_seq_num 
_pdbx_poly_seq_scheme.pdb_mon_id 
_pdbx_poly_seq_scheme.auth_mon_id 
_pdbx_poly_seq_scheme.pdb_strand_id 
_pdbx_poly_seq_scheme.pdb_ins_code 
_pdbx_poly_seq_scheme.hetero 
A 1 1   GLN 1   1   ?   ?   ?   A . n 
A 1 2   GLU 2   2   ?   ?   ?   A . n 
A 1 3   GLN 3   3   ?   ?   ?   A . n 
A 1 4   THR 4   4   ?   ?   ?   A . n 
A 1 5   GLY 5   5   ?   ?   ?   A . n 
A 1 6   GLY 6   6   ?   ?   ?   A . n 
A 1 7   SER 7   7   7   SER SER A . n 
A 1 8   GLY 8   8   8   GLY GLY A . n 
A 1 9   ALA 9   9   9   ALA ALA A . n 
A 1 10  ILE 10  10  10  ILE ILE A . n 
A 1 11  TYR 11  11  11  TYR TYR A . n 
A 1 12  VAL 12  12  12  VAL VAL A . n 
A 1 13  GLY 13  13  13  GLY GLY A . n 
A 1 14  ASN 14  14  14  ASN ASN A . n 
A 1 15  TYR 15  15  15  TYR TYR A . n 
A 1 16  ARG 16  16  16  ARG ARG A . n 
A 1 17  VAL 17  17  17  VAL VAL A . n 
A 1 18  VAL 18  18  18  VAL VAL A . n 
A 1 19  ASN 19  19  19  ASN ASN A . n 
A 1 20  ARG 20  20  20  ARG ARG A . n 
A 1 21  HIS 21  21  21  HIS HIS A . n 
A 1 22  LEU 22  22  22  LEU LEU A . n 
A 1 23  ALA 23  23  23  ALA ALA A . n 
A 1 24  THR 24  24  24  THR THR A . n 
A 1 25  HIS 25  25  25  HIS HIS A . n 
A 1 26  ASN 26  26  26  ASN ASN A . n 
A 1 27  ASP 27  27  27  ASP ASP A . n 
A 1 28  TRP 28  28  28  TRP TRP A . n 
A 1 29  ALA 29  29  29  ALA ALA A . n 
A 1 30  ASN 30  30  30  ASN ASN A . n 
A 1 31  LEU 31  31  31  LEU LEU A . n 
A 1 32  VAL 32  32  32  VAL VAL A . n 
A 1 33  TRP 33  33  33  TRP TRP A . n 
A 1 34  GLU 34  34  34  GLU GLU A . n 
A 1 35  ASP 35  35  35  ASP ASP A . n 
A 1 36  SER 36  36  36  SER SER A . n 
A 1 37  SER 37  37  37  SER SER A . n 
A 1 38  ARG 38  38  38  ARG ARG A . n 
A 1 39  ASP 39  39  39  ASP ASP A . n 
A 1 40  LEU 40  40  40  LEU LEU A . n 
A 1 41  LEU 41  41  41  LEU LEU A . n 
A 1 42  VAL 42  42  42  VAL VAL A . n 
A 1 43  SER 43  43  43  SER SER A . n 
A 1 44  SER 44  44  44  SER SER A . n 
A 1 45  THR 45  45  45  THR THR A . n 
A 1 46  THR 46  46  46  THR THR A . n 
A 1 47  ALA 47  47  47  ALA ALA A . n 
A 1 48  GLN 48  48  48  GLN GLN A . n 
A 1 49  GLY 49  49  49  GLY GLY A . n 
A 1 50  CYS 50  50  50  CYS CYS A . n 
A 1 51  ASP 51  51  51  ASP ASP A . n 
A 1 52  THR 52  52  52  THR THR A . n 
A 1 53  ILE 53  53  53  ILE ILE A . n 
A 1 54  ALA 54  54  54  ALA ALA A . n 
A 1 55  ARG 55  55  55  ARG ARG A . n 
A 1 56  CYS 56  56  56  CYS CYS A . n 
A 1 57  ASP 57  57  57  ASP ASP A . n 
A 1 58  CYS 58  58  58  CYS CYS A . n 
A 1 59  GLN 59  59  59  GLN GLN A . n 
A 1 60  THR 60  60  60  THR THR A . n 
A 1 61  GLY 61  61  61  GLY GLY A . n 
A 1 62  VAL 62  62  62  VAL VAL A . n 
A 1 63  TYR 63  63  63  TYR TYR A . n 
A 1 64  TYR 64  64  64  TYR TYR A . n 
A 1 65  CYS 65  65  65  CYS CYS A . n 
A 1 66  SER 66  66  66  SER SER A . n 
A 1 67  SER 67  67  67  SER SER A . n 
A 1 68  ARG 68  68  68  ARG ARG A . n 
A 1 69  ARG 69  69  69  ARG ARG A . n 
A 1 70  LYS 70  70  70  LYS LYS A . n 
A 1 71  HIS 71  71  71  HIS HIS A . n 
A 1 72  TYR 72  72  72  TYR TYR A . n 
A 1 73  PRO 73  73  73  PRO PRO A . n 
A 1 74  VAL 74  74  74  VAL VAL A . n 
A 1 75  SER 75  75  75  SER SER A . n 
A 1 76  PHE 76  76  76  PHE PHE A . n 
A 1 77  SER 77  77  77  SER SER A . n 
A 1 78  LYS 78  78  78  LYS LYS A . n 
A 1 79  PRO 79  79  79  PRO PRO A . n 
A 1 80  SER 80  80  80  SER SER A . n 
A 1 81  LEU 81  81  81  LEU LEU A . n 
A 1 82  ILE 82  82  82  ILE ILE A . n 
A 1 83  PHE 83  83  83  PHE PHE A . n 
A 1 84  VAL 84  84  84  VAL VAL A . n 
A 1 85  GLU 85  85  85  GLU GLU A . n 
A 1 86  ALA 86  86  86  ALA ALA A . n 
A 1 87  SER 87  87  87  SER SER A . n 
A 1 88  GLU 88  88  88  GLU GLU A . n 
A 1 89  TYR 89  89  89  TYR TYR A . n 
A 1 90  TYR 90  90  90  TYR TYR A . n 
A 1 91  PRO 91  91  91  PRO PRO A . n 
A 1 92  ALA 92  92  92  ALA ALA A . n 
A 1 93  ARG 93  93  93  ARG ARG A . n 
A 1 94  TYR 94  94  94  TYR TYR A . n 
A 1 95  GLN 95  95  95  GLN GLN A . n 
A 1 96  SER 96  96  96  SER SER A . n 
A 1 97  HIS 97  97  97  HIS HIS A . n 
A 1 98  LEU 98  98  98  LEU LEU A . n 
A 1 99  MET 99  99  99  MET MET A . n 
A 1 100 LEU 100 100 100 LEU LEU A . n 
A 1 101 ALA 101 101 101 ALA ALA A . n 
A 1 102 VAL 102 102 102 VAL VAL A . n 
A 1 103 GLY 103 103 103 GLY GLY A . n 
A 1 104 HIS 104 104 104 HIS HIS A . n 
A 1 105 SER 105 105 105 SER SER A . n 
A 1 106 GLU 106 106 106 GLU GLU A . n 
A 1 107 PRO 107 107 107 PRO PRO A . n 
A 1 108 GLY 108 108 108 GLY GLY A . n 
A 1 109 ASP 109 109 109 ASP ASP A . n 
A 1 110 CYS 110 110 110 CYS CYS A . n 
A 1 111 GLY 111 111 111 GLY GLY A . n 
A 1 112 GLY 112 112 112 GLY GLY A . n 
A 1 113 ILE 113 113 113 ILE ILE A . n 
A 1 114 LEU 114 114 114 LEU LEU A . n 
A 1 115 ARG 115 115 115 ARG ARG A . n 
A 1 116 CYS 116 116 116 CYS CYS A . n 
A 1 117 GLN 117 117 117 GLN GLN A . n 
A 1 118 HIS 118 118 118 HIS HIS A . n 
A 1 119 GLY 119 119 119 GLY GLY A . n 
A 1 120 VAL 120 120 120 VAL VAL A . n 
A 1 121 VAL 121 121 121 VAL VAL A . n 
A 1 122 GLY 122 122 122 GLY GLY A . n 
A 1 123 ILE 123 123 123 ILE ILE A . n 
A 1 124 VAL 124 124 124 VAL VAL A . n 
A 1 125 SER 125 125 125 SER SER A . n 
A 1 126 THR 126 126 126 THR THR A . n 
A 1 127 GLY 127 127 127 GLY GLY A . n 
A 1 128 GLY 128 128 128 GLY GLY A . n 
A 1 129 ASN 129 129 129 ASN ASN A . n 
A 1 130 GLY 130 130 130 GLY GLY A . n 
A 1 131 LEU 131 131 131 LEU LEU A . n 
A 1 132 VAL 132 132 132 VAL VAL A . n 
A 1 133 GLY 133 133 133 GLY GLY A . n 
A 1 134 PHE 134 134 134 PHE PHE A . n 
A 1 135 ALA 135 135 135 ALA ALA A . n 
A 1 136 ASP 136 136 136 ASP ASP A . n 
A 1 137 VAL 137 137 137 VAL VAL A . n 
A 1 138 ARG 138 138 138 ARG ARG A . n 
A 1 139 ASP 139 139 139 ASP ASP A . n 
A 1 140 LEU 140 140 140 LEU LEU A . n 
A 1 141 LEU 141 141 141 LEU LEU A . n 
A 1 142 TRP 142 142 142 TRP TRP A . n 
A 1 143 LEU 143 143 143 LEU LEU A . n 
A 1 144 ASP 144 144 144 ASP ASP A . n 
A 1 145 GLU 145 145 145 GLU GLU A . n 
A 1 146 GLU 146 146 146 GLU GLU A . n 
A 1 147 ALA 147 147 ?   ?   ?   A . n 
A 1 148 MET 148 148 ?   ?   ?   A . n 
A 1 149 GLU 149 149 ?   ?   ?   A . n 
A 1 150 GLN 150 150 ?   ?   ?   A . n 
# 
loop_
_pdbx_nonpoly_scheme.asym_id 
_pdbx_nonpoly_scheme.entity_id 
_pdbx_nonpoly_scheme.mon_id 
_pdbx_nonpoly_scheme.ndb_seq_num 
_pdbx_nonpoly_scheme.pdb_seq_num 
_pdbx_nonpoly_scheme.auth_seq_num 
_pdbx_nonpoly_scheme.pdb_mon_id 
_pdbx_nonpoly_scheme.auth_mon_id 
_pdbx_nonpoly_scheme.pdb_strand_id 
_pdbx_nonpoly_scheme.pdb_ins_code 
B 2 YFN 1   201 147 YFN LIG A . 
C 3 ZN  1   202 1   ZN  ZN  A . 
D 4 DMS 1   203 -1  DMS DMS A . 
E 4 DMS 1   204 0   DMS DMS A . 
F 4 DMS 1   205 1   DMS DMS A . 
G 4 DMS 1   206 3   DMS DMS A . 
H 4 DMS 1   207 6   DMS DMS A . 
I 5 SO4 1   208 1   SO4 SO4 A . 
J 6 HOH 1   301 137 HOH HOH A . 
J 6 HOH 2   302 227 HOH HOH A . 
J 6 HOH 3   303 150 HOH HOH A . 
J 6 HOH 4   304 3   HOH HOH A . 
J 6 HOH 5   305 238 HOH HOH A . 
J 6 HOH 6   306 245 HOH HOH A . 
J 6 HOH 7   307 79  HOH HOH A . 
J 6 HOH 8   308 215 HOH HOH A . 
J 6 HOH 9   309 183 HOH HOH A . 
J 6 HOH 10  310 186 HOH HOH A . 
J 6 HOH 11  311 108 HOH HOH A . 
J 6 HOH 12  312 34  HOH HOH A . 
J 6 HOH 13  313 181 HOH HOH A . 
J 6 HOH 14  314 248 HOH HOH A . 
J 6 HOH 15  315 46  HOH HOH A . 
J 6 HOH 16  316 30  HOH HOH A . 
J 6 HOH 17  317 131 HOH HOH A . 
J 6 HOH 18  318 77  HOH HOH A . 
J 6 HOH 19  319 94  HOH HOH A . 
J 6 HOH 20  320 68  HOH HOH A . 
J 6 HOH 21  321 103 HOH HOH A . 
J 6 HOH 22  322 173 HOH HOH A . 
J 6 HOH 23  323 191 HOH HOH A . 
J 6 HOH 24  324 148 HOH HOH A . 
J 6 HOH 25  325 107 HOH HOH A . 
J 6 HOH 26  326 161 HOH HOH A . 
J 6 HOH 27  327 116 HOH HOH A . 
J 6 HOH 28  328 205 HOH HOH A . 
J 6 HOH 29  329 4   HOH HOH A . 
J 6 HOH 30  330 109 HOH HOH A . 
J 6 HOH 31  331 21  HOH HOH A . 
J 6 HOH 32  332 152 HOH HOH A . 
J 6 HOH 33  333 57  HOH HOH A . 
J 6 HOH 34  334 104 HOH HOH A . 
J 6 HOH 35  335 60  HOH HOH A . 
J 6 HOH 36  336 59  HOH HOH A . 
J 6 HOH 37  337 217 HOH HOH A . 
J 6 HOH 38  338 16  HOH HOH A . 
J 6 HOH 39  339 124 HOH HOH A . 
J 6 HOH 40  340 39  HOH HOH A . 
J 6 HOH 41  341 211 HOH HOH A . 
J 6 HOH 42  342 249 HOH HOH A . 
J 6 HOH 43  343 219 HOH HOH A . 
J 6 HOH 44  344 193 HOH HOH A . 
J 6 HOH 45  345 133 HOH HOH A . 
J 6 HOH 46  346 72  HOH HOH A . 
J 6 HOH 47  347 234 HOH HOH A . 
J 6 HOH 48  348 37  HOH HOH A . 
J 6 HOH 49  349 7   HOH HOH A . 
J 6 HOH 50  350 13  HOH HOH A . 
J 6 HOH 51  351 24  HOH HOH A . 
J 6 HOH 52  352 29  HOH HOH A . 
J 6 HOH 53  353 126 HOH HOH A . 
J 6 HOH 54  354 53  HOH HOH A . 
J 6 HOH 55  355 178 HOH HOH A . 
J 6 HOH 56  356 110 HOH HOH A . 
J 6 HOH 57  357 97  HOH HOH A . 
J 6 HOH 58  358 168 HOH HOH A . 
J 6 HOH 59  359 180 HOH HOH A . 
J 6 HOH 60  360 88  HOH HOH A . 
J 6 HOH 61  361 33  HOH HOH A . 
J 6 HOH 62  362 184 HOH HOH A . 
J 6 HOH 63  363 71  HOH HOH A . 
J 6 HOH 64  364 67  HOH HOH A . 
J 6 HOH 65  365 47  HOH HOH A . 
J 6 HOH 66  366 28  HOH HOH A . 
J 6 HOH 67  367 2   HOH HOH A . 
J 6 HOH 68  368 43  HOH HOH A . 
J 6 HOH 69  369 49  HOH HOH A . 
J 6 HOH 70  370 120 HOH HOH A . 
J 6 HOH 71  371 147 HOH HOH A . 
J 6 HOH 72  372 121 HOH HOH A . 
J 6 HOH 73  373 182 HOH HOH A . 
J 6 HOH 74  374 52  HOH HOH A . 
J 6 HOH 75  375 216 HOH HOH A . 
J 6 HOH 76  376 19  HOH HOH A . 
J 6 HOH 77  377 27  HOH HOH A . 
J 6 HOH 78  378 25  HOH HOH A . 
J 6 HOH 79  379 250 HOH HOH A . 
J 6 HOH 80  380 113 HOH HOH A . 
J 6 HOH 81  381 9   HOH HOH A . 
J 6 HOH 82  382 247 HOH HOH A . 
J 6 HOH 83  383 36  HOH HOH A . 
J 6 HOH 84  384 167 HOH HOH A . 
J 6 HOH 85  385 63  HOH HOH A . 
J 6 HOH 86  386 81  HOH HOH A . 
J 6 HOH 87  387 26  HOH HOH A . 
J 6 HOH 88  388 195 HOH HOH A . 
J 6 HOH 89  389 119 HOH HOH A . 
J 6 HOH 90  390 179 HOH HOH A . 
J 6 HOH 91  391 50  HOH HOH A . 
J 6 HOH 92  392 78  HOH HOH A . 
J 6 HOH 93  393 64  HOH HOH A . 
J 6 HOH 94  394 12  HOH HOH A . 
J 6 HOH 95  395 204 HOH HOH A . 
J 6 HOH 96  396 82  HOH HOH A . 
J 6 HOH 97  397 48  HOH HOH A . 
J 6 HOH 98  398 141 HOH HOH A . 
J 6 HOH 99  399 45  HOH HOH A . 
J 6 HOH 100 400 106 HOH HOH A . 
J 6 HOH 101 401 62  HOH HOH A . 
J 6 HOH 102 402 17  HOH HOH A . 
J 6 HOH 103 403 111 HOH HOH A . 
J 6 HOH 104 404 84  HOH HOH A . 
J 6 HOH 105 405 174 HOH HOH A . 
J 6 HOH 106 406 96  HOH HOH A . 
J 6 HOH 107 407 100 HOH HOH A . 
J 6 HOH 108 408 169 HOH HOH A . 
J 6 HOH 109 409 14  HOH HOH A . 
J 6 HOH 110 410 144 HOH HOH A . 
J 6 HOH 111 411 70  HOH HOH A . 
J 6 HOH 112 412 220 HOH HOH A . 
J 6 HOH 113 413 35  HOH HOH A . 
J 6 HOH 114 414 18  HOH HOH A . 
J 6 HOH 115 415 15  HOH HOH A . 
J 6 HOH 116 416 55  HOH HOH A . 
J 6 HOH 117 417 170 HOH HOH A . 
J 6 HOH 118 418 90  HOH HOH A . 
J 6 HOH 119 419 42  HOH HOH A . 
J 6 HOH 120 420 95  HOH HOH A . 
J 6 HOH 121 421 54  HOH HOH A . 
J 6 HOH 122 422 20  HOH HOH A . 
J 6 HOH 123 423 40  HOH HOH A . 
J 6 HOH 124 424 5   HOH HOH A . 
J 6 HOH 125 425 155 HOH HOH A . 
J 6 HOH 126 426 214 HOH HOH A . 
J 6 HOH 127 427 192 HOH HOH A . 
J 6 HOH 128 428 112 HOH HOH A . 
J 6 HOH 129 429 138 HOH HOH A . 
J 6 HOH 130 430 105 HOH HOH A . 
J 6 HOH 131 431 66  HOH HOH A . 
J 6 HOH 132 432 41  HOH HOH A . 
J 6 HOH 133 433 203 HOH HOH A . 
J 6 HOH 134 434 31  HOH HOH A . 
J 6 HOH 135 435 58  HOH HOH A . 
J 6 HOH 136 436 156 HOH HOH A . 
J 6 HOH 137 437 38  HOH HOH A . 
J 6 HOH 138 438 91  HOH HOH A . 
J 6 HOH 139 439 11  HOH HOH A . 
J 6 HOH 140 440 197 HOH HOH A . 
J 6 HOH 141 441 177 HOH HOH A . 
J 6 HOH 142 442 198 HOH HOH A . 
J 6 HOH 143 443 51  HOH HOH A . 
J 6 HOH 144 444 80  HOH HOH A . 
J 6 HOH 145 445 69  HOH HOH A . 
J 6 HOH 146 446 176 HOH HOH A . 
J 6 HOH 147 447 218 HOH HOH A . 
J 6 HOH 148 448 212 HOH HOH A . 
J 6 HOH 149 449 10  HOH HOH A . 
J 6 HOH 150 450 102 HOH HOH A . 
J 6 HOH 151 451 132 HOH HOH A . 
J 6 HOH 152 452 23  HOH HOH A . 
J 6 HOH 153 453 74  HOH HOH A . 
J 6 HOH 154 454 246 HOH HOH A . 
J 6 HOH 155 455 171 HOH HOH A . 
J 6 HOH 156 456 237 HOH HOH A . 
J 6 HOH 157 457 89  HOH HOH A . 
J 6 HOH 158 458 146 HOH HOH A . 
J 6 HOH 159 459 93  HOH HOH A . 
J 6 HOH 160 460 123 HOH HOH A . 
J 6 HOH 161 461 76  HOH HOH A . 
J 6 HOH 162 462 6   HOH HOH A . 
J 6 HOH 163 463 159 HOH HOH A . 
J 6 HOH 164 464 210 HOH HOH A . 
J 6 HOH 165 465 61  HOH HOH A . 
J 6 HOH 166 466 224 HOH HOH A . 
J 6 HOH 167 467 118 HOH HOH A . 
J 6 HOH 168 468 101 HOH HOH A . 
J 6 HOH 169 469 200 HOH HOH A . 
J 6 HOH 170 470 135 HOH HOH A . 
J 6 HOH 171 471 230 HOH HOH A . 
J 6 HOH 172 472 136 HOH HOH A . 
J 6 HOH 173 473 213 HOH HOH A . 
J 6 HOH 174 474 22  HOH HOH A . 
J 6 HOH 175 475 117 HOH HOH A . 
J 6 HOH 176 476 154 HOH HOH A . 
J 6 HOH 177 477 158 HOH HOH A . 
J 6 HOH 178 478 233 HOH HOH A . 
J 6 HOH 179 479 65  HOH HOH A . 
J 6 HOH 180 480 87  HOH HOH A . 
J 6 HOH 181 481 228 HOH HOH A . 
J 6 HOH 182 482 98  HOH HOH A . 
J 6 HOH 183 483 175 HOH HOH A . 
J 6 HOH 184 484 151 HOH HOH A . 
J 6 HOH 185 485 201 HOH HOH A . 
J 6 HOH 186 486 157 HOH HOH A . 
J 6 HOH 187 487 231 HOH HOH A . 
J 6 HOH 188 488 99  HOH HOH A . 
J 6 HOH 189 489 207 HOH HOH A . 
J 6 HOH 190 490 134 HOH HOH A . 
J 6 HOH 191 491 232 HOH HOH A . 
J 6 HOH 192 492 190 HOH HOH A . 
J 6 HOH 193 493 127 HOH HOH A . 
J 6 HOH 194 494 239 HOH HOH A . 
J 6 HOH 195 495 83  HOH HOH A . 
J 6 HOH 196 496 240 HOH HOH A . 
J 6 HOH 197 497 140 HOH HOH A . 
J 6 HOH 198 498 162 HOH HOH A . 
J 6 HOH 199 499 122 HOH HOH A . 
J 6 HOH 200 500 225 HOH HOH A . 
J 6 HOH 201 501 189 HOH HOH A . 
J 6 HOH 202 502 73  HOH HOH A . 
J 6 HOH 203 503 185 HOH HOH A . 
J 6 HOH 204 504 86  HOH HOH A . 
J 6 HOH 205 505 163 HOH HOH A . 
J 6 HOH 206 506 229 HOH HOH A . 
J 6 HOH 207 507 32  HOH HOH A . 
J 6 HOH 208 508 226 HOH HOH A . 
J 6 HOH 209 509 172 HOH HOH A . 
J 6 HOH 210 510 85  HOH HOH A . 
J 6 HOH 211 511 142 HOH HOH A . 
J 6 HOH 212 512 236 HOH HOH A . 
J 6 HOH 213 513 202 HOH HOH A . 
J 6 HOH 214 514 221 HOH HOH A . 
J 6 HOH 215 515 209 HOH HOH A . 
J 6 HOH 216 516 187 HOH HOH A . 
J 6 HOH 217 517 223 HOH HOH A . 
J 6 HOH 218 518 165 HOH HOH A . 
J 6 HOH 219 519 75  HOH HOH A . 
J 6 HOH 220 520 56  HOH HOH A . 
J 6 HOH 221 521 129 HOH HOH A . 
J 6 HOH 222 522 235 HOH HOH A . 
J 6 HOH 223 523 208 HOH HOH A . 
J 6 HOH 224 524 241 HOH HOH A . 
J 6 HOH 225 525 114 HOH HOH A . 
J 6 HOH 226 526 199 HOH HOH A . 
J 6 HOH 227 527 206 HOH HOH A . 
J 6 HOH 228 528 153 HOH HOH A . 
J 6 HOH 229 529 160 HOH HOH A . 
J 6 HOH 230 530 92  HOH HOH A . 
J 6 HOH 231 531 222 HOH HOH A . 
J 6 HOH 232 532 243 HOH HOH A . 
J 6 HOH 233 533 125 HOH HOH A . 
J 6 HOH 234 534 242 HOH HOH A . 
J 6 HOH 235 535 164 HOH HOH A . 
J 6 HOH 236 536 244 HOH HOH A . 
# 
loop_
_software.classification 
_software.name 
_software.version 
_software.citation_id 
_software.pdbx_ordinal 
refinement       REFMAC  5.8.0267 ? 1 
refinement       REFMAC5 .        ? 2 
'data scaling'   Aimless .        ? 3 
phasing          PHASER  .        ? 4 
'data reduction' XDS     .        ? 5 
# 
_cell.entry_id           7H3B 
_cell.length_a           86.149 
_cell.length_b           56.216 
_cell.length_c           32.396 
_cell.angle_alpha        90.00 
_cell.angle_beta         95.34 
_cell.angle_gamma        90.00 
_cell.Z_PDB              4 
_cell.pdbx_unique_axis   ? 
# 
_symmetry.entry_id                         7H3B 
_symmetry.space_group_name_H-M             'C 1 2 1' 
_symmetry.pdbx_full_space_group_name_H-M   ? 
_symmetry.cell_setting                     ? 
_symmetry.Int_Tables_number                5 
# 
_exptl.entry_id          7H3B 
_exptl.method            'X-RAY DIFFRACTION' 
_exptl.crystals_number   1 
# 
_exptl_crystal.id                    1 
_exptl_crystal.density_meas          ? 
_exptl_crystal.density_Matthews      2.37 
_exptl_crystal.density_percent_sol   48.05 
_exptl_crystal.description           ? 
# 
_exptl_crystal_grow.crystal_id      1 
_exptl_crystal_grow.method          'VAPOR DIFFUSION, SITTING DROP' 
_exptl_crystal_grow.pH              6.05 
_exptl_crystal_grow.temp            293.15 
_exptl_crystal_grow.pdbx_details    '0.1 M MES, pH 6.05, 16 % PEG 20,000' 
_exptl_crystal_grow.temp_details    ? 
_exptl_crystal_grow.pdbx_pH_range   ? 
# 
_diffrn.id                     1 
_diffrn.ambient_temp           100 
_diffrn.crystal_id             1 
_diffrn.ambient_temp_details   ? 
# 
_diffrn_detector.detector               PIXEL 
_diffrn_detector.type                   'DECTRIS EIGER2 XE 16M' 
_diffrn_detector.pdbx_collection_date   2023-10-10 
_diffrn_detector.diffrn_id              1 
_diffrn_detector.details                ? 
# 
_diffrn_radiation.diffrn_id                        1 
_diffrn_radiation.wavelength_id                    1 
_diffrn_radiation.pdbx_diffrn_protocol             'SINGLE WAVELENGTH' 
_diffrn_radiation.pdbx_monochromatic_or_laue_m_l   ? 
_diffrn_radiation.monochromator                    ? 
_diffrn_radiation.pdbx_scattering_type             x-ray 
# 
_diffrn_radiation_wavelength.id           1 
_diffrn_radiation_wavelength.wavelength   0.94055 
_diffrn_radiation_wavelength.wt           1.0 
# 
_diffrn_source.diffrn_id                   1 
_diffrn_source.source                      SYNCHROTRON 
_diffrn_source.type                        'DIAMOND BEAMLINE I03' 
_diffrn_source.pdbx_wavelength_list        0.94055 
_diffrn_source.pdbx_synchrotron_site       Diamond 
_diffrn_source.pdbx_synchrotron_beamline   I03 
_diffrn_source.pdbx_wavelength             ? 
# 
_reflns.entry_id                     7H3B 
_reflns.pdbx_diffrn_id               1 
_reflns.pdbx_ordinal                 1 
_reflns.d_resolution_low             47.02 
_reflns.d_resolution_high            1.09 
_reflns.number_obs                   56084 
_reflns.percent_possible_obs         87.7 
_reflns.pdbx_Rmerge_I_obs            0.116 
_reflns.pdbx_netI_over_sigmaI        13.7 
_reflns.pdbx_redundancy              7.1 
_reflns.pdbx_Rrim_I_all              0.125 
_reflns.pdbx_Rpim_I_all              0.047 
_reflns.pdbx_CC_half                 0.998 
_reflns.pdbx_number_measured_all     397668 
_reflns.pdbx_chi_squared             0.94 
_reflns.observed_criterion_sigma_I   ? 
_reflns.observed_criterion_sigma_F   ? 
_reflns.number_all                   ? 
_reflns.pdbx_Rsym_value              ? 
_reflns.B_iso_Wilson_estimate        ? 
# 
_reflns_shell.pdbx_diffrn_id              1 
_reflns_shell.pdbx_ordinal                1 
_reflns_shell.d_res_high                  1.09 
_reflns_shell.d_res_low                   1.11 
_reflns_shell.number_measured_all         8118 
_reflns_shell.number_unique_obs           1330 
_reflns_shell.Rmerge_I_obs                3.720 
_reflns_shell.pdbx_chi_squared            0.43 
_reflns_shell.pdbx_redundancy             6.1 
_reflns_shell.percent_possible_obs        42.3 
_reflns_shell.pdbx_netI_over_sigmaI_obs   1.0 
_reflns_shell.pdbx_Rrim_I_all             4.051 
_reflns_shell.pdbx_Rpim_I_all             1.577 
_reflns_shell.pdbx_CC_half                0.249 
_reflns_shell.percent_possible_all        ? 
_reflns_shell.pdbx_Rsym_value             ? 
_reflns_shell.meanI_over_sigI_obs         ? 
# 
_refine.pdbx_refine_id                           'X-RAY DIFFRACTION' 
_refine.entry_id                                 7H3B 
_refine.pdbx_diffrn_id                           1 
_refine.pdbx_TLS_residual_ADP_flag               ? 
_refine.ls_number_reflns_obs                     53163 
_refine.ls_number_reflns_all                     ? 
_refine.pdbx_ls_sigma_I                          ? 
_refine.pdbx_ls_sigma_F                          ? 
_refine.pdbx_data_cutoff_high_absF               ? 
_refine.pdbx_data_cutoff_low_absF                ? 
_refine.pdbx_data_cutoff_high_rms_absF           ? 
_refine.ls_d_res_low                             47.02 
_refine.ls_d_res_high                            1.09 
_refine.ls_percent_reflns_obs                    87.20 
_refine.ls_R_factor_obs                          0.18195 
_refine.ls_R_factor_all                          ? 
_refine.ls_R_factor_R_work                       0.18123 
_refine.ls_R_factor_R_free                       0.19518 
_refine.ls_R_factor_R_free_error                 ? 
_refine.ls_R_factor_R_free_error_details         ? 
_refine.ls_percent_reflns_R_free                 4.9 
_refine.ls_number_reflns_R_free                  2736 
_refine.ls_number_parameters                     ? 
_refine.ls_number_restraints                     ? 
_refine.occupancy_min                            ? 
_refine.occupancy_max                            ? 
_refine.correlation_coeff_Fo_to_Fc               0.969 
_refine.correlation_coeff_Fo_to_Fc_free          0.966 
_refine.B_iso_mean                               14.817 
_refine.aniso_B[1][1]                            0.07 
_refine.aniso_B[2][2]                            0.07 
_refine.aniso_B[3][3]                            -0.08 
_refine.aniso_B[1][2]                            0.00 
_refine.aniso_B[1][3]                            -0.34 
_refine.aniso_B[2][3]                            -0.00 
_refine.solvent_model_details                    MASK 
_refine.solvent_model_param_ksol                 ? 
_refine.solvent_model_param_bsol                 ? 
_refine.pdbx_solvent_vdw_probe_radii             1.20 
_refine.pdbx_solvent_ion_probe_radii             0.80 
_refine.pdbx_solvent_shrinkage_radii             0.80 
_refine.pdbx_ls_cross_valid_method               THROUGHOUT 
_refine.details                                  'HYDROGENS HAVE BEEN ADDED IN THE RIDING POSITIONS' 
_refine.pdbx_starting_model                      ? 
_refine.pdbx_method_to_determine_struct          'MOLECULAR REPLACEMENT' 
_refine.pdbx_isotropic_thermal_model             ? 
_refine.pdbx_stereochemistry_target_values       'MAXIMUM LIKELIHOOD' 
_refine.pdbx_stereochem_target_val_spec_case     ? 
_refine.pdbx_R_Free_selection_details            RANDOM 
_refine.pdbx_overall_ESU_R                       0.038 
_refine.pdbx_overall_ESU_R_Free                  0.038 
_refine.overall_SU_ML                            ? 
_refine.pdbx_overall_phase_error                 ? 
_refine.overall_SU_B                             ? 
_refine.overall_SU_R_Cruickshank_DPI             ? 
_refine.pdbx_overall_SU_R_free_Cruickshank_DPI   ? 
_refine.pdbx_overall_SU_R_Blow_DPI               ? 
_refine.pdbx_overall_SU_R_free_Blow_DPI          ? 
# 
_refine_hist.pdbx_refine_id                   'X-RAY DIFFRACTION' 
_refine_hist.cycle_id                         1 
_refine_hist.pdbx_number_atoms_protein        1083 
_refine_hist.pdbx_number_atoms_nucleic_acid   0 
_refine_hist.pdbx_number_atoms_ligand         40 
_refine_hist.number_atoms_solvent             236 
_refine_hist.number_atoms_total               1359 
_refine_hist.d_res_high                       1.09 
_refine_hist.d_res_low                        47.02 
# 
loop_
_refine_ls_restr.type 
_refine_ls_restr.dev_ideal 
_refine_ls_restr.dev_ideal_target 
_refine_ls_restr.weight 
_refine_ls_restr.number 
_refine_ls_restr.pdbx_refine_id 
_refine_ls_restr.pdbx_restraint_function 
r_bond_refined_d             0.016  0.013  ? 1440 'X-RAY DIFFRACTION' ? 
r_bond_other_d               0.035  0.015  ? 1226 'X-RAY DIFFRACTION' ? 
r_angle_refined_deg          1.973  1.628  ? 1820 'X-RAY DIFFRACTION' ? 
r_angle_other_deg            2.484  1.616  ? 2796 'X-RAY DIFFRACTION' ? 
r_dihedral_angle_1_deg       6.998  5.000  ? 169  'X-RAY DIFFRACTION' ? 
r_dihedral_angle_2_deg       33.718 21.385 ? 65   'X-RAY DIFFRACTION' ? 
r_dihedral_angle_3_deg       12.919 15.000 ? 199  'X-RAY DIFFRACTION' ? 
r_dihedral_angle_4_deg       23.841 15.000 ? 9    'X-RAY DIFFRACTION' ? 
r_chiral_restr               0.097  0.200  ? 167  'X-RAY DIFFRACTION' ? 
r_gen_planes_refined         0.013  0.020  ? 1526 'X-RAY DIFFRACTION' ? 
r_gen_planes_other           0.021  0.020  ? 304  'X-RAY DIFFRACTION' ? 
r_nbd_refined                ?      ?      ? ?    'X-RAY DIFFRACTION' ? 
r_nbd_other                  ?      ?      ? ?    'X-RAY DIFFRACTION' ? 
r_nbtor_refined              ?      ?      ? ?    'X-RAY DIFFRACTION' ? 
r_nbtor_other                ?      ?      ? ?    'X-RAY DIFFRACTION' ? 
r_xyhbond_nbd_refined        ?      ?      ? ?    'X-RAY DIFFRACTION' ? 
r_xyhbond_nbd_other          ?      ?      ? ?    'X-RAY DIFFRACTION' ? 
r_metal_ion_refined          ?      ?      ? ?    'X-RAY DIFFRACTION' ? 
r_metal_ion_other            ?      ?      ? ?    'X-RAY DIFFRACTION' ? 
r_symmetry_vdw_refined       ?      ?      ? ?    'X-RAY DIFFRACTION' ? 
r_symmetry_vdw_other         ?      ?      ? ?    'X-RAY DIFFRACTION' ? 
r_symmetry_hbond_refined     ?      ?      ? ?    'X-RAY DIFFRACTION' ? 
r_symmetry_hbond_other       ?      ?      ? ?    'X-RAY DIFFRACTION' ? 
r_symmetry_metal_ion_refined ?      ?      ? ?    'X-RAY DIFFRACTION' ? 
r_symmetry_metal_ion_other   ?      ?      ? ?    'X-RAY DIFFRACTION' ? 
r_mcbond_it                  1.223  1.279  ? 709  'X-RAY DIFFRACTION' ? 
r_mcbond_other               1.225  1.275  ? 707  'X-RAY DIFFRACTION' ? 
r_mcangle_it                 1.870  1.903  ? 831  'X-RAY DIFFRACTION' ? 
r_mcangle_other              1.886  1.908  ? 830  'X-RAY DIFFRACTION' ? 
r_scbond_it                  2.038  1.566  ? 727  'X-RAY DIFFRACTION' ? 
r_scbond_other               2.037  1.568  ? 728  'X-RAY DIFFRACTION' ? 
r_scangle_it                 ?      ?      ? ?    'X-RAY DIFFRACTION' ? 
r_scangle_other              2.983  2.238  ? 978  'X-RAY DIFFRACTION' ? 
r_long_range_B_refined       4.806  17.965 ? 1583 'X-RAY DIFFRACTION' ? 
r_long_range_B_other         4.805  17.975 ? 1584 'X-RAY DIFFRACTION' ? 
r_rigid_bond_restr           ?      ?      ? ?    'X-RAY DIFFRACTION' ? 
r_sphericity_free            ?      ?      ? ?    'X-RAY DIFFRACTION' ? 
r_sphericity_bonded          ?      ?      ? ?    'X-RAY DIFFRACTION' ? 
# 
_refine_ls_shell.pdbx_refine_id                   'X-RAY DIFFRACTION' 
_refine_ls_shell.pdbx_total_number_of_bins_used   20 
_refine_ls_shell.d_res_high                       1.090 
_refine_ls_shell.d_res_low                        1.118 
_refine_ls_shell.number_reflns_R_work             1970 
_refine_ls_shell.R_factor_R_work                  0.301 
_refine_ls_shell.percent_reflns_obs               43.31 
_refine_ls_shell.R_factor_R_free                  0.348 
_refine_ls_shell.R_factor_R_free_error            ? 
_refine_ls_shell.percent_reflns_R_free            ? 
_refine_ls_shell.number_reflns_R_free             86 
_refine_ls_shell.number_reflns_all                ? 
_refine_ls_shell.R_factor_all                     ? 
# 
_struct.entry_id                  7H3B 
_struct.title                     
;Group deposition for crystallographic fragment screening of Coxsackievirus A16 (G-10) 2A protease -- Crystal structure of Coxsackievirus A16 (G-10) 2A protease in complex with Z54615640 (A71EV2A-x0354)
;
_struct.pdbx_model_details        ? 
_struct.pdbx_CASP_flag            ? 
_struct.pdbx_model_type_details   ? 
# 
_struct_keywords.entry_id        7H3B 
_struct_keywords.pdbx_keywords   HYDROLASE 
_struct_keywords.text            
;Diamond Light Source, I03, ASAP, Coxsackievirus A16, crystallographic fragment screening, PanDDA, Pandda2, XChemExplorer, viral protein, HYDROLASE
;
# 
loop_
_struct_asym.id 
_struct_asym.pdbx_blank_PDB_chainid_flag 
_struct_asym.pdbx_modified 
_struct_asym.entity_id 
_struct_asym.details 
A N N 1 ? 
B N N 2 ? 
C N N 3 ? 
D N N 4 ? 
E N N 4 ? 
F N N 4 ? 
G N N 4 ? 
H N N 4 ? 
I N N 5 ? 
J N N 6 ? 
# 
_struct_ref.id                         1 
_struct_ref.db_name                    UNP 
_struct_ref.db_code                    POLG_CX16G 
_struct_ref.pdbx_db_accession          Q65900 
_struct_ref.pdbx_db_isoform            ? 
_struct_ref.entity_id                  1 
_struct_ref.pdbx_seq_one_letter_code   
;SGAIYVGNYRVVNRHLATHNDWANLVWEDSSRDLLVSSTTAQGCDTIARCDCQTGVYYCSSRRKHYPVSFSKPSLIFVEA
SEYYPARYQSHLMLAVGHSEPGDCGGILRCQHGVVGIVSTGGNGLVGFADVRDLLWLDEEAMEQ
;
_struct_ref.pdbx_align_begin           869 
# 
_struct_ref_seq.align_id                      1 
_struct_ref_seq.ref_id                        1 
_struct_ref_seq.pdbx_PDB_id_code              7H3B 
_struct_ref_seq.pdbx_strand_id                A 
_struct_ref_seq.seq_align_beg                 7 
_struct_ref_seq.pdbx_seq_align_beg_ins_code   ? 
_struct_ref_seq.seq_align_end                 150 
_struct_ref_seq.pdbx_seq_align_end_ins_code   ? 
_struct_ref_seq.pdbx_db_accession             Q65900 
_struct_ref_seq.db_align_beg                  869 
_struct_ref_seq.pdbx_db_align_beg_ins_code    ? 
_struct_ref_seq.db_align_end                  1012 
_struct_ref_seq.pdbx_db_align_end_ins_code    ? 
_struct_ref_seq.pdbx_auth_seq_align_beg       7 
_struct_ref_seq.pdbx_auth_seq_align_end       150 
# 
loop_
_struct_ref_seq_dif.align_id 
_struct_ref_seq_dif.pdbx_pdb_id_code 
_struct_ref_seq_dif.mon_id 
_struct_ref_seq_dif.pdbx_pdb_strand_id 
_struct_ref_seq_dif.seq_num 
_struct_ref_seq_dif.pdbx_pdb_ins_code 
_struct_ref_seq_dif.pdbx_seq_db_name 
_struct_ref_seq_dif.pdbx_seq_db_accession_code 
_struct_ref_seq_dif.db_mon_id 
_struct_ref_seq_dif.pdbx_seq_db_seq_num 
_struct_ref_seq_dif.details 
_struct_ref_seq_dif.pdbx_auth_seq_num 
_struct_ref_seq_dif.pdbx_ordinal 
1 7H3B GLN A 1 ? UNP Q65900 ? ? 'expression tag' 1 1 
1 7H3B GLU A 2 ? UNP Q65900 ? ? 'expression tag' 2 2 
1 7H3B GLN A 3 ? UNP Q65900 ? ? 'expression tag' 3 3 
1 7H3B THR A 4 ? UNP Q65900 ? ? 'expression tag' 4 4 
1 7H3B GLY A 5 ? UNP Q65900 ? ? 'expression tag' 5 5 
1 7H3B GLY A 6 ? UNP Q65900 ? ? 'expression tag' 6 6 
# 
_pdbx_struct_assembly.id                   1 
_pdbx_struct_assembly.details              author_and_software_defined_assembly 
_pdbx_struct_assembly.method_details       PISA 
_pdbx_struct_assembly.oligomeric_details   monomeric 
_pdbx_struct_assembly.oligomeric_count     1 
# 
loop_
_pdbx_struct_assembly_prop.biol_id 
_pdbx_struct_assembly_prop.type 
_pdbx_struct_assembly_prop.value 
_pdbx_struct_assembly_prop.details 
1 'ABSA (A^2)' 830  ? 
1 MORE         -5   ? 
1 'SSA (A^2)'  7520 ? 
# 
_pdbx_struct_assembly_gen.assembly_id       1 
_pdbx_struct_assembly_gen.oper_expression   1 
_pdbx_struct_assembly_gen.asym_id_list      A,B,C,D,E,F,G,H,I,J 
# 
_pdbx_struct_oper_list.id                   1 
_pdbx_struct_oper_list.type                 'identity operation' 
_pdbx_struct_oper_list.name                 1_555 
_pdbx_struct_oper_list.symmetry_operation   x,y,z 
_pdbx_struct_oper_list.matrix[1][1]         1.0000000000 
_pdbx_struct_oper_list.matrix[1][2]         0.0000000000 
_pdbx_struct_oper_list.matrix[1][3]         0.0000000000 
_pdbx_struct_oper_list.vector[1]            0.0000000000 
_pdbx_struct_oper_list.matrix[2][1]         0.0000000000 
_pdbx_struct_oper_list.matrix[2][2]         1.0000000000 
_pdbx_struct_oper_list.matrix[2][3]         0.0000000000 
_pdbx_struct_oper_list.vector[2]            0.0000000000 
_pdbx_struct_oper_list.matrix[3][1]         0.0000000000 
_pdbx_struct_oper_list.matrix[3][2]         0.0000000000 
_pdbx_struct_oper_list.matrix[3][3]         1.0000000000 
_pdbx_struct_oper_list.vector[3]            0.0000000000 
# 
loop_
_struct_conf.conf_type_id 
_struct_conf.id 
_struct_conf.pdbx_PDB_helix_id 
_struct_conf.beg_label_comp_id 
_struct_conf.beg_label_asym_id 
_struct_conf.beg_label_seq_id 
_struct_conf.pdbx_beg_PDB_ins_code 
_struct_conf.end_label_comp_id 
_struct_conf.end_label_asym_id 
_struct_conf.end_label_seq_id 
_struct_conf.pdbx_end_PDB_ins_code 
_struct_conf.beg_auth_comp_id 
_struct_conf.beg_auth_asym_id 
_struct_conf.beg_auth_seq_id 
_struct_conf.end_auth_comp_id 
_struct_conf.end_auth_asym_id 
_struct_conf.end_auth_seq_id 
_struct_conf.pdbx_PDB_helix_class 
_struct_conf.details 
_struct_conf.pdbx_PDB_helix_length 
HELX_P HELX_P1 AA1 HIS A 21  ? ALA A 23  ? HIS A 21  ALA A 23  5 ? 3 
HELX_P HELX_P2 AA2 THR A 24  ? ASN A 30  ? THR A 24  ASN A 30  1 ? 7 
HELX_P HELX_P3 AA3 SER A 36  ? ARG A 38  ? SER A 36  ARG A 38  5 ? 3 
HELX_P HELX_P4 AA4 SER A 66  ? ARG A 69  ? SER A 66  ARG A 69  5 ? 4 
HELX_P HELX_P5 AA5 GLU A 106 ? CYS A 110 ? GLU A 106 CYS A 110 5 ? 5 
HELX_P HELX_P6 AA6 LEU A 140 ? GLU A 145 ? LEU A 140 GLU A 145 5 ? 6 
# 
_struct_conf_type.id          HELX_P 
_struct_conf_type.criteria    ? 
_struct_conf_type.reference   ? 
# 
loop_
_struct_conn.id 
_struct_conn.conn_type_id 
_struct_conn.pdbx_leaving_atom_flag 
_struct_conn.pdbx_PDB_id 
_struct_conn.ptnr1_label_asym_id 
_struct_conn.ptnr1_label_comp_id 
_struct_conn.ptnr1_label_seq_id 
_struct_conn.ptnr1_label_atom_id 
_struct_conn.pdbx_ptnr1_label_alt_id 
_struct_conn.pdbx_ptnr1_PDB_ins_code 
_struct_conn.pdbx_ptnr1_standard_comp_id 
_struct_conn.ptnr1_symmetry 
_struct_conn.ptnr2_label_asym_id 
_struct_conn.ptnr2_label_comp_id 
_struct_conn.ptnr2_label_seq_id 
_struct_conn.ptnr2_label_atom_id 
_struct_conn.pdbx_ptnr2_label_alt_id 
_struct_conn.pdbx_ptnr2_PDB_ins_code 
_struct_conn.ptnr1_auth_asym_id 
_struct_conn.ptnr1_auth_comp_id 
_struct_conn.ptnr1_auth_seq_id 
_struct_conn.ptnr2_auth_asym_id 
_struct_conn.ptnr2_auth_comp_id 
_struct_conn.ptnr2_auth_seq_id 
_struct_conn.ptnr2_symmetry 
_struct_conn.pdbx_ptnr3_label_atom_id 
_struct_conn.pdbx_ptnr3_label_seq_id 
_struct_conn.pdbx_ptnr3_label_comp_id 
_struct_conn.pdbx_ptnr3_label_asym_id 
_struct_conn.pdbx_ptnr3_label_alt_id 
_struct_conn.pdbx_ptnr3_PDB_ins_code 
_struct_conn.details 
_struct_conn.pdbx_dist_value 
_struct_conn.pdbx_value_order 
_struct_conn.pdbx_role 
metalc1 metalc ? ? A CYS 56  SG  ? ? ? 1_555 C ZN . ZN ? ? A CYS 56  A ZN 202 1_555 ? ? ? ? ? ? ? 2.332 ? ? 
metalc2 metalc ? ? A CYS 58  SG  ? ? ? 1_555 C ZN . ZN ? ? A CYS 58  A ZN 202 1_555 ? ? ? ? ? ? ? 2.306 ? ? 
metalc3 metalc ? ? A CYS 116 SG  ? ? ? 1_555 C ZN . ZN ? ? A CYS 116 A ZN 202 1_555 ? ? ? ? ? ? ? 2.281 ? ? 
metalc4 metalc ? ? A HIS 118 ND1 ? ? ? 1_555 C ZN . ZN ? ? A HIS 118 A ZN 202 1_555 ? ? ? ? ? ? ? 2.046 ? ? 
# 
_struct_conn_type.id          metalc 
_struct_conn_type.criteria    ? 
_struct_conn_type.reference   ? 
# 
loop_
_pdbx_struct_conn_angle.id 
_pdbx_struct_conn_angle.ptnr1_label_atom_id 
_pdbx_struct_conn_angle.ptnr1_label_alt_id 
_pdbx_struct_conn_angle.ptnr1_label_asym_id 
_pdbx_struct_conn_angle.ptnr1_label_comp_id 
_pdbx_struct_conn_angle.ptnr1_label_seq_id 
_pdbx_struct_conn_angle.ptnr1_auth_atom_id 
_pdbx_struct_conn_angle.ptnr1_auth_asym_id 
_pdbx_struct_conn_angle.ptnr1_auth_comp_id 
_pdbx_struct_conn_angle.ptnr1_auth_seq_id 
_pdbx_struct_conn_angle.ptnr1_PDB_ins_code 
_pdbx_struct_conn_angle.ptnr1_symmetry 
_pdbx_struct_conn_angle.ptnr2_label_atom_id 
_pdbx_struct_conn_angle.ptnr2_label_alt_id 
_pdbx_struct_conn_angle.ptnr2_label_asym_id 
_pdbx_struct_conn_angle.ptnr2_label_comp_id 
_pdbx_struct_conn_angle.ptnr2_label_seq_id 
_pdbx_struct_conn_angle.ptnr2_auth_atom_id 
_pdbx_struct_conn_angle.ptnr2_auth_asym_id 
_pdbx_struct_conn_angle.ptnr2_auth_comp_id 
_pdbx_struct_conn_angle.ptnr2_auth_seq_id 
_pdbx_struct_conn_angle.ptnr2_PDB_ins_code 
_pdbx_struct_conn_angle.ptnr2_symmetry 
_pdbx_struct_conn_angle.ptnr3_label_atom_id 
_pdbx_struct_conn_angle.ptnr3_label_alt_id 
_pdbx_struct_conn_angle.ptnr3_label_asym_id 
_pdbx_struct_conn_angle.ptnr3_label_comp_id 
_pdbx_struct_conn_angle.ptnr3_label_seq_id 
_pdbx_struct_conn_angle.ptnr3_auth_atom_id 
_pdbx_struct_conn_angle.ptnr3_auth_asym_id 
_pdbx_struct_conn_angle.ptnr3_auth_comp_id 
_pdbx_struct_conn_angle.ptnr3_auth_seq_id 
_pdbx_struct_conn_angle.ptnr3_PDB_ins_code 
_pdbx_struct_conn_angle.ptnr3_symmetry 
_pdbx_struct_conn_angle.value 
_pdbx_struct_conn_angle.value_esd 
1 SG ? A CYS 56  ? A CYS 56  ? 1_555 ZN ? C ZN . ? A ZN 202 ? 1_555 SG  ? A CYS 58  ? A CYS 58  ? 1_555 110.1 ? 
2 SG ? A CYS 56  ? A CYS 56  ? 1_555 ZN ? C ZN . ? A ZN 202 ? 1_555 SG  ? A CYS 116 ? A CYS 116 ? 1_555 105.9 ? 
3 SG ? A CYS 58  ? A CYS 58  ? 1_555 ZN ? C ZN . ? A ZN 202 ? 1_555 SG  ? A CYS 116 ? A CYS 116 ? 1_555 117.6 ? 
4 SG ? A CYS 56  ? A CYS 56  ? 1_555 ZN ? C ZN . ? A ZN 202 ? 1_555 ND1 ? A HIS 118 ? A HIS 118 ? 1_555 105.8 ? 
5 SG ? A CYS 58  ? A CYS 58  ? 1_555 ZN ? C ZN . ? A ZN 202 ? 1_555 ND1 ? A HIS 118 ? A HIS 118 ? 1_555 101.7 ? 
6 SG ? A CYS 116 ? A CYS 116 ? 1_555 ZN ? C ZN . ? A ZN 202 ? 1_555 ND1 ? A HIS 118 ? A HIS 118 ? 1_555 115.2 ? 
# 
loop_
_struct_sheet.id 
_struct_sheet.type 
_struct_sheet.number_strands 
_struct_sheet.details 
AA1 ? 4 ? 
AA2 ? 7 ? 
# 
loop_
_struct_sheet_order.sheet_id 
_struct_sheet_order.range_id_1 
_struct_sheet_order.range_id_2 
_struct_sheet_order.offset 
_struct_sheet_order.sense 
AA1 1 2 ? anti-parallel 
AA1 2 3 ? anti-parallel 
AA1 3 4 ? anti-parallel 
AA2 1 2 ? anti-parallel 
AA2 2 3 ? anti-parallel 
AA2 3 4 ? anti-parallel 
AA2 4 5 ? anti-parallel 
AA2 5 6 ? anti-parallel 
AA2 6 7 ? anti-parallel 
# 
loop_
_struct_sheet_range.sheet_id 
_struct_sheet_range.id 
_struct_sheet_range.beg_label_comp_id 
_struct_sheet_range.beg_label_asym_id 
_struct_sheet_range.beg_label_seq_id 
_struct_sheet_range.pdbx_beg_PDB_ins_code 
_struct_sheet_range.end_label_comp_id 
_struct_sheet_range.end_label_asym_id 
_struct_sheet_range.end_label_seq_id 
_struct_sheet_range.pdbx_end_PDB_ins_code 
_struct_sheet_range.beg_auth_comp_id 
_struct_sheet_range.beg_auth_asym_id 
_struct_sheet_range.beg_auth_seq_id 
_struct_sheet_range.end_auth_comp_id 
_struct_sheet_range.end_auth_asym_id 
_struct_sheet_range.end_auth_seq_id 
AA1 1 ILE A 10  ? VAL A 12  ? ILE A 10  VAL A 12  
AA1 2 TYR A 15  ? ASN A 19  ? TYR A 15  ASN A 19  
AA1 3 LEU A 40  ? SER A 44  ? LEU A 40  SER A 44  
AA1 4 LEU A 31  ? ASP A 35  ? LEU A 31  ASP A 35  
AA2 1 LYS A 70  ? SER A 75  ? LYS A 70  SER A 75  
AA2 2 THR A 60  ? CYS A 65  ? THR A 60  CYS A 65  
AA2 3 ILE A 113 ? CYS A 116 ? ILE A 113 CYS A 116 
AA2 4 GLY A 119 ? THR A 126 ? GLY A 119 THR A 126 
AA2 5 LEU A 131 ? ASP A 136 ? LEU A 131 ASP A 136 
AA2 6 ARG A 93  ? VAL A 102 ? ARG A 93  VAL A 102 
AA2 7 SER A 80  ? VAL A 84  ? SER A 80  VAL A 84  
# 
loop_
_pdbx_struct_sheet_hbond.sheet_id 
_pdbx_struct_sheet_hbond.range_id_1 
_pdbx_struct_sheet_hbond.range_id_2 
_pdbx_struct_sheet_hbond.range_1_label_atom_id 
_pdbx_struct_sheet_hbond.range_1_label_comp_id 
_pdbx_struct_sheet_hbond.range_1_label_asym_id 
_pdbx_struct_sheet_hbond.range_1_label_seq_id 
_pdbx_struct_sheet_hbond.range_1_PDB_ins_code 
_pdbx_struct_sheet_hbond.range_1_auth_atom_id 
_pdbx_struct_sheet_hbond.range_1_auth_comp_id 
_pdbx_struct_sheet_hbond.range_1_auth_asym_id 
_pdbx_struct_sheet_hbond.range_1_auth_seq_id 
_pdbx_struct_sheet_hbond.range_2_label_atom_id 
_pdbx_struct_sheet_hbond.range_2_label_comp_id 
_pdbx_struct_sheet_hbond.range_2_label_asym_id 
_pdbx_struct_sheet_hbond.range_2_label_seq_id 
_pdbx_struct_sheet_hbond.range_2_PDB_ins_code 
_pdbx_struct_sheet_hbond.range_2_auth_atom_id 
_pdbx_struct_sheet_hbond.range_2_auth_comp_id 
_pdbx_struct_sheet_hbond.range_2_auth_asym_id 
_pdbx_struct_sheet_hbond.range_2_auth_seq_id 
AA1 1 2 N ILE A 10  ? N ILE A 10  O VAL A 17  ? O VAL A 17  
AA1 2 3 N VAL A 18  ? N VAL A 18  O LEU A 41  ? O LEU A 41  
AA1 3 4 O VAL A 42  ? O VAL A 42  N TRP A 33  ? N TRP A 33  
AA2 1 2 O LYS A 70  ? O LYS A 70  N CYS A 65  ? N CYS A 65  
AA2 2 3 N VAL A 62  ? N VAL A 62  O ARG A 115 ? O ARG A 115 
AA2 3 4 N LEU A 114 ? N LEU A 114 O VAL A 121 ? O VAL A 121 
AA2 4 5 N SER A 125 ? N SER A 125 O GLY A 133 ? O GLY A 133 
AA2 5 6 O PHE A 134 ? O PHE A 134 N MET A 99  ? N MET A 99  
AA2 6 7 O ARG A 93  ? O ARG A 93  N VAL A 84  ? N VAL A 84  
# 
_pdbx_entry_details.entry_id                   7H3B 
_pdbx_entry_details.compound_details           ? 
_pdbx_entry_details.source_details             ? 
_pdbx_entry_details.nonpolymer_details         ? 
_pdbx_entry_details.sequence_details           ? 
_pdbx_entry_details.has_ligand_of_interest     ? 
_pdbx_entry_details.has_protein_modification   N 
# 
loop_
_pdbx_validate_close_contact.id 
_pdbx_validate_close_contact.PDB_model_num 
_pdbx_validate_close_contact.auth_atom_id_1 
_pdbx_validate_close_contact.auth_asym_id_1 
_pdbx_validate_close_contact.auth_comp_id_1 
_pdbx_validate_close_contact.auth_seq_id_1 
_pdbx_validate_close_contact.PDB_ins_code_1 
_pdbx_validate_close_contact.label_alt_id_1 
_pdbx_validate_close_contact.auth_atom_id_2 
_pdbx_validate_close_contact.auth_asym_id_2 
_pdbx_validate_close_contact.auth_comp_id_2 
_pdbx_validate_close_contact.auth_seq_id_2 
_pdbx_validate_close_contact.PDB_ins_code_2 
_pdbx_validate_close_contact.label_alt_id_2 
_pdbx_validate_close_contact.dist 
1 1 O   A HOH 314 ? ? O A HOH 436 ? ? 1.91 
2 1 OE1 A GLU 106 ? ? O A HOH 301 ? ? 2.00 
3 1 O   A HOH 456 ? ? O A HOH 480 ? ? 2.07 
4 1 O   A HOH 342 ? ? O A HOH 453 ? ? 2.10 
5 1 O   A HOH 323 ? ? O A HOH 342 ? ? 2.12 
# 
loop_
_pdbx_validate_symm_contact.id 
_pdbx_validate_symm_contact.PDB_model_num 
_pdbx_validate_symm_contact.auth_atom_id_1 
_pdbx_validate_symm_contact.auth_asym_id_1 
_pdbx_validate_symm_contact.auth_comp_id_1 
_pdbx_validate_symm_contact.auth_seq_id_1 
_pdbx_validate_symm_contact.PDB_ins_code_1 
_pdbx_validate_symm_contact.label_alt_id_1 
_pdbx_validate_symm_contact.site_symmetry_1 
_pdbx_validate_symm_contact.auth_atom_id_2 
_pdbx_validate_symm_contact.auth_asym_id_2 
_pdbx_validate_symm_contact.auth_comp_id_2 
_pdbx_validate_symm_contact.auth_seq_id_2 
_pdbx_validate_symm_contact.PDB_ins_code_2 
_pdbx_validate_symm_contact.label_alt_id_2 
_pdbx_validate_symm_contact.site_symmetry_2 
_pdbx_validate_symm_contact.dist 
1 1 O3 A SO4 208 ? ? 1_555 O4 A SO4 208 ? ? 2_556 0.51 
2 1 O2 A SO4 208 ? ? 1_555 O2 A SO4 208 ? ? 2_556 1.49 
3 1 S  A SO4 208 ? ? 1_555 O3 A SO4 208 ? ? 2_556 1.61 
4 1 S  A SO4 208 ? ? 1_555 S  A SO4 208 ? ? 2_556 1.75 
5 1 S  A SO4 208 ? ? 1_555 O4 A SO4 208 ? ? 2_556 1.80 
6 1 O  A HOH 388 ? ? 1_555 O  A HOH 497 ? ? 4_556 2.06 
7 1 S  A SO4 208 ? ? 1_555 O2 A SO4 208 ? ? 2_556 2.16 
# 
_pdbx_validate_rmsd_bond.id                        1 
_pdbx_validate_rmsd_bond.PDB_model_num             1 
_pdbx_validate_rmsd_bond.auth_atom_id_1            CD 
_pdbx_validate_rmsd_bond.auth_asym_id_1            A 
_pdbx_validate_rmsd_bond.auth_comp_id_1            GLU 
_pdbx_validate_rmsd_bond.auth_seq_id_1             106 
_pdbx_validate_rmsd_bond.PDB_ins_code_1            ? 
_pdbx_validate_rmsd_bond.label_alt_id_1            ? 
_pdbx_validate_rmsd_bond.auth_atom_id_2            OE2 
_pdbx_validate_rmsd_bond.auth_asym_id_2            A 
_pdbx_validate_rmsd_bond.auth_comp_id_2            GLU 
_pdbx_validate_rmsd_bond.auth_seq_id_2             106 
_pdbx_validate_rmsd_bond.PDB_ins_code_2            ? 
_pdbx_validate_rmsd_bond.label_alt_id_2            ? 
_pdbx_validate_rmsd_bond.bond_value                1.184 
_pdbx_validate_rmsd_bond.bond_target_value         1.252 
_pdbx_validate_rmsd_bond.bond_deviation            -0.068 
_pdbx_validate_rmsd_bond.bond_standard_deviation   0.011 
_pdbx_validate_rmsd_bond.linker_flag               N 
# 
loop_
_pdbx_validate_rmsd_angle.id 
_pdbx_validate_rmsd_angle.PDB_model_num 
_pdbx_validate_rmsd_angle.auth_atom_id_1 
_pdbx_validate_rmsd_angle.auth_asym_id_1 
_pdbx_validate_rmsd_angle.auth_comp_id_1 
_pdbx_validate_rmsd_angle.auth_seq_id_1 
_pdbx_validate_rmsd_angle.PDB_ins_code_1 
_pdbx_validate_rmsd_angle.label_alt_id_1 
_pdbx_validate_rmsd_angle.auth_atom_id_2 
_pdbx_validate_rmsd_angle.auth_asym_id_2 
_pdbx_validate_rmsd_angle.auth_comp_id_2 
_pdbx_validate_rmsd_angle.auth_seq_id_2 
_pdbx_validate_rmsd_angle.PDB_ins_code_2 
_pdbx_validate_rmsd_angle.label_alt_id_2 
_pdbx_validate_rmsd_angle.auth_atom_id_3 
_pdbx_validate_rmsd_angle.auth_asym_id_3 
_pdbx_validate_rmsd_angle.auth_comp_id_3 
_pdbx_validate_rmsd_angle.auth_seq_id_3 
_pdbx_validate_rmsd_angle.PDB_ins_code_3 
_pdbx_validate_rmsd_angle.label_alt_id_3 
_pdbx_validate_rmsd_angle.angle_value 
_pdbx_validate_rmsd_angle.angle_target_value 
_pdbx_validate_rmsd_angle.angle_deviation 
_pdbx_validate_rmsd_angle.angle_standard_deviation 
_pdbx_validate_rmsd_angle.linker_flag 
1 1 NE A ARG 20 ? ? CZ A ARG 20 ? ? NH1 A ARG 20 ? ? 123.57 120.30 3.27  0.50 N 
2 1 NE A ARG 93 ? ? CZ A ARG 93 ? ? NH2 A ARG 93 ? ? 117.03 120.30 -3.27 0.50 N 
# 
_pdbx_distant_solvent_atoms.id                                1 
_pdbx_distant_solvent_atoms.PDB_model_num                     1 
_pdbx_distant_solvent_atoms.auth_atom_id                      O 
_pdbx_distant_solvent_atoms.label_alt_id                      ? 
_pdbx_distant_solvent_atoms.auth_asym_id                      A 
_pdbx_distant_solvent_atoms.auth_comp_id                      HOH 
_pdbx_distant_solvent_atoms.auth_seq_id                       536 
_pdbx_distant_solvent_atoms.PDB_ins_code                      ? 
_pdbx_distant_solvent_atoms.neighbor_macromolecule_distance   8.02 
_pdbx_distant_solvent_atoms.neighbor_ligand_distance          . 
# 
loop_
_pdbx_unobs_or_zero_occ_residues.id 
_pdbx_unobs_or_zero_occ_residues.PDB_model_num 
_pdbx_unobs_or_zero_occ_residues.polymer_flag 
_pdbx_unobs_or_zero_occ_residues.occupancy_flag 
_pdbx_unobs_or_zero_occ_residues.auth_asym_id 
_pdbx_unobs_or_zero_occ_residues.auth_comp_id 
_pdbx_unobs_or_zero_occ_residues.auth_seq_id 
_pdbx_unobs_or_zero_occ_residues.PDB_ins_code 
_pdbx_unobs_or_zero_occ_residues.label_asym_id 
_pdbx_unobs_or_zero_occ_residues.label_comp_id 
_pdbx_unobs_or_zero_occ_residues.label_seq_id 
1  1 Y 1 A GLN 1   ? A GLN 1   
2  1 Y 1 A GLU 2   ? A GLU 2   
3  1 Y 1 A GLN 3   ? A GLN 3   
4  1 Y 1 A THR 4   ? A THR 4   
5  1 Y 1 A GLY 5   ? A GLY 5   
6  1 Y 1 A GLY 6   ? A GLY 6   
7  1 Y 1 A ALA 147 ? A ALA 147 
8  1 Y 1 A MET 148 ? A MET 148 
9  1 Y 1 A GLU 149 ? A GLU 149 
10 1 Y 1 A GLN 150 ? A GLN 150 
# 
loop_
_chem_comp_atom.comp_id 
_chem_comp_atom.atom_id 
_chem_comp_atom.type_symbol 
_chem_comp_atom.pdbx_aromatic_flag 
_chem_comp_atom.pdbx_stereo_config 
_chem_comp_atom.pdbx_ordinal 
ALA N    N  N N 1   
ALA CA   C  N S 2   
ALA C    C  N N 3   
ALA O    O  N N 4   
ALA CB   C  N N 5   
ALA OXT  O  N N 6   
ALA H    H  N N 7   
ALA H2   H  N N 8   
ALA HA   H  N N 9   
ALA HB1  H  N N 10  
ALA HB2  H  N N 11  
ALA HB3  H  N N 12  
ALA HXT  H  N N 13  
ARG N    N  N N 14  
ARG CA   C  N S 15  
ARG C    C  N N 16  
ARG O    O  N N 17  
ARG CB   C  N N 18  
ARG CG   C  N N 19  
ARG CD   C  N N 20  
ARG NE   N  N N 21  
ARG CZ   C  N N 22  
ARG NH1  N  N N 23  
ARG NH2  N  N N 24  
ARG OXT  O  N N 25  
ARG H    H  N N 26  
ARG H2   H  N N 27  
ARG HA   H  N N 28  
ARG HB2  H  N N 29  
ARG HB3  H  N N 30  
ARG HG2  H  N N 31  
ARG HG3  H  N N 32  
ARG HD2  H  N N 33  
ARG HD3  H  N N 34  
ARG HE   H  N N 35  
ARG HH11 H  N N 36  
ARG HH12 H  N N 37  
ARG HH21 H  N N 38  
ARG HH22 H  N N 39  
ARG HXT  H  N N 40  
ASN N    N  N N 41  
ASN CA   C  N S 42  
ASN C    C  N N 43  
ASN O    O  N N 44  
ASN CB   C  N N 45  
ASN CG   C  N N 46  
ASN OD1  O  N N 47  
ASN ND2  N  N N 48  
ASN OXT  O  N N 49  
ASN H    H  N N 50  
ASN H2   H  N N 51  
ASN HA   H  N N 52  
ASN HB2  H  N N 53  
ASN HB3  H  N N 54  
ASN HD21 H  N N 55  
ASN HD22 H  N N 56  
ASN HXT  H  N N 57  
ASP N    N  N N 58  
ASP CA   C  N S 59  
ASP C    C  N N 60  
ASP O    O  N N 61  
ASP CB   C  N N 62  
ASP CG   C  N N 63  
ASP OD1  O  N N 64  
ASP OD2  O  N N 65  
ASP OXT  O  N N 66  
ASP H    H  N N 67  
ASP H2   H  N N 68  
ASP HA   H  N N 69  
ASP HB2  H  N N 70  
ASP HB3  H  N N 71  
ASP HD2  H  N N 72  
ASP HXT  H  N N 73  
CYS N    N  N N 74  
CYS CA   C  N R 75  
CYS C    C  N N 76  
CYS O    O  N N 77  
CYS CB   C  N N 78  
CYS SG   S  N N 79  
CYS OXT  O  N N 80  
CYS H    H  N N 81  
CYS H2   H  N N 82  
CYS HA   H  N N 83  
CYS HB2  H  N N 84  
CYS HB3  H  N N 85  
CYS HG   H  N N 86  
CYS HXT  H  N N 87  
DMS S    S  N N 88  
DMS O    O  N N 89  
DMS C1   C  N N 90  
DMS C2   C  N N 91  
DMS H11  H  N N 92  
DMS H12  H  N N 93  
DMS H13  H  N N 94  
DMS H21  H  N N 95  
DMS H22  H  N N 96  
DMS H23  H  N N 97  
GLN N    N  N N 98  
GLN CA   C  N S 99  
GLN C    C  N N 100 
GLN O    O  N N 101 
GLN CB   C  N N 102 
GLN CG   C  N N 103 
GLN CD   C  N N 104 
GLN OE1  O  N N 105 
GLN NE2  N  N N 106 
GLN OXT  O  N N 107 
GLN H    H  N N 108 
GLN H2   H  N N 109 
GLN HA   H  N N 110 
GLN HB2  H  N N 111 
GLN HB3  H  N N 112 
GLN HG2  H  N N 113 
GLN HG3  H  N N 114 
GLN HE21 H  N N 115 
GLN HE22 H  N N 116 
GLN HXT  H  N N 117 
GLU N    N  N N 118 
GLU CA   C  N S 119 
GLU C    C  N N 120 
GLU O    O  N N 121 
GLU CB   C  N N 122 
GLU CG   C  N N 123 
GLU CD   C  N N 124 
GLU OE1  O  N N 125 
GLU OE2  O  N N 126 
GLU OXT  O  N N 127 
GLU H    H  N N 128 
GLU H2   H  N N 129 
GLU HA   H  N N 130 
GLU HB2  H  N N 131 
GLU HB3  H  N N 132 
GLU HG2  H  N N 133 
GLU HG3  H  N N 134 
GLU HE2  H  N N 135 
GLU HXT  H  N N 136 
GLY N    N  N N 137 
GLY CA   C  N N 138 
GLY C    C  N N 139 
GLY O    O  N N 140 
GLY OXT  O  N N 141 
GLY H    H  N N 142 
GLY H2   H  N N 143 
GLY HA2  H  N N 144 
GLY HA3  H  N N 145 
GLY HXT  H  N N 146 
HIS N    N  N N 147 
HIS CA   C  N S 148 
HIS C    C  N N 149 
HIS O    O  N N 150 
HIS CB   C  N N 151 
HIS CG   C  Y N 152 
HIS ND1  N  Y N 153 
HIS CD2  C  Y N 154 
HIS CE1  C  Y N 155 
HIS NE2  N  Y N 156 
HIS OXT  O  N N 157 
HIS H    H  N N 158 
HIS H2   H  N N 159 
HIS HA   H  N N 160 
HIS HB2  H  N N 161 
HIS HB3  H  N N 162 
HIS HD1  H  N N 163 
HIS HD2  H  N N 164 
HIS HE1  H  N N 165 
HIS HE2  H  N N 166 
HIS HXT  H  N N 167 
HOH O    O  N N 168 
HOH H1   H  N N 169 
HOH H2   H  N N 170 
ILE N    N  N N 171 
ILE CA   C  N S 172 
ILE C    C  N N 173 
ILE O    O  N N 174 
ILE CB   C  N S 175 
ILE CG1  C  N N 176 
ILE CG2  C  N N 177 
ILE CD1  C  N N 178 
ILE OXT  O  N N 179 
ILE H    H  N N 180 
ILE H2   H  N N 181 
ILE HA   H  N N 182 
ILE HB   H  N N 183 
ILE HG12 H  N N 184 
ILE HG13 H  N N 185 
ILE HG21 H  N N 186 
ILE HG22 H  N N 187 
ILE HG23 H  N N 188 
ILE HD11 H  N N 189 
ILE HD12 H  N N 190 
ILE HD13 H  N N 191 
ILE HXT  H  N N 192 
LEU N    N  N N 193 
LEU CA   C  N S 194 
LEU C    C  N N 195 
LEU O    O  N N 196 
LEU CB   C  N N 197 
LEU CG   C  N N 198 
LEU CD1  C  N N 199 
LEU CD2  C  N N 200 
LEU OXT  O  N N 201 
LEU H    H  N N 202 
LEU H2   H  N N 203 
LEU HA   H  N N 204 
LEU HB2  H  N N 205 
LEU HB3  H  N N 206 
LEU HG   H  N N 207 
LEU HD11 H  N N 208 
LEU HD12 H  N N 209 
LEU HD13 H  N N 210 
LEU HD21 H  N N 211 
LEU HD22 H  N N 212 
LEU HD23 H  N N 213 
LEU HXT  H  N N 214 
LYS N    N  N N 215 
LYS CA   C  N S 216 
LYS C    C  N N 217 
LYS O    O  N N 218 
LYS CB   C  N N 219 
LYS CG   C  N N 220 
LYS CD   C  N N 221 
LYS CE   C  N N 222 
LYS NZ   N  N N 223 
LYS OXT  O  N N 224 
LYS H    H  N N 225 
LYS H2   H  N N 226 
LYS HA   H  N N 227 
LYS HB2  H  N N 228 
LYS HB3  H  N N 229 
LYS HG2  H  N N 230 
LYS HG3  H  N N 231 
LYS HD2  H  N N 232 
LYS HD3  H  N N 233 
LYS HE2  H  N N 234 
LYS HE3  H  N N 235 
LYS HZ1  H  N N 236 
LYS HZ2  H  N N 237 
LYS HZ3  H  N N 238 
LYS HXT  H  N N 239 
MET N    N  N N 240 
MET CA   C  N S 241 
MET C    C  N N 242 
MET O    O  N N 243 
MET CB   C  N N 244 
MET CG   C  N N 245 
MET SD   S  N N 246 
MET CE   C  N N 247 
MET OXT  O  N N 248 
MET H    H  N N 249 
MET H2   H  N N 250 
MET HA   H  N N 251 
MET HB2  H  N N 252 
MET HB3  H  N N 253 
MET HG2  H  N N 254 
MET HG3  H  N N 255 
MET HE1  H  N N 256 
MET HE2  H  N N 257 
MET HE3  H  N N 258 
MET HXT  H  N N 259 
PHE N    N  N N 260 
PHE CA   C  N S 261 
PHE C    C  N N 262 
PHE O    O  N N 263 
PHE CB   C  N N 264 
PHE CG   C  Y N 265 
PHE CD1  C  Y N 266 
PHE CD2  C  Y N 267 
PHE CE1  C  Y N 268 
PHE CE2  C  Y N 269 
PHE CZ   C  Y N 270 
PHE OXT  O  N N 271 
PHE H    H  N N 272 
PHE H2   H  N N 273 
PHE HA   H  N N 274 
PHE HB2  H  N N 275 
PHE HB3  H  N N 276 
PHE HD1  H  N N 277 
PHE HD2  H  N N 278 
PHE HE1  H  N N 279 
PHE HE2  H  N N 280 
PHE HZ   H  N N 281 
PHE HXT  H  N N 282 
PRO N    N  N N 283 
PRO CA   C  N S 284 
PRO C    C  N N 285 
PRO O    O  N N 286 
PRO CB   C  N N 287 
PRO CG   C  N N 288 
PRO CD   C  N N 289 
PRO OXT  O  N N 290 
PRO H    H  N N 291 
PRO HA   H  N N 292 
PRO HB2  H  N N 293 
PRO HB3  H  N N 294 
PRO HG2  H  N N 295 
PRO HG3  H  N N 296 
PRO HD2  H  N N 297 
PRO HD3  H  N N 298 
PRO HXT  H  N N 299 
SER N    N  N N 300 
SER CA   C  N S 301 
SER C    C  N N 302 
SER O    O  N N 303 
SER CB   C  N N 304 
SER OG   O  N N 305 
SER OXT  O  N N 306 
SER H    H  N N 307 
SER H2   H  N N 308 
SER HA   H  N N 309 
SER HB2  H  N N 310 
SER HB3  H  N N 311 
SER HG   H  N N 312 
SER HXT  H  N N 313 
SO4 S    S  N N 314 
SO4 O1   O  N N 315 
SO4 O2   O  N N 316 
SO4 O3   O  N N 317 
SO4 O4   O  N N 318 
THR N    N  N N 319 
THR CA   C  N S 320 
THR C    C  N N 321 
THR O    O  N N 322 
THR CB   C  N R 323 
THR OG1  O  N N 324 
THR CG2  C  N N 325 
THR OXT  O  N N 326 
THR H    H  N N 327 
THR H2   H  N N 328 
THR HA   H  N N 329 
THR HB   H  N N 330 
THR HG1  H  N N 331 
THR HG21 H  N N 332 
THR HG22 H  N N 333 
THR HG23 H  N N 334 
THR HXT  H  N N 335 
TRP N    N  N N 336 
TRP CA   C  N S 337 
TRP C    C  N N 338 
TRP O    O  N N 339 
TRP CB   C  N N 340 
TRP CG   C  Y N 341 
TRP CD1  C  Y N 342 
TRP CD2  C  Y N 343 
TRP NE1  N  Y N 344 
TRP CE2  C  Y N 345 
TRP CE3  C  Y N 346 
TRP CZ2  C  Y N 347 
TRP CZ3  C  Y N 348 
TRP CH2  C  Y N 349 
TRP OXT  O  N N 350 
TRP H    H  N N 351 
TRP H2   H  N N 352 
TRP HA   H  N N 353 
TRP HB2  H  N N 354 
TRP HB3  H  N N 355 
TRP HD1  H  N N 356 
TRP HE1  H  N N 357 
TRP HE3  H  N N 358 
TRP HZ2  H  N N 359 
TRP HZ3  H  N N 360 
TRP HH2  H  N N 361 
TRP HXT  H  N N 362 
TYR N    N  N N 363 
TYR CA   C  N S 364 
TYR C    C  N N 365 
TYR O    O  N N 366 
TYR CB   C  N N 367 
TYR CG   C  Y N 368 
TYR CD1  C  Y N 369 
TYR CD2  C  Y N 370 
TYR CE1  C  Y N 371 
TYR CE2  C  Y N 372 
TYR CZ   C  Y N 373 
TYR OH   O  N N 374 
TYR OXT  O  N N 375 
TYR H    H  N N 376 
TYR H2   H  N N 377 
TYR HA   H  N N 378 
TYR HB2  H  N N 379 
TYR HB3  H  N N 380 
TYR HD1  H  N N 381 
TYR HD2  H  N N 382 
TYR HE1  H  N N 383 
TYR HE2  H  N N 384 
TYR HH   H  N N 385 
TYR HXT  H  N N 386 
VAL N    N  N N 387 
VAL CA   C  N S 388 
VAL C    C  N N 389 
VAL O    O  N N 390 
VAL CB   C  N N 391 
VAL CG1  C  N N 392 
VAL CG2  C  N N 393 
VAL OXT  O  N N 394 
VAL H    H  N N 395 
VAL H2   H  N N 396 
VAL HA   H  N N 397 
VAL HB   H  N N 398 
VAL HG11 H  N N 399 
VAL HG12 H  N N 400 
VAL HG13 H  N N 401 
VAL HG21 H  N N 402 
VAL HG22 H  N N 403 
VAL HG23 H  N N 404 
VAL HXT  H  N N 405 
YFN C10  C  N N 406 
YFN C13  C  N N 407 
YFN C01  C  N N 408 
YFN C02  C  N S 409 
YFN C03  C  N N 410 
YFN C04  C  N N 411 
YFN C08  C  N N 412 
YFN C12  C  N N 413 
YFN C14  C  N N 414 
YFN N09  N  N N 415 
YFN O06  O  N N 416 
YFN O07  O  N N 417 
YFN O11  O  N N 418 
YFN S05  S  N N 419 
YFN H132 H  N N 420 
YFN H131 H  N N 421 
YFN H013 H  N N 422 
YFN H012 H  N N 423 
YFN H011 H  N N 424 
YFN H031 H  N N 425 
YFN H032 H  N N 426 
YFN H042 H  N N 427 
YFN H041 H  N N 428 
YFN H082 H  N N 429 
YFN H081 H  N N 430 
YFN H121 H  N N 431 
YFN H142 H  N N 432 
YFN H141 H  N N 433 
YFN H091 H  N N 434 
ZN  ZN   ZN N N 435 
# 
loop_
_chem_comp_bond.comp_id 
_chem_comp_bond.atom_id_1 
_chem_comp_bond.atom_id_2 
_chem_comp_bond.value_order 
_chem_comp_bond.pdbx_aromatic_flag 
_chem_comp_bond.pdbx_stereo_config 
_chem_comp_bond.pdbx_ordinal 
ALA N   CA   sing N N 1   
ALA N   H    sing N N 2   
ALA N   H2   sing N N 3   
ALA CA  C    sing N N 4   
ALA CA  CB   sing N N 5   
ALA CA  HA   sing N N 6   
ALA C   O    doub N N 7   
ALA C   OXT  sing N N 8   
ALA CB  HB1  sing N N 9   
ALA CB  HB2  sing N N 10  
ALA CB  HB3  sing N N 11  
ALA OXT HXT  sing N N 12  
ARG N   CA   sing N N 13  
ARG N   H    sing N N 14  
ARG N   H2   sing N N 15  
ARG CA  C    sing N N 16  
ARG CA  CB   sing N N 17  
ARG CA  HA   sing N N 18  
ARG C   O    doub N N 19  
ARG C   OXT  sing N N 20  
ARG CB  CG   sing N N 21  
ARG CB  HB2  sing N N 22  
ARG CB  HB3  sing N N 23  
ARG CG  CD   sing N N 24  
ARG CG  HG2  sing N N 25  
ARG CG  HG3  sing N N 26  
ARG CD  NE   sing N N 27  
ARG CD  HD2  sing N N 28  
ARG CD  HD3  sing N N 29  
ARG NE  CZ   sing N N 30  
ARG NE  HE   sing N N 31  
ARG CZ  NH1  sing N N 32  
ARG CZ  NH2  doub N N 33  
ARG NH1 HH11 sing N N 34  
ARG NH1 HH12 sing N N 35  
ARG NH2 HH21 sing N N 36  
ARG NH2 HH22 sing N N 37  
ARG OXT HXT  sing N N 38  
ASN N   CA   sing N N 39  
ASN N   H    sing N N 40  
ASN N   H2   sing N N 41  
ASN CA  C    sing N N 42  
ASN CA  CB   sing N N 43  
ASN CA  HA   sing N N 44  
ASN C   O    doub N N 45  
ASN C   OXT  sing N N 46  
ASN CB  CG   sing N N 47  
ASN CB  HB2  sing N N 48  
ASN CB  HB3  sing N N 49  
ASN CG  OD1  doub N N 50  
ASN CG  ND2  sing N N 51  
ASN ND2 HD21 sing N N 52  
ASN ND2 HD22 sing N N 53  
ASN OXT HXT  sing N N 54  
ASP N   CA   sing N N 55  
ASP N   H    sing N N 56  
ASP N   H2   sing N N 57  
ASP CA  C    sing N N 58  
ASP CA  CB   sing N N 59  
ASP CA  HA   sing N N 60  
ASP C   O    doub N N 61  
ASP C   OXT  sing N N 62  
ASP CB  CG   sing N N 63  
ASP CB  HB2  sing N N 64  
ASP CB  HB3  sing N N 65  
ASP CG  OD1  doub N N 66  
ASP CG  OD2  sing N N 67  
ASP OD2 HD2  sing N N 68  
ASP OXT HXT  sing N N 69  
CYS N   CA   sing N N 70  
CYS N   H    sing N N 71  
CYS N   H2   sing N N 72  
CYS CA  C    sing N N 73  
CYS CA  CB   sing N N 74  
CYS CA  HA   sing N N 75  
CYS C   O    doub N N 76  
CYS C   OXT  sing N N 77  
CYS CB  SG   sing N N 78  
CYS CB  HB2  sing N N 79  
CYS CB  HB3  sing N N 80  
CYS SG  HG   sing N N 81  
CYS OXT HXT  sing N N 82  
DMS S   O    doub N N 83  
DMS S   C1   sing N N 84  
DMS S   C2   sing N N 85  
DMS C1  H11  sing N N 86  
DMS C1  H12  sing N N 87  
DMS C1  H13  sing N N 88  
DMS C2  H21  sing N N 89  
DMS C2  H22  sing N N 90  
DMS C2  H23  sing N N 91  
GLN N   CA   sing N N 92  
GLN N   H    sing N N 93  
GLN N   H2   sing N N 94  
GLN CA  C    sing N N 95  
GLN CA  CB   sing N N 96  
GLN CA  HA   sing N N 97  
GLN C   O    doub N N 98  
GLN C   OXT  sing N N 99  
GLN CB  CG   sing N N 100 
GLN CB  HB2  sing N N 101 
GLN CB  HB3  sing N N 102 
GLN CG  CD   sing N N 103 
GLN CG  HG2  sing N N 104 
GLN CG  HG3  sing N N 105 
GLN CD  OE1  doub N N 106 
GLN CD  NE2  sing N N 107 
GLN NE2 HE21 sing N N 108 
GLN NE2 HE22 sing N N 109 
GLN OXT HXT  sing N N 110 
GLU N   CA   sing N N 111 
GLU N   H    sing N N 112 
GLU N   H2   sing N N 113 
GLU CA  C    sing N N 114 
GLU CA  CB   sing N N 115 
GLU CA  HA   sing N N 116 
GLU C   O    doub N N 117 
GLU C   OXT  sing N N 118 
GLU CB  CG   sing N N 119 
GLU CB  HB2  sing N N 120 
GLU CB  HB3  sing N N 121 
GLU CG  CD   sing N N 122 
GLU CG  HG2  sing N N 123 
GLU CG  HG3  sing N N 124 
GLU CD  OE1  doub N N 125 
GLU CD  OE2  sing N N 126 
GLU OE2 HE2  sing N N 127 
GLU OXT HXT  sing N N 128 
GLY N   CA   sing N N 129 
GLY N   H    sing N N 130 
GLY N   H2   sing N N 131 
GLY CA  C    sing N N 132 
GLY CA  HA2  sing N N 133 
GLY CA  HA3  sing N N 134 
GLY C   O    doub N N 135 
GLY C   OXT  sing N N 136 
GLY OXT HXT  sing N N 137 
HIS N   CA   sing N N 138 
HIS N   H    sing N N 139 
HIS N   H2   sing N N 140 
HIS CA  C    sing N N 141 
HIS CA  CB   sing N N 142 
HIS CA  HA   sing N N 143 
HIS C   O    doub N N 144 
HIS C   OXT  sing N N 145 
HIS CB  CG   sing N N 146 
HIS CB  HB2  sing N N 147 
HIS CB  HB3  sing N N 148 
HIS CG  ND1  sing Y N 149 
HIS CG  CD2  doub Y N 150 
HIS ND1 CE1  doub Y N 151 
HIS ND1 HD1  sing N N 152 
HIS CD2 NE2  sing Y N 153 
HIS CD2 HD2  sing N N 154 
HIS CE1 NE2  sing Y N 155 
HIS CE1 HE1  sing N N 156 
HIS NE2 HE2  sing N N 157 
HIS OXT HXT  sing N N 158 
HOH O   H1   sing N N 159 
HOH O   H2   sing N N 160 
ILE N   CA   sing N N 161 
ILE N   H    sing N N 162 
ILE N   H2   sing N N 163 
ILE CA  C    sing N N 164 
ILE CA  CB   sing N N 165 
ILE CA  HA   sing N N 166 
ILE C   O    doub N N 167 
ILE C   OXT  sing N N 168 
ILE CB  CG1  sing N N 169 
ILE CB  CG2  sing N N 170 
ILE CB  HB   sing N N 171 
ILE CG1 CD1  sing N N 172 
ILE CG1 HG12 sing N N 173 
ILE CG1 HG13 sing N N 174 
ILE CG2 HG21 sing N N 175 
ILE CG2 HG22 sing N N 176 
ILE CG2 HG23 sing N N 177 
ILE CD1 HD11 sing N N 178 
ILE CD1 HD12 sing N N 179 
ILE CD1 HD13 sing N N 180 
ILE OXT HXT  sing N N 181 
LEU N   CA   sing N N 182 
LEU N   H    sing N N 183 
LEU N   H2   sing N N 184 
LEU CA  C    sing N N 185 
LEU CA  CB   sing N N 186 
LEU CA  HA   sing N N 187 
LEU C   O    doub N N 188 
LEU C   OXT  sing N N 189 
LEU CB  CG   sing N N 190 
LEU CB  HB2  sing N N 191 
LEU CB  HB3  sing N N 192 
LEU CG  CD1  sing N N 193 
LEU CG  CD2  sing N N 194 
LEU CG  HG   sing N N 195 
LEU CD1 HD11 sing N N 196 
LEU CD1 HD12 sing N N 197 
LEU CD1 HD13 sing N N 198 
LEU CD2 HD21 sing N N 199 
LEU CD2 HD22 sing N N 200 
LEU CD2 HD23 sing N N 201 
LEU OXT HXT  sing N N 202 
LYS N   CA   sing N N 203 
LYS N   H    sing N N 204 
LYS N   H2   sing N N 205 
LYS CA  C    sing N N 206 
LYS CA  CB   sing N N 207 
LYS CA  HA   sing N N 208 
LYS C   O    doub N N 209 
LYS C   OXT  sing N N 210 
LYS CB  CG   sing N N 211 
LYS CB  HB2  sing N N 212 
LYS CB  HB3  sing N N 213 
LYS CG  CD   sing N N 214 
LYS CG  HG2  sing N N 215 
LYS CG  HG3  sing N N 216 
LYS CD  CE   sing N N 217 
LYS CD  HD2  sing N N 218 
LYS CD  HD3  sing N N 219 
LYS CE  NZ   sing N N 220 
LYS CE  HE2  sing N N 221 
LYS CE  HE3  sing N N 222 
LYS NZ  HZ1  sing N N 223 
LYS NZ  HZ2  sing N N 224 
LYS NZ  HZ3  sing N N 225 
LYS OXT HXT  sing N N 226 
MET N   CA   sing N N 227 
MET N   H    sing N N 228 
MET N   H2   sing N N 229 
MET CA  C    sing N N 230 
MET CA  CB   sing N N 231 
MET CA  HA   sing N N 232 
MET C   O    doub N N 233 
MET C   OXT  sing N N 234 
MET CB  CG   sing N N 235 
MET CB  HB2  sing N N 236 
MET CB  HB3  sing N N 237 
MET CG  SD   sing N N 238 
MET CG  HG2  sing N N 239 
MET CG  HG3  sing N N 240 
MET SD  CE   sing N N 241 
MET CE  HE1  sing N N 242 
MET CE  HE2  sing N N 243 
MET CE  HE3  sing N N 244 
MET OXT HXT  sing N N 245 
PHE N   CA   sing N N 246 
PHE N   H    sing N N 247 
PHE N   H2   sing N N 248 
PHE CA  C    sing N N 249 
PHE CA  CB   sing N N 250 
PHE CA  HA   sing N N 251 
PHE C   O    doub N N 252 
PHE C   OXT  sing N N 253 
PHE CB  CG   sing N N 254 
PHE CB  HB2  sing N N 255 
PHE CB  HB3  sing N N 256 
PHE CG  CD1  doub Y N 257 
PHE CG  CD2  sing Y N 258 
PHE CD1 CE1  sing Y N 259 
PHE CD1 HD1  sing N N 260 
PHE CD2 CE2  doub Y N 261 
PHE CD2 HD2  sing N N 262 
PHE CE1 CZ   doub Y N 263 
PHE CE1 HE1  sing N N 264 
PHE CE2 CZ   sing Y N 265 
PHE CE2 HE2  sing N N 266 
PHE CZ  HZ   sing N N 267 
PHE OXT HXT  sing N N 268 
PRO N   CA   sing N N 269 
PRO N   CD   sing N N 270 
PRO N   H    sing N N 271 
PRO CA  C    sing N N 272 
PRO CA  CB   sing N N 273 
PRO CA  HA   sing N N 274 
PRO C   O    doub N N 275 
PRO C   OXT  sing N N 276 
PRO CB  CG   sing N N 277 
PRO CB  HB2  sing N N 278 
PRO CB  HB3  sing N N 279 
PRO CG  CD   sing N N 280 
PRO CG  HG2  sing N N 281 
PRO CG  HG3  sing N N 282 
PRO CD  HD2  sing N N 283 
PRO CD  HD3  sing N N 284 
PRO OXT HXT  sing N N 285 
SER N   CA   sing N N 286 
SER N   H    sing N N 287 
SER N   H2   sing N N 288 
SER CA  C    sing N N 289 
SER CA  CB   sing N N 290 
SER CA  HA   sing N N 291 
SER C   O    doub N N 292 
SER C   OXT  sing N N 293 
SER CB  OG   sing N N 294 
SER CB  HB2  sing N N 295 
SER CB  HB3  sing N N 296 
SER OG  HG   sing N N 297 
SER OXT HXT  sing N N 298 
SO4 S   O1   doub N N 299 
SO4 S   O2   doub N N 300 
SO4 S   O3   sing N N 301 
SO4 S   O4   sing N N 302 
THR N   CA   sing N N 303 
THR N   H    sing N N 304 
THR N   H2   sing N N 305 
THR CA  C    sing N N 306 
THR CA  CB   sing N N 307 
THR CA  HA   sing N N 308 
THR C   O    doub N N 309 
THR C   OXT  sing N N 310 
THR CB  OG1  sing N N 311 
THR CB  CG2  sing N N 312 
THR CB  HB   sing N N 313 
THR OG1 HG1  sing N N 314 
THR CG2 HG21 sing N N 315 
THR CG2 HG22 sing N N 316 
THR CG2 HG23 sing N N 317 
THR OXT HXT  sing N N 318 
TRP N   CA   sing N N 319 
TRP N   H    sing N N 320 
TRP N   H2   sing N N 321 
TRP CA  C    sing N N 322 
TRP CA  CB   sing N N 323 
TRP CA  HA   sing N N 324 
TRP C   O    doub N N 325 
TRP C   OXT  sing N N 326 
TRP CB  CG   sing N N 327 
TRP CB  HB2  sing N N 328 
TRP CB  HB3  sing N N 329 
TRP CG  CD1  doub Y N 330 
TRP CG  CD2  sing Y N 331 
TRP CD1 NE1  sing Y N 332 
TRP CD1 HD1  sing N N 333 
TRP CD2 CE2  doub Y N 334 
TRP CD2 CE3  sing Y N 335 
TRP NE1 CE2  sing Y N 336 
TRP NE1 HE1  sing N N 337 
TRP CE2 CZ2  sing Y N 338 
TRP CE3 CZ3  doub Y N 339 
TRP CE3 HE3  sing N N 340 
TRP CZ2 CH2  doub Y N 341 
TRP CZ2 HZ2  sing N N 342 
TRP CZ3 CH2  sing Y N 343 
TRP CZ3 HZ3  sing N N 344 
TRP CH2 HH2  sing N N 345 
TRP OXT HXT  sing N N 346 
TYR N   CA   sing N N 347 
TYR N   H    sing N N 348 
TYR N   H2   sing N N 349 
TYR CA  C    sing N N 350 
TYR CA  CB   sing N N 351 
TYR CA  HA   sing N N 352 
TYR C   O    doub N N 353 
TYR C   OXT  sing N N 354 
TYR CB  CG   sing N N 355 
TYR CB  HB2  sing N N 356 
TYR CB  HB3  sing N N 357 
TYR CG  CD1  doub Y N 358 
TYR CG  CD2  sing Y N 359 
TYR CD1 CE1  sing Y N 360 
TYR CD1 HD1  sing N N 361 
TYR CD2 CE2  doub Y N 362 
TYR CD2 HD2  sing N N 363 
TYR CE1 CZ   doub Y N 364 
TYR CE1 HE1  sing N N 365 
TYR CE2 CZ   sing Y N 366 
TYR CE2 HE2  sing N N 367 
TYR CZ  OH   sing N N 368 
TYR OH  HH   sing N N 369 
TYR OXT HXT  sing N N 370 
VAL N   CA   sing N N 371 
VAL N   H    sing N N 372 
VAL N   H2   sing N N 373 
VAL CA  C    sing N N 374 
VAL CA  CB   sing N N 375 
VAL CA  HA   sing N N 376 
VAL C   O    doub N N 377 
VAL C   OXT  sing N N 378 
VAL CB  CG1  sing N N 379 
VAL CB  CG2  sing N N 380 
VAL CB  HB   sing N N 381 
VAL CG1 HG11 sing N N 382 
VAL CG1 HG12 sing N N 383 
VAL CG1 HG13 sing N N 384 
VAL CG2 HG21 sing N N 385 
VAL CG2 HG22 sing N N 386 
VAL CG2 HG23 sing N N 387 
VAL OXT HXT  sing N N 388 
YFN C02 C01  sing N N 389 
YFN C04 C03  sing N N 390 
YFN S05 C04  sing N N 391 
YFN O06 S05  doub N N 392 
YFN O07 S05  doub N N 393 
YFN C08 S05  sing N N 394 
YFN C03 C02  sing N N 395 
YFN N09 C02  sing N N 396 
YFN C10 N09  sing N N 397 
YFN O11 C10  doub N N 398 
YFN C12 C10  sing N N 399 
YFN C13 C12  sing N N 400 
YFN C14 C13  sing N N 401 
YFN C02 C08  sing N N 402 
YFN C12 C14  sing N N 403 
YFN C13 H132 sing N N 404 
YFN C13 H131 sing N N 405 
YFN C01 H013 sing N N 406 
YFN C01 H012 sing N N 407 
YFN C01 H011 sing N N 408 
YFN C03 H031 sing N N 409 
YFN C03 H032 sing N N 410 
YFN C04 H042 sing N N 411 
YFN C04 H041 sing N N 412 
YFN C08 H082 sing N N 413 
YFN C08 H081 sing N N 414 
YFN C12 H121 sing N N 415 
YFN C14 H142 sing N N 416 
YFN C14 H141 sing N N 417 
YFN N09 H091 sing N N 418 
# 
_pdbx_audit_support.funding_organization   
'National Institutes of Health/National Institute Of Allergy and Infectious Diseases (NIH/NIAID)' 
_pdbx_audit_support.country                'United States' 
_pdbx_audit_support.grant_number           U19AI171399 
_pdbx_audit_support.ordinal                1 
# 
_pdbx_deposit_group.group_id            G_1002288 
_pdbx_deposit_group.group_description   'Crystallographic fragment screening of Coxsackievirus A16 (G-10) 2A protease' 
_pdbx_deposit_group.group_title         
'Group deposition for crystallographic fragment screening of Coxsackievirus A16 (G-10) 2A protease' 
_pdbx_deposit_group.group_type          'changed state' 
# 
_atom_sites.entry_id                    7H3B 
_atom_sites.fract_transf_matrix[1][1]   -0.00534429 
_atom_sites.fract_transf_matrix[1][2]   0.00653408 
_atom_sites.fract_transf_matrix[1][3]   0.00804159 
_atom_sites.fract_transf_matrix[2][1]   -0.00263931 
_atom_sites.fract_transf_matrix[2][2]   -0.01447076 
_atom_sites.fract_transf_matrix[2][3]   0.01000398 
_atom_sites.fract_transf_matrix[3][1]   0.02572664 
_atom_sites.fract_transf_matrix[3][2]   0.00641561 
_atom_sites.fract_transf_matrix[3][3]   0.01606755 
_atom_sites.fract_transf_vector[1]      0.185589 
_atom_sites.fract_transf_vector[2]      0.124053 
_atom_sites.fract_transf_vector[3]      0.450858 
# 
loop_
_atom_type.symbol 
C  
N  
O  
S  
ZN 
# 
loop_
_atom_site.group_PDB 
_atom_site.id 
_atom_site.type_symbol 
_atom_site.label_atom_id 
_atom_site.label_alt_id 
_atom_site.label_comp_id 
_atom_site.label_asym_id 
_atom_site.label_entity_id 
_atom_site.label_seq_id 
_atom_site.pdbx_PDB_ins_code 
_atom_site.Cartn_x 
_atom_site.Cartn_y 
_atom_site.Cartn_z 
_atom_site.occupancy 
_atom_site.B_iso_or_equiv 
_atom_site.pdbx_formal_charge 
_atom_site.auth_seq_id 
_atom_site.auth_comp_id 
_atom_site.auth_asym_id 
_atom_site.auth_atom_id 
_atom_site.pdbx_PDB_model_num 
ATOM   1    N  N   . SER A 1 7   ? 6.711   4.320   7.137   1.00 14.02 ? 7   SER A N   1 
ATOM   2    C  CA  . SER A 1 7   ? 5.404   4.706   7.571   1.00 13.60 ? 7   SER A CA  1 
ATOM   3    C  C   . SER A 1 7   ? 4.705   5.493   6.476   1.00 13.12 ? 7   SER A C   1 
ATOM   4    O  O   . SER A 1 7   ? 5.355   5.934   5.503   1.00 14.65 ? 7   SER A O   1 
ATOM   5    C  CB  . SER A 1 7   ? 5.472   5.529   8.837   1.00 17.26 ? 7   SER A CB  1 
ATOM   6    O  OG  . SER A 1 7   ? 6.160   6.705   8.565   1.00 20.61 ? 7   SER A OG  1 
ATOM   7    N  N   . GLY A 1 8   ? 3.404   5.567   6.575   1.00 12.28 ? 8   GLY A N   1 
ATOM   8    C  CA  . GLY A 1 8   ? 2.600   6.320   5.622   1.00 12.37 ? 8   GLY A CA  1 
ATOM   9    C  C   . GLY A 1 8   ? 1.204   5.802   5.520   1.00 11.97 ? 8   GLY A C   1 
ATOM   10   O  O   . GLY A 1 8   ? 0.975   4.624   5.760   1.00 13.48 ? 8   GLY A O   1 
ATOM   11   N  N   . ALA A 1 9   ? 0.304   6.625   5.033   1.00 11.48 ? 9   ALA A N   1 
ATOM   12   C  CA  . ALA A 1 9   ? -1.078  6.222   4.855   1.00 11.44 ? 9   ALA A CA  1 
ATOM   13   C  C   . ALA A 1 9   ? -1.653  6.896   3.625   1.00 10.72 ? 9   ALA A C   1 
ATOM   14   O  O   . ALA A 1 9   ? -1.130  7.917   3.144   1.00 12.57 ? 9   ALA A O   1 
ATOM   15   C  CB  . ALA A 1 9   ? -1.900  6.576   6.066   1.00 13.40 ? 9   ALA A CB  1 
ATOM   16   N  N   . ILE A 1 10  ? -2.766  6.389   3.189   1.00 10.89 ? 10  ILE A N   1 
ATOM   17   C  CA  . ILE A 1 10  ? -3.618  7.034   2.169   1.00 11.83 ? 10  ILE A CA  1 
ATOM   18   C  C   . ILE A 1 10  ? -4.787  7.645   2.904   1.00 12.69 ? 10  ILE A C   1 
ATOM   19   O  O   . ILE A 1 10  ? -5.403  6.948   3.714   1.00 12.56 ? 10  ILE A O   1 
ATOM   20   C  CB  . ILE A 1 10  ? -4.150  6.059   1.099   1.00 10.95 ? 10  ILE A CB  1 
ATOM   21   C  CG1 . ILE A 1 10  ? -3.028  5.200   0.502   1.00 11.98 ? 10  ILE A CG1 1 
ATOM   22   C  CG2 . ILE A 1 10  ? -4.910  6.829   0.004   1.00 12.36 ? 10  ILE A CG2 1 
ATOM   23   C  CD1 . ILE A 1 10  ? -3.501  4.025   -0.282  1.00 11.73 ? 10  ILE A CD1 1 
ATOM   24   N  N   . TYR A 1 11  ? -5.128  8.891   2.576   1.00 14.08 ? 11  TYR A N   1 
ATOM   25   C  CA  . TYR A 1 11  ? -6.251  9.640   3.190   1.00 14.67 ? 11  TYR A CA  1 
ATOM   26   C  C   . TYR A 1 11  ? -7.245  9.962   2.080   1.00 15.36 ? 11  TYR A C   1 
ATOM   27   O  O   . TYR A 1 11  ? -7.033  10.936  1.354   1.00 15.51 ? 11  TYR A O   1 
ATOM   28   C  CB  . TYR A 1 11  ? -5.738  10.874  3.937   1.00 15.48 ? 11  TYR A CB  1 
ATOM   29   C  CG  . TYR A 1 11  ? -4.899  10.496  5.127   1.00 14.33 ? 11  TYR A CG  1 
ATOM   30   C  CD1 . TYR A 1 11  ? -5.511  10.146  6.332   1.00 15.63 ? 11  TYR A CD1 1 
ATOM   31   C  CD2 . TYR A 1 11  ? -3.543  10.518  5.069   1.00 16.98 ? 11  TYR A CD2 1 
ATOM   32   C  CE1 . TYR A 1 11  ? -4.772  9.767   7.436   1.00 15.03 ? 11  TYR A CE1 1 
ATOM   33   C  CE2 . TYR A 1 11  ? -2.776  10.139  6.160   1.00 16.29 ? 11  TYR A CE2 1 
ATOM   34   C  CZ  . TYR A 1 11  ? -3.408  9.747   7.328   1.00 15.24 ? 11  TYR A CZ  1 
ATOM   35   O  OH  . TYR A 1 11  ? -2.685  9.402   8.431   1.00 16.09 ? 11  TYR A OH  1 
ATOM   36   N  N   . VAL A 1 12  ? -8.239  9.129   1.967   1.00 13.90 ? 12  VAL A N   1 
ATOM   37   C  CA  . VAL A 1 12  ? -9.280  9.251   0.893   1.00 15.43 ? 12  VAL A CA  1 
ATOM   38   C  C   . VAL A 1 12  ? -10.632 9.386   1.566   1.00 16.53 ? 12  VAL A C   1 
ATOM   39   O  O   . VAL A 1 12  ? -10.995 8.554   2.413   1.00 16.43 ? 12  VAL A O   1 
ATOM   40   C  CB  . VAL A 1 12  ? -9.289  8.077   -0.117  1.00 15.59 ? 12  VAL A CB  1 
ATOM   41   C  CG1 . VAL A 1 12  ? -9.409  6.699   0.488   1.00 15.86 ? 12  VAL A CG1 1 
ATOM   42   C  CG2 . VAL A 1 12  ? -10.362 8.316   -1.175  1.00 16.31 ? 12  VAL A CG2 1 
ATOM   43   N  N   . GLY A 1 13  ? -11.357 10.473  1.290   1.00 16.31 ? 13  GLY A N   1 
ATOM   44   C  CA  . GLY A 1 13  ? -12.642 10.629  1.973   1.00 17.29 ? 13  GLY A CA  1 
ATOM   45   C  C   . GLY A 1 13  ? -12.437 10.655  3.485   1.00 14.78 ? 13  GLY A C   1 
ATOM   46   O  O   . GLY A 1 13  ? -11.567 11.353  3.936   1.00 16.34 ? 13  GLY A O   1 
ATOM   47   N  N   . ASN A 1 14  ? -13.274 9.900   4.177   1.00 17.59 ? 14  ASN A N   1 
ATOM   48   C  CA  . ASN A 1 14  ? -13.113 9.774   5.645   1.00 17.39 ? 14  ASN A CA  1 
ATOM   49   C  C   . ASN A 1 14  ? -12.431 8.453   6.014   1.00 18.01 ? 14  ASN A C   1 
ATOM   50   O  O   . ASN A 1 14  ? -12.839 7.832   7.006   1.00 19.61 ? 14  ASN A O   1 
ATOM   51   C  CB  . ASN A 1 14  ? -14.428 9.989   6.394   1.00 19.31 ? 14  ASN A CB  1 
ATOM   52   C  CG  . ASN A 1 14  ? -14.837 11.447  6.421   1.00 19.88 ? 14  ASN A CG  1 
ATOM   53   O  OD1 . ASN A 1 14  ? -14.478 12.202  7.332   1.00 24.69 ? 14  ASN A OD1 1 
ATOM   54   N  ND2 . ASN A 1 14  ? -15.495 11.878  5.365   1.00 17.86 ? 14  ASN A ND2 1 
ATOM   55   N  N   . TYR A 1 15  ? -11.512 7.973   5.171   1.00 16.80 ? 15  TYR A N   1 
ATOM   56   C  CA  . TYR A 1 15  ? -10.824 6.677   5.386   1.00 15.08 ? 15  TYR A CA  1 
ATOM   57   C  C   . TYR A 1 15  ? -9.337  6.973   5.432   1.00 13.95 ? 15  TYR A C   1 
ATOM   58   O  O   . TYR A 1 15  ? -8.776  7.864   4.757   1.00 15.04 ? 15  TYR A O   1 
ATOM   59   C  CB  . TYR A 1 15  ? -11.104 5.690   4.249   1.00 15.71 ? 15  TYR A CB  1 
ATOM   60   C  CG  . TYR A 1 15  ? -12.527 5.275   4.066   1.00 17.10 ? 15  TYR A CG  1 
ATOM   61   C  CD1 . TYR A 1 15  ? -13.245 4.661   5.075   1.00 20.42 ? 15  TYR A CD1 1 
ATOM   62   C  CD2 . TYR A 1 15  ? -13.177 5.490   2.863   1.00 18.55 ? 15  TYR A CD2 1 
ATOM   63   C  CE1 . TYR A 1 15  ? -14.566 4.291   4.912   1.00 21.12 ? 15  TYR A CE1 1 
ATOM   64   C  CE2 . TYR A 1 15  ? -14.470 5.048   2.659   1.00 18.83 ? 15  TYR A CE2 1 
ATOM   65   C  CZ  . TYR A 1 15  ? -15.181 4.472   3.687   1.00 23.54 ? 15  TYR A CZ  1 
ATOM   66   O  OH  . TYR A 1 15  ? -16.480 4.108   3.467   1.00 26.15 ? 15  TYR A OH  1 
ATOM   67   N  N   . ARG A 1 16  ? -8.664  6.161   6.269   1.00 13.46 ? 16  ARG A N   1 
ATOM   68   C  CA  . ARG A 1 16  ? -7.221  6.127   6.437   1.00 13.15 ? 16  ARG A CA  1 
ATOM   69   C  C   . ARG A 1 16  ? -6.805  4.708   6.102   1.00 12.85 ? 16  ARG A C   1 
ATOM   70   O  O   . ARG A 1 16  ? -7.315  3.747   6.718   1.00 13.21 ? 16  ARG A O   1 
ATOM   71   C  CB  . ARG A 1 16  ? -6.828  6.487   7.870   1.00 13.39 ? 16  ARG A CB  1 
ATOM   72   C  CG  . ARG A 1 16  ? -5.408  6.113   8.224   1.00 13.62 ? 16  ARG A CG  1 
ATOM   73   C  CD  . ARG A 1 16  ? -5.067  6.657   9.609   1.00 14.25 ? 16  ARG A CD  1 
ATOM   74   N  NE  . ARG A 1 16  ? -4.181  5.826   10.393  1.00 13.62 ? 16  ARG A NE  1 
ATOM   75   C  CZ  . ARG A 1 16  ? -2.906  5.879   10.426  1.00 13.67 ? 16  ARG A CZ  1 
ATOM   76   N  NH1 . ARG A 1 16  ? -2.211  6.747   9.705   1.00 15.82 ? 16  ARG A NH1 1 
ATOM   77   N  NH2 . ARG A 1 16  ? -2.252  5.008   11.178  1.00 13.96 ? 16  ARG A NH2 1 
ATOM   78   N  N   . VAL A 1 17  ? -5.964  4.554   5.075   1.00 11.58 ? 17  VAL A N   1 
ATOM   79   C  CA  . VAL A 1 17  ? -5.518  3.219   4.605   1.00 10.51 ? 17  VAL A CA  1 
ATOM   80   C  C   . VAL A 1 17  ? -4.069  3.080   4.990   1.00 10.15 ? 17  VAL A C   1 
ATOM   81   O  O   . VAL A 1 17  ? -3.260  3.901   4.601   1.00 10.91 ? 17  VAL A O   1 
ATOM   82   C  CB  . VAL A 1 17  ? -5.638  3.048   3.077   1.00 10.70 ? 17  VAL A CB  1 
ATOM   83   C  CG1 . VAL A 1 17  ? -5.317  1.595   2.736   1.00 11.56 ? 17  VAL A CG1 1 
ATOM   84   C  CG2 . VAL A 1 17  ? -6.990  3.508   2.589   1.00 11.96 ? 17  VAL A CG2 1 
ATOM   85   N  N   . VAL A 1 18  ? -3.767  2.070   5.799   1.00 10.24 ? 18  VAL A N   1 
ATOM   86   C  CA  . VAL A 1 18  ? -2.435  1.832   6.339   1.00 10.30 ? 18  VAL A CA  1 
ATOM   87   C  C   . VAL A 1 18  ? -2.059  0.387   6.114   1.00 9.93  ? 18  VAL A C   1 
ATOM   88   O  O   . VAL A 1 18  ? -2.879  -0.482  5.927   1.00 10.71 ? 18  VAL A O   1 
ATOM   89   C  CB  . VAL A 1 18  ? -2.329  2.188   7.820   1.00 11.99 ? 18  VAL A CB  1 
ATOM   90   C  CG1 . VAL A 1 18  ? -2.363  3.680   7.968   1.00 14.81 ? 18  VAL A CG1 1 
ATOM   91   C  CG2 . VAL A 1 18  ? -3.322  1.457   8.733   1.00 11.77 ? 18  VAL A CG2 1 
ATOM   92   N  N   . ASN A 1 19  ? -0.770  0.139   6.220   1.00 9.57  ? 19  ASN A N   1 
ATOM   93   C  CA  . ASN A 1 19  ? -0.337  -1.262  6.314   1.00 9.89  ? 19  ASN A CA  1 
ATOM   94   C  C   . ASN A 1 19  ? -0.919  -1.877  7.579   1.00 10.08 ? 19  ASN A C   1 
ATOM   95   O  O   . ASN A 1 19  ? -0.779  -1.299  8.654   1.00 10.31 ? 19  ASN A O   1 
ATOM   96   C  CB  . ASN A 1 19  ? 1.174   -1.371  6.397   1.00 9.74  ? 19  ASN A CB  1 
ATOM   97   C  CG  . ASN A 1 19  ? 1.883   -0.832  5.177   1.00 9.27  ? 19  ASN A CG  1 
ATOM   98   O  OD1 . ASN A 1 19  ? 2.287   0.325   5.163   1.00 10.16 ? 19  ASN A OD1 1 
ATOM   99   N  ND2 . ASN A 1 19  ? 2.068   -1.648  4.171   1.00 10.49 ? 19  ASN A ND2 1 
ATOM   100  N  N   . ARG A 1 20  ? -1.505  -3.053  7.452   1.00 9.38  ? 20  ARG A N   1 
ATOM   101  C  CA  . ARG A 1 20  ? -2.103  -3.710  8.644   1.00 10.39 ? 20  ARG A CA  1 
ATOM   102  C  C   . ARG A 1 20  ? -1.070  -3.841  9.760   1.00 10.01 ? 20  ARG A C   1 
ATOM   103  O  O   . ARG A 1 20  ? -1.395  -3.611  10.959  1.00 11.07 ? 20  ARG A O   1 
ATOM   104  C  CB  . ARG A 1 20  ? -2.640  -5.082  8.295   1.00 10.06 ? 20  ARG A CB  1 
ATOM   105  C  CG  . ARG A 1 20  ? -3.503  -5.695  9.405   1.00 11.16 ? 20  ARG A CG  1 
ATOM   106  C  CD  . ARG A 1 20  ? -3.976  -7.054  8.967   1.00 13.43 ? 20  ARG A CD  1 
ATOM   107  N  NE  . ARG A 1 20  ? -4.784  -7.805  9.956   1.00 14.31 ? 20  ARG A NE  1 
ATOM   108  C  CZ  . ARG A 1 20  ? -4.322  -8.479  10.966  1.00 15.24 ? 20  ARG A CZ  1 
ATOM   109  N  NH1 . ARG A 1 20  ? -3.058  -8.497  11.306  1.00 17.01 ? 20  ARG A NH1 1 
ATOM   110  N  NH2 . ARG A 1 20  ? -5.199  -9.177  11.693  1.00 17.89 ? 20  ARG A NH2 1 
ATOM   111  N  N   . HIS A 1 21  ? 0.180   -4.141  9.433   1.00 10.77 ? 21  HIS A N   1 
ATOM   112  C  CA  . HIS A 1 21  ? 1.219   -4.384  10.461  1.00 11.37 ? 21  HIS A CA  1 
ATOM   113  C  C   . HIS A 1 21  ? 1.630   -3.083  11.129  1.00 11.58 ? 21  HIS A C   1 
ATOM   114  O  O   . HIS A 1 21  ? 2.288   -3.159  12.208  1.00 12.91 ? 21  HIS A O   1 
ATOM   115  C  CB  . HIS A 1 21  ? 2.426   -5.174  9.932   1.00 11.48 ? 21  HIS A CB  1 
ATOM   116  C  CG  . HIS A 1 21  ? 3.337   -4.392  9.027   1.00 11.18 ? 21  HIS A CG  1 
ATOM   117  N  ND1 . HIS A 1 21  ? 3.114   -4.308  7.653   1.00 11.05 ? 21  HIS A ND1 1 
ATOM   118  C  CD2 . HIS A 1 21  ? 4.477   -3.701  9.280   1.00 11.48 ? 21  HIS A CD2 1 
ATOM   119  C  CE1 . HIS A 1 21  ? 4.086   -3.582  7.146   1.00 11.88 ? 21  HIS A CE1 1 
ATOM   120  N  NE2 . HIS A 1 21  ? 4.964   -3.208  8.088   1.00 12.48 ? 21  HIS A NE2 1 
ATOM   121  N  N   . LEU A 1 22  ? 1.246   -1.932  10.638  1.00 10.03 ? 22  LEU A N   1 
ATOM   122  C  CA  . LEU A 1 22  ? 1.567   -0.641  11.247  1.00 10.65 ? 22  LEU A CA  1 
ATOM   123  C  C   . LEU A 1 22  ? 0.332   0.029   11.816  1.00 10.28 ? 22  LEU A C   1 
ATOM   124  O  O   . LEU A 1 22  ? 0.446   1.155   12.322  1.00 11.56 ? 22  LEU A O   1 
ATOM   125  C  CB  . LEU A 1 22  ? 2.232   0.273   10.211  1.00 11.24 ? 22  LEU A CB  1 
ATOM   126  C  CG  . LEU A 1 22  ? 3.584   -0.203  9.705   1.00 11.76 ? 22  LEU A CG  1 
ATOM   127  C  CD1 . LEU A 1 22  ? 4.151   0.778   8.683   1.00 12.19 ? 22  LEU A CD1 1 
ATOM   128  C  CD2 . LEU A 1 22  ? 4.610   -0.439  10.825  1.00 12.28 ? 22  LEU A CD2 1 
ATOM   129  N  N   . ALA A 1 23  ? -0.797  -0.622  11.787  1.00 10.82 ? 23  ALA A N   1 
ATOM   130  C  CA  . ALA A 1 23  ? -2.031  -0.008  12.314  1.00 11.29 ? 23  ALA A CA  1 
ATOM   131  C  C   . ALA A 1 23  ? -1.914  0.218   13.818  1.00 11.44 ? 23  ALA A C   1 
ATOM   132  O  O   . ALA A 1 23  ? -1.301  -0.606  14.521  1.00 12.61 ? 23  ALA A O   1 
ATOM   133  C  CB  . ALA A 1 23  ? -3.213  -0.897  12.019  1.00 11.86 ? 23  ALA A CB  1 
ATOM   134  N  N   . THR A 1 24  ? -2.484  1.285   14.267  1.00 11.58 ? 24  THR A N   1 
ATOM   135  C  CA  . THR A 1 24  ? -2.408  1.678   15.689  1.00 12.01 ? 24  THR A CA  1 
ATOM   136  C  C   . THR A 1 24  ? -3.620  1.139   16.432  1.00 11.93 ? 24  THR A C   1 
ATOM   137  O  O   . THR A 1 24  ? -4.569  0.636   15.866  1.00 11.97 ? 24  THR A O   1 
ATOM   138  C  CB  . THR A 1 24  ? -2.338  3.203   15.816  1.00 13.08 ? 24  THR A CB  1 
ATOM   139  O  OG1 . THR A 1 24  ? -3.579  3.699   15.350  1.00 13.43 ? 24  THR A OG1 1 
ATOM   140  C  CG2 . THR A 1 24  ? -1.189  3.837   15.051  1.00 15.16 ? 24  THR A CG2 1 
ATOM   141  N  N   . HIS A 1 25  ? -3.571  1.270   17.772  1.00 12.64 ? 25  HIS A N   1 
ATOM   142  C  CA  . HIS A 1 25  ? -4.765  0.938   18.567  1.00 13.44 ? 25  HIS A CA  1 
ATOM   143  C  C   . HIS A 1 25  ? -5.949  1.782   18.089  1.00 12.57 ? 25  HIS A C   1 
ATOM   144  O  O   . HIS A 1 25  ? -7.032  1.269   17.966  1.00 12.68 ? 25  HIS A O   1 
ATOM   145  C  CB  . HIS A 1 25  ? -4.504  1.102   20.075  1.00 14.42 ? 25  HIS A CB  1 
ATOM   146  C  CG  . HIS A 1 25  ? -5.792  1.167   20.850  1.00 16.71 ? 25  HIS A CG  1 
ATOM   147  N  ND1 . HIS A 1 25  ? -6.534  0.064   21.156  1.00 18.77 ? 25  HIS A ND1 1 
ATOM   148  C  CD2 . HIS A 1 25  ? -6.564  2.228   21.226  1.00 19.76 ? 25  HIS A CD2 1 
ATOM   149  C  CE1 . HIS A 1 25  ? -7.596  0.392   21.844  1.00 18.71 ? 25  HIS A CE1 1 
ATOM   150  N  NE2 . HIS A 1 25  ? -7.694  1.737   21.837  1.00 21.49 ? 25  HIS A NE2 1 
ATOM   151  N  N   . ASN A 1 26  ? -5.733  3.072   17.831  1.00 12.96 ? 26  ASN A N   1 
ATOM   152  C  CA  . ASN A 1 26  ? -6.851  3.934   17.382  1.00 14.62 ? 26  ASN A CA  1 
ATOM   153  C  C   . ASN A 1 26  ? -7.404  3.420   16.048  1.00 13.42 ? 26  ASN A C   1 
ATOM   154  O  O   . ASN A 1 26  ? -8.590  3.434   15.799  1.00 13.40 ? 26  ASN A O   1 
ATOM   155  C  CB  . ASN A 1 26  ? -6.393  5.385   17.223  1.00 17.57 ? 26  ASN A CB  1 
ATOM   156  C  CG  . ASN A 1 26  ? -7.567  6.285   16.931  1.00 23.87 ? 26  ASN A CG  1 
ATOM   157  O  OD1 . ASN A 1 26  ? -8.356  6.584   17.844  1.00 27.83 ? 26  ASN A OD1 1 
ATOM   158  N  ND2 . ASN A 1 26  ? -7.786  6.605   15.664  1.00 25.75 ? 26  ASN A ND2 1 
ATOM   159  N  N   . ASP A 1 27  ? -6.525  2.942   15.159  1.00 12.74 ? 27  ASP A N   1 
ATOM   160  C  CA  . ASP A 1 27  ? -7.014  2.373   13.891  1.00 12.55 ? 27  ASP A CA  1 
ATOM   161  C  C   . ASP A 1 27  ? -7.930  1.203   14.164  1.00 11.52 ? 27  ASP A C   1 
ATOM   162  O  O   . ASP A 1 27  ? -9.028  1.093   13.576  1.00 12.04 ? 27  ASP A O   1 
ATOM   163  C  CB  . ASP A 1 27  ? -5.864  1.917   12.979  1.00 12.65 ? 27  ASP A CB  1 
ATOM   164  C  CG  . ASP A 1 27  ? -5.065  3.023   12.323  1.00 13.26 ? 27  ASP A CG  1 
ATOM   165  O  OD1 . ASP A 1 27  ? -5.689  4.048   11.915  1.00 14.01 ? 27  ASP A OD1 1 
ATOM   166  O  OD2 . ASP A 1 27  ? -3.848  2.915   12.295  1.00 12.40 ? 27  ASP A OD2 1 
ATOM   167  N  N   . TRP A 1 28  ? -7.496  0.259   15.020  1.00 11.49 ? 28  TRP A N   1 
ATOM   168  C  CA  . TRP A 1 28  ? -8.299  -0.940  15.315  1.00 11.80 ? 28  TRP A CA  1 
ATOM   169  C  C   . TRP A 1 28  ? -9.600  -0.560  16.039  1.00 10.53 ? 28  TRP A C   1 
ATOM   170  O  O   . TRP A 1 28  ? -10.552 -1.202  15.831  1.00 12.21 ? 28  TRP A O   1 
ATOM   171  C  CB  . TRP A 1 28  ? -7.494  -1.932  16.167  1.00 11.26 ? 28  TRP A CB  1 
ATOM   172  C  CG  . TRP A 1 28  ? -6.481  -2.708  15.374  1.00 10.62 ? 28  TRP A CG  1 
ATOM   173  C  CD1 . TRP A 1 28  ? -5.134  -2.560  15.290  1.00 11.75 ? 28  TRP A CD1 1 
ATOM   174  C  CD2 . TRP A 1 28  ? -6.829  -3.859  14.591  1.00 10.64 ? 28  TRP A CD2 1 
ATOM   175  N  NE1 . TRP A 1 28  ? -4.645  -3.534  14.447  1.00 10.78 ? 28  TRP A NE1 1 
ATOM   176  C  CE2 . TRP A 1 28  ? -5.639  -4.369  14.034  1.00 10.16 ? 28  TRP A CE2 1 
ATOM   177  C  CE3 . TRP A 1 28  ? -8.024  -4.551  14.343  1.00 11.11 ? 28  TRP A CE3 1 
ATOM   178  C  CZ2 . TRP A 1 28  ? -5.637  -5.530  13.247  1.00 11.75 ? 28  TRP A CZ2 1 
ATOM   179  C  CZ3 . TRP A 1 28  ? -8.027  -5.655  13.538  1.00 11.79 ? 28  TRP A CZ3 1 
ATOM   180  C  CH2 . TRP A 1 28  ? -6.841  -6.134  12.971  1.00 11.79 ? 28  TRP A CH2 1 
ATOM   181  N  N   . ALA A 1 29  ? -9.561  0.493   16.848  1.00 11.74 ? 29  ALA A N   1 
ATOM   182  C  CA  . ALA A 1 29  ? -10.758 0.952   17.588  1.00 12.82 ? 29  ALA A CA  1 
ATOM   183  C  C   . ALA A 1 29  ? -11.736 1.678   16.665  1.00 14.62 ? 29  ALA A C   1 
ATOM   184  O  O   . ALA A 1 29  ? -12.923 1.876   17.056  1.00 16.36 ? 29  ALA A O   1 
ATOM   185  C  CB  . ALA A 1 29  ? -10.355 1.830   18.739  1.00 13.12 ? 29  ALA A CB  1 
ATOM   186  N  N   . ASN A 1 30  ? -11.282 2.071   15.467  1.00 14.45 ? 30  ASN A N   1 
ATOM   187  C  CA  . ASN A 1 30  ? -12.118 2.797   14.470  1.00 14.76 ? 30  ASN A CA  1 
ATOM   188  C  C   . ASN A 1 30  ? -12.105 1.991   13.182  1.00 14.93 ? 30  ASN A C   1 
ATOM   189  O  O   . ASN A 1 30  ? -12.035 2.622   12.082  1.00 15.55 ? 30  ASN A O   1 
ATOM   190  C  CB  . ASN A 1 30  ? -11.600 4.218   14.347  1.00 15.87 ? 30  ASN A CB  1 
ATOM   191  C  CG  . ASN A 1 30  ? -11.878 5.012   15.608  1.00 18.13 ? 30  ASN A CG  1 
ATOM   192  O  OD1 . ASN A 1 30  ? -12.994 5.470   15.826  1.00 21.36 ? 30  ASN A OD1 1 
ATOM   193  N  ND2 . ASN A 1 30  ? -10.893 5.160   16.439  1.00 19.03 ? 30  ASN A ND2 1 
ATOM   194  N  N   . LEU A 1 31  ? -12.121 0.693   13.247  1.00 14.33 ? 31  LEU A N   1 
ATOM   195  C  CA  . LEU A 1 31  ? -11.833 -0.194  12.108  1.00 14.27 ? 31  LEU A CA  1 
ATOM   196  C  C   . LEU A 1 31  ? -12.984 -0.115  11.112  1.00 16.11 ? 31  LEU A C   1 
ATOM   197  O  O   . LEU A 1 31  ? -14.184 -0.173  11.475  1.00 17.27 ? 31  LEU A O   1 
ATOM   198  C  CB  . LEU A 1 31  ? -11.688 -1.626  12.597  1.00 14.40 ? 31  LEU A CB  1 
ATOM   199  C  CG  . LEU A 1 31  ? -11.400 -2.651  11.512  1.00 14.37 ? 31  LEU A CG  1 
ATOM   200  C  CD1 . LEU A 1 31  ? -10.064 -2.408  10.844  1.00 16.05 ? 31  LEU A CD1 1 
ATOM   201  C  CD2 . LEU A 1 31  ? -11.426 -4.035  12.106  1.00 14.88 ? 31  LEU A CD2 1 
ATOM   202  N  N   . VAL A 1 32  ? -12.620 -0.011  9.842   1.00 14.35 ? 32  VAL A N   1 
ATOM   203  C  CA  . VAL A 1 32  ? -13.591 -0.197  8.732   1.00 15.66 ? 32  VAL A CA  1 
ATOM   204  C  C   . VAL A 1 32  ? -13.418 -1.566  8.100   1.00 15.55 ? 32  VAL A C   1 
ATOM   205  O  O   . VAL A 1 32  ? -14.396 -2.267  7.875   1.00 17.92 ? 32  VAL A O   1 
ATOM   206  C  CB  . VAL A 1 32  ? -13.401 0.936   7.715   1.00 16.43 ? 32  VAL A CB  1 
ATOM   207  C  CG1 . VAL A 1 32  ? -14.253 0.729   6.468   1.00 16.90 ? 32  VAL A CG1 1 
ATOM   208  C  CG2 . VAL A 1 32  ? -13.694 2.281   8.340   1.00 17.44 ? 32  VAL A CG2 1 
ATOM   209  N  N   . TRP A 1 33  ? -12.183 -1.997  7.821   1.00 14.00 ? 33  TRP A N   1 
ATOM   210  C  CA  . TRP A 1 33  ? -11.928 -3.224  7.065   1.00 13.87 ? 33  TRP A CA  1 
ATOM   211  C  C   . TRP A 1 33  ? -10.456 -3.606  7.237   1.00 12.47 ? 33  TRP A C   1 
ATOM   212  O  O   . TRP A 1 33  ? -9.636  -2.680  7.318   1.00 13.57 ? 33  TRP A O   1 
ATOM   213  C  CB  . TRP A 1 33  ? -12.306 -3.034  5.582   1.00 15.89 ? 33  TRP A CB  1 
ATOM   214  C  CG  . TRP A 1 33  ? -11.838 -4.110  4.659   1.00 15.51 ? 33  TRP A CG  1 
ATOM   215  C  CD1 . TRP A 1 33  ? -12.470 -5.274  4.385   1.00 18.25 ? 33  TRP A CD1 1 
ATOM   216  C  CD2 . TRP A 1 33  ? -10.629 -4.136  3.868   1.00 14.19 ? 33  TRP A CD2 1 
ATOM   217  N  NE1 . TRP A 1 33  ? -11.747 -6.031  3.493   1.00 18.79 ? 33  TRP A NE1 1 
ATOM   218  C  CE2 . TRP A 1 33  ? -10.605 -5.346  3.152   1.00 16.21 ? 33  TRP A CE2 1 
ATOM   219  C  CE3 . TRP A 1 33  ? -9.545  -3.278  3.731   1.00 13.76 ? 33  TRP A CE3 1 
ATOM   220  C  CZ2 . TRP A 1 33  ? -9.609  -5.658  2.220   1.00 16.36 ? 33  TRP A CZ2 1 
ATOM   221  C  CZ3 . TRP A 1 33  ? -8.573  -3.599  2.796   1.00 14.72 ? 33  TRP A CZ3 1 
ATOM   222  C  CH2 . TRP A 1 33  ? -8.571  -4.787  2.106   1.00 15.35 ? 33  TRP A CH2 1 
ATOM   223  N  N   . GLU A 1 34  ? -10.140 -4.875  7.309   1.00 13.30 ? 34  GLU A N   1 
ATOM   224  C  CA  . GLU A 1 34  ? -8.721  -5.281  7.358   1.00 13.52 ? 34  GLU A CA  1 
ATOM   225  C  C   . GLU A 1 34  ? -8.547  -6.640  6.724   1.00 13.48 ? 34  GLU A C   1 
ATOM   226  O  O   . GLU A 1 34  ? -9.516  -7.462  6.756   1.00 15.38 ? 34  GLU A O   1 
ATOM   227  C  CB  . GLU A 1 34  ? -8.151  -5.314  8.780   1.00 13.29 ? 34  GLU A CB  1 
ATOM   228  C  CG  . GLU A 1 34  ? -8.949  -6.150  9.779   1.00 14.44 ? 34  GLU A CG  1 
ATOM   229  C  CD  . GLU A 1 34  ? -8.624  -7.644  9.815   1.00 14.91 ? 34  GLU A CD  1 
ATOM   230  O  OE1 . GLU A 1 34  ? -9.493  -8.403  10.308  1.00 16.81 ? 34  GLU A OE1 1 
ATOM   231  O  OE2 . GLU A 1 34  ? -7.557  -8.057  9.398   1.00 14.76 ? 34  GLU A OE2 1 
ATOM   232  N  N   . ASP A 1 35  ? -7.375  -6.897  6.187   1.00 13.70 ? 35  ASP A N   1 
ATOM   233  C  CA  . ASP A 1 35  ? -7.077  -8.174  5.505   1.00 13.78 ? 35  ASP A CA  1 
ATOM   234  C  C   . ASP A 1 35  ? -5.594  -8.470  5.697   1.00 14.04 ? 35  ASP A C   1 
ATOM   235  O  O   . ASP A 1 35  ? -4.751  -7.791  5.108   1.00 13.26 ? 35  ASP A O   1 
ATOM   236  C  CB  . ASP A 1 35  ? -7.489  -8.071  4.028   1.00 14.59 ? 35  ASP A CB  1 
ATOM   237  C  CG  . ASP A 1 35  ? -7.283  -9.342  3.238   1.00 15.74 ? 35  ASP A CG  1 
ATOM   238  O  OD1 . ASP A 1 35  ? -6.254  -10.007 3.406   1.00 17.13 ? 35  ASP A OD1 1 
ATOM   239  O  OD2 . ASP A 1 35  ? -8.162  -9.580  2.360   1.00 20.41 ? 35  ASP A OD2 1 
ATOM   240  N  N   A SER A 1 36  ? -5.221  -9.459  6.515   0.25 14.66 ? 36  SER A N   1 
ATOM   241  N  N   B SER A 1 36  ? -5.221  -9.459  6.515   0.25 14.66 ? 36  SER A N   1 
ATOM   242  C  CA  A SER A 1 36  ? -3.816  -9.815  6.797   0.25 14.00 ? 36  SER A CA  1 
ATOM   243  C  CA  B SER A 1 36  ? -3.820  -9.819  6.797   0.25 15.47 ? 36  SER A CA  1 
ATOM   244  C  C   A SER A 1 36  ? -3.131  -10.271 5.511   0.25 13.61 ? 36  SER A C   1 
ATOM   245  C  C   B SER A 1 36  ? -3.131  -10.271 5.511   0.25 13.61 ? 36  SER A C   1 
ATOM   246  O  O   A SER A 1 36  ? -1.978  -9.934  5.325   0.25 15.43 ? 36  SER A O   1 
ATOM   247  O  O   B SER A 1 36  ? -1.978  -9.934  5.325   0.25 15.43 ? 36  SER A O   1 
ATOM   248  C  CB  A SER A 1 36  ? -3.713  -10.925 7.835   0.25 14.14 ? 36  SER A CB  1 
ATOM   249  C  CB  B SER A 1 36  ? -3.777  -10.930 7.815   0.25 17.51 ? 36  SER A CB  1 
ATOM   250  O  OG  A SER A 1 36  ? -2.380  -11.383 7.976   0.25 12.70 ? 36  SER A OG  1 
ATOM   251  O  OG  B SER A 1 36  ? -4.905  -11.772 7.639   0.25 20.32 ? 36  SER A OG  1 
ATOM   252  N  N   . SER A 1 37  ? -3.849  -11.063 4.709   1.00 15.59 ? 37  SER A N   1 
ATOM   253  C  CA  . SER A 1 37  ? -3.216  -11.598 3.474   1.00 14.95 ? 37  SER A CA  1 
ATOM   254  C  C   . SER A 1 37  ? -2.773  -10.461 2.550   1.00 14.43 ? 37  SER A C   1 
ATOM   255  O  O   . SER A 1 37  ? -1.816  -10.650 1.818   1.00 15.48 ? 37  SER A O   1 
ATOM   256  C  CB  . SER A 1 37  ? -4.075  -12.532 2.695   1.00 15.30 ? 37  SER A CB  1 
ATOM   257  O  OG  . SER A 1 37  ? -5.137  -11.885 2.101   1.00 19.83 ? 37  SER A OG  1 
ATOM   258  N  N   . ARG A 1 38  ? -3.406  -9.299  2.651   1.00 11.98 ? 38  ARG A N   1 
ATOM   259  C  CA  . ARG A 1 38  ? -3.053  -8.115  1.805   1.00 12.29 ? 38  ARG A CA  1 
ATOM   260  C  C   . ARG A 1 38  ? -2.142  -7.117  2.537   1.00 11.65 ? 38  ARG A C   1 
ATOM   261  O  O   . ARG A 1 38  ? -1.731  -6.139  1.920   1.00 12.01 ? 38  ARG A O   1 
ATOM   262  C  CB  . ARG A 1 38  ? -4.337  -7.416  1.349   1.00 13.05 ? 38  ARG A CB  1 
ATOM   263  C  CG  . ARG A 1 38  ? -5.217  -8.262  0.451   1.00 12.93 ? 38  ARG A CG  1 
ATOM   264  C  CD  . ARG A 1 38  ? -6.452  -7.500  0.078   1.00 12.80 ? 38  ARG A CD  1 
ATOM   265  N  NE  . ARG A 1 38  ? -6.180  -6.332  -0.762  1.00 11.33 ? 38  ARG A NE  1 
ATOM   266  C  CZ  . ARG A 1 38  ? -6.983  -5.917  -1.733  1.00 12.21 ? 38  ARG A CZ  1 
ATOM   267  N  NH1 . ARG A 1 38  ? -8.190  -6.457  -1.916  1.00 13.17 ? 38  ARG A NH1 1 
ATOM   268  N  NH2 . ARG A 1 38  ? -6.630  -4.903  -2.523  1.00 12.21 ? 38  ARG A NH2 1 
ATOM   269  N  N   . ASP A 1 39  ? -1.961  -7.288  3.851   1.00 11.74 ? 39  ASP A N   1 
ATOM   270  C  CA  . ASP A 1 39  ? -1.257  -6.286  4.671   1.00 11.31 ? 39  ASP A CA  1 
ATOM   271  C  C   . ASP A 1 39  ? -1.983  -4.941  4.650   1.00 9.70  ? 39  ASP A C   1 
ATOM   272  O  O   . ASP A 1 39  ? -1.303  -3.940  4.654   1.00 10.86 ? 39  ASP A O   1 
ATOM   273  C  CB  . ASP A 1 39  ? 0.233   -6.148  4.298   1.00 11.61 ? 39  ASP A CB  1 
ATOM   274  C  CG  . ASP A 1 39  ? 1.017   -5.220  5.211   1.00 12.05 ? 39  ASP A CG  1 
ATOM   275  O  OD1 . ASP A 1 39  ? 0.750   -5.258  6.465   1.00 12.11 ? 39  ASP A OD1 1 
ATOM   276  O  OD2 . ASP A 1 39  ? 1.901   -4.489  4.743   1.00 12.22 ? 39  ASP A OD2 1 
ATOM   277  N  N   . LEU A 1 40  ? -3.332  -4.941  4.624   1.00 10.08 ? 40  LEU A N   1 
ATOM   278  C  CA  . LEU A 1 40  ? -4.082  -3.685  4.630   1.00 10.23 ? 40  LEU A CA  1 
ATOM   279  C  C   . LEU A 1 40  ? -5.030  -3.571  5.814   1.00 9.92  ? 40  LEU A C   1 
ATOM   280  O  O   . LEU A 1 40  ? -5.655  -4.548  6.185   1.00 10.94 ? 40  LEU A O   1 
ATOM   281  C  CB  . LEU A 1 40  ? -4.846  -3.501  3.329   1.00 10.58 ? 40  LEU A CB  1 
ATOM   282  C  CG  . LEU A 1 40  ? -4.028  -3.187  2.079   1.00 10.75 ? 40  LEU A CG  1 
ATOM   283  C  CD1 . LEU A 1 40  ? -4.990  -3.034  0.898   1.00 11.57 ? 40  LEU A CD1 1 
ATOM   284  C  CD2 . LEU A 1 40  ? -3.229  -1.927  2.245   1.00 10.90 ? 40  LEU A CD2 1 
ATOM   285  N  N   . LEU A 1 41  ? -5.192  -2.351  6.264   1.00 10.17 ? 41  LEU A N   1 
ATOM   286  C  CA  . LEU A 1 41  ? -6.215  -2.004  7.253   1.00 10.49 ? 41  LEU A CA  1 
ATOM   287  C  C   . LEU A 1 41  ? -6.717  -0.617  6.905   1.00 10.19 ? 41  LEU A C   1 
ATOM   288  O  O   . LEU A 1 41  ? -5.914  0.269   6.561   1.00 11.04 ? 41  LEU A O   1 
ATOM   289  C  CB  . LEU A 1 41  ? -5.643  -2.118  8.662   1.00 10.45 ? 41  LEU A CB  1 
ATOM   290  C  CG  . LEU A 1 41  ? -6.632  -1.819  9.795   1.00 11.05 ? 41  LEU A CG  1 
ATOM   291  C  CD1 . LEU A 1 41  ? -6.353  -2.685  11.021  1.00 10.92 ? 41  LEU A CD1 1 
ATOM   292  C  CD2 . LEU A 1 41  ? -6.642  -0.370  10.152  1.00 11.15 ? 41  LEU A CD2 1 
ATOM   293  N  N   . VAL A 1 42  ? -8.003  -0.442  7.051   1.00 11.14 ? 42  VAL A N   1 
ATOM   294  C  CA  . VAL A 1 42  ? -8.655  0.855   6.825   1.00 11.85 ? 42  VAL A CA  1 
ATOM   295  C  C   . VAL A 1 42  ? -9.437  1.226   8.096   1.00 12.22 ? 42  VAL A C   1 
ATOM   296  O  O   . VAL A 1 42  ? -10.209 0.392   8.544   1.00 13.40 ? 42  VAL A O   1 
ATOM   297  C  CB  . VAL A 1 42  ? -9.591  0.814   5.611   1.00 12.79 ? 42  VAL A CB  1 
ATOM   298  C  CG1 . VAL A 1 42  ? -10.243 2.159   5.417   1.00 13.48 ? 42  VAL A CG1 1 
ATOM   299  C  CG2 . VAL A 1 42  ? -8.846  0.365   4.352   1.00 13.08 ? 42  VAL A CG2 1 
ATOM   300  N  N   . SER A 1 43  ? -9.245  2.437   8.540   1.00 12.66 ? 43  SER A N   1 
ATOM   301  C  CA  . SER A 1 43  ? -9.931  3.038   9.709   1.00 12.67 ? 43  SER A CA  1 
ATOM   302  C  C   . SER A 1 43  ? -10.657 4.320   9.276   1.00 15.32 ? 43  SER A C   1 
ATOM   303  O  O   . SER A 1 43  ? -10.370 4.921   8.180   1.00 14.34 ? 43  SER A O   1 
ATOM   304  C  CB  . SER A 1 43  ? -8.929  3.287   10.820  1.00 12.76 ? 43  SER A CB  1 
ATOM   305  O  OG  . SER A 1 43  ? -7.953  4.252   10.491  1.00 14.32 ? 43  SER A OG  1 
ATOM   306  N  N   . SER A 1 44  ? -11.581 4.781   10.109  1.00 15.49 ? 44  SER A N   1 
ATOM   307  C  CA  . SER A 1 44  ? -12.399 5.993   9.850   1.00 16.81 ? 44  SER A CA  1 
ATOM   308  C  C   . SER A 1 44  ? -11.676 7.242   10.345  1.00 18.15 ? 44  SER A C   1 
ATOM   309  O  O   . SER A 1 44  ? -10.931 7.155   11.370  1.00 21.18 ? 44  SER A O   1 
ATOM   310  C  CB  . SER A 1 44  ? -13.754 5.829   10.462  1.00 19.61 ? 44  SER A CB  1 
ATOM   311  O  OG  . SER A 1 44  ? -13.621 5.744   11.870  1.00 22.08 ? 44  SER A OG  1 
ATOM   312  N  N   . THR A 1 45  ? -11.844 8.403   9.692   1.00 18.20 ? 45  THR A N   1 
ATOM   313  C  CA  . THR A 1 45  ? -11.176 9.684   10.051  1.00 19.33 ? 45  THR A CA  1 
ATOM   314  C  C   . THR A 1 45  ? -12.230 10.781  10.319  1.00 21.35 ? 45  THR A C   1 
ATOM   315  O  O   . THR A 1 45  ? -13.331 10.705  9.757   1.00 22.00 ? 45  THR A O   1 
ATOM   316  C  CB  . THR A 1 45  ? -10.245 10.202  8.950   1.00 19.19 ? 45  THR A CB  1 
ATOM   317  O  OG1 . THR A 1 45  ? -10.990 10.566  7.794   1.00 20.90 ? 45  THR A OG1 1 
ATOM   318  C  CG2 . THR A 1 45  ? -9.243  9.157   8.519   1.00 19.81 ? 45  THR A CG2 1 
ATOM   319  N  N   . THR A 1 46  ? -11.898 11.777  11.125  1.00 24.26 ? 46  THR A N   1 
ATOM   320  C  CA  . THR A 1 46  ? -12.871 12.867  11.363  1.00 25.91 ? 46  THR A CA  1 
ATOM   321  C  C   . THR A 1 46  ? -12.770 13.855  10.199  1.00 25.02 ? 46  THR A C   1 
ATOM   322  O  O   . THR A 1 46  ? -13.818 14.258  9.714   1.00 30.49 ? 46  THR A O   1 
ATOM   323  C  CB  . THR A 1 46  ? -12.675 13.409  12.777  1.00 26.70 ? 46  THR A CB  1 
ATOM   324  O  OG1 . THR A 1 46  ? -11.332 13.854  12.942  1.00 33.58 ? 46  THR A OG1 1 
ATOM   325  C  CG2 . THR A 1 46  ? -12.935 12.340  13.804  1.00 28.87 ? 46  THR A CG2 1 
ATOM   326  N  N   . ALA A 1 47  ? -11.556 14.215  9.783   1.00 24.54 ? 47  ALA A N   1 
ATOM   327  C  CA  . ALA A 1 47  ? -11.298 15.167  8.674   1.00 20.67 ? 47  ALA A CA  1 
ATOM   328  C  C   . ALA A 1 47  ? -11.258 14.397  7.352   1.00 21.15 ? 47  ALA A C   1 
ATOM   329  O  O   . ALA A 1 47  ? -10.786 13.255  7.357   1.00 20.61 ? 47  ALA A O   1 
ATOM   330  C  CB  . ALA A 1 47  ? -10.009 15.901  8.921   1.00 24.72 ? 47  ALA A CB  1 
ATOM   331  N  N   . GLN A 1 48  ? -11.735 14.990  6.256   1.00 19.93 ? 48  GLN A N   1 
ATOM   332  C  CA  . GLN A 1 48  ? -11.621 14.401  4.890   1.00 19.17 ? 48  GLN A CA  1 
ATOM   333  C  C   . GLN A 1 48  ? -10.187 14.555  4.383   1.00 16.76 ? 48  GLN A C   1 
ATOM   334  O  O   . GLN A 1 48  ? -9.443  15.452  4.781   1.00 19.54 ? 48  GLN A O   1 
ATOM   335  C  CB  . GLN A 1 48  ? -12.621 15.054  3.942   1.00 20.55 ? 48  GLN A CB  1 
ATOM   336  C  CG  . GLN A 1 48  ? -14.057 14.639  4.198   1.00 26.40 ? 48  GLN A CG  1 
ATOM   337  C  CD  . GLN A 1 48  ? -14.896 15.329  3.161   1.00 34.42 ? 48  GLN A CD  1 
ATOM   338  O  OE1 . GLN A 1 48  ? -15.102 16.537  3.232   1.00 40.75 ? 48  GLN A OE1 1 
ATOM   339  N  NE2 . GLN A 1 48  ? -15.247 14.609  2.113   1.00 42.57 ? 48  GLN A NE2 1 
ATOM   340  N  N   . GLY A 1 49  ? -9.771  13.582  3.573   1.00 17.18 ? 49  GLY A N   1 
ATOM   341  C  CA  . GLY A 1 49  ? -8.392  13.486  3.078   1.00 17.75 ? 49  GLY A CA  1 
ATOM   342  C  C   . GLY A 1 49  ? -8.172  13.989  1.669   1.00 15.84 ? 49  GLY A C   1 
ATOM   343  O  O   . GLY A 1 49  ? -9.143  14.209  0.932   1.00 17.28 ? 49  GLY A O   1 
ATOM   344  N  N   . CYS A 1 50  ? -6.911  14.162  1.325   1.00 16.10 ? 50  CYS A N   1 
ATOM   345  C  CA  . CYS A 1 50  ? -6.488  14.863  0.111   1.00 17.01 ? 50  CYS A CA  1 
ATOM   346  C  C   . CYS A 1 50  ? -6.260  13.879  -1.037  1.00 16.49 ? 50  CYS A C   1 
ATOM   347  O  O   . CYS A 1 50  ? -6.076  14.365  -2.134  1.00 17.19 ? 50  CYS A O   1 
ATOM   348  C  CB  . CYS A 1 50  ? -5.198  15.654  0.341   1.00 17.48 ? 50  CYS A CB  1 
ATOM   349  S  SG  . CYS A 1 50  ? -5.347  17.099  1.432   1.00 20.12 ? 50  CYS A SG  1 
ATOM   350  N  N   . ASP A 1 51  ? -6.281  12.570  -0.825  1.00 15.52 ? 51  ASP A N   1 
ATOM   351  C  CA  . ASP A 1 51  ? -5.901  11.618  -1.905  1.00 14.06 ? 51  ASP A CA  1 
ATOM   352  C  C   . ASP A 1 51  ? -7.091  11.129  -2.717  1.00 14.89 ? 51  ASP A C   1 
ATOM   353  O  O   . ASP A 1 51  ? -8.195  10.966  -2.229  1.00 16.35 ? 51  ASP A O   1 
ATOM   354  C  CB  . ASP A 1 51  ? -5.127  10.445  -1.288  1.00 14.40 ? 51  ASP A CB  1 
ATOM   355  C  CG  . ASP A 1 51  ? -3.856  10.832  -0.593  1.00 15.01 ? 51  ASP A CG  1 
ATOM   356  O  OD1 . ASP A 1 51  ? -3.078  11.642  -1.114  1.00 19.32 ? 51  ASP A OD1 1 
ATOM   357  O  OD2 . ASP A 1 51  ? -3.607  10.250  0.491   1.00 16.10 ? 51  ASP A OD2 1 
ATOM   358  N  N   . THR A 1 52  ? -6.802  10.820  -3.972  1.00 12.94 ? 52  THR A N   1 
ATOM   359  C  CA  . THR A 1 52  ? -7.710  10.180  -4.935  1.00 13.73 ? 52  THR A CA  1 
ATOM   360  C  C   . THR A 1 52  ? -7.164  8.792   -5.281  1.00 11.49 ? 52  THR A C   1 
ATOM   361  O  O   . THR A 1 52  ? -5.970  8.685   -5.522  1.00 12.59 ? 52  THR A O   1 
ATOM   362  C  CB  . THR A 1 52  ? -7.803  10.997  -6.230  1.00 14.84 ? 52  THR A CB  1 
ATOM   363  O  OG1 . THR A 1 52  ? -8.355  12.292  -5.936  1.00 17.24 ? 52  THR A OG1 1 
ATOM   364  C  CG2 . THR A 1 52  ? -8.686  10.384  -7.294  1.00 17.17 ? 52  THR A CG2 1 
ATOM   365  N  N   . ILE A 1 53  ? -8.015  7.802   -5.276  1.00 11.48 ? 53  ILE A N   1 
ATOM   366  C  CA  . ILE A 1 53  ? -7.593  6.430   -5.619  1.00 11.14 ? 53  ILE A CA  1 
ATOM   367  C  C   . ILE A 1 53  ? -7.663  6.282   -7.129  1.00 10.59 ? 53  ILE A C   1 
ATOM   368  O  O   . ILE A 1 53  ? -8.698  6.622   -7.755  1.00 12.04 ? 53  ILE A O   1 
ATOM   369  C  CB  . ILE A 1 53  ? -8.443  5.388   -4.900  1.00 11.77 ? 53  ILE A CB  1 
ATOM   370  C  CG1 . ILE A 1 53  ? -8.524  5.651   -3.377  1.00 11.71 ? 53  ILE A CG1 1 
ATOM   371  C  CG2 . ILE A 1 53  ? -7.942  3.991   -5.208  1.00 11.05 ? 53  ILE A CG2 1 
ATOM   372  C  CD1 . ILE A 1 53  ? -7.193  5.630   -2.695  1.00 12.14 ? 53  ILE A CD1 1 
ATOM   373  N  N   . ALA A 1 54  ? -6.625  5.704   -7.715  1.00 10.52 ? 54  ALA A N   1 
ATOM   374  C  CA  . ALA A 1 54  ? -6.607  5.328   -9.129  1.00 9.88  ? 54  ALA A CA  1 
ATOM   375  C  C   . ALA A 1 54  ? -7.637  4.235   -9.373  1.00 9.74  ? 54  ALA A C   1 
ATOM   376  O  O   . ALA A 1 54  ? -7.744  3.305   -8.591  1.00 10.31 ? 54  ALA A O   1 
ATOM   377  C  CB  . ALA A 1 54  ? -5.228  4.843   -9.476  1.00 10.21 ? 54  ALA A CB  1 
ATOM   378  N  N   . ARG A 1 55  ? -8.310  4.307   -10.541 1.00 10.17 ? 55  ARG A N   1 
ATOM   379  C  CA  . ARG A 1 55  ? -9.205  3.233   -11.004 1.00 10.61 ? 55  ARG A CA  1 
ATOM   380  C  C   . ARG A 1 55  ? -8.782  2.928   -12.426 1.00 9.78  ? 55  ARG A C   1 
ATOM   381  O  O   . ARG A 1 55  ? -9.173  3.624   -13.340 1.00 11.13 ? 55  ARG A O   1 
ATOM   382  C  CB  . ARG A 1 55  ? -10.686 3.610   -10.891 1.00 11.50 ? 55  ARG A CB  1 
ATOM   383  C  CG  . ARG A 1 55  ? -11.112 4.031   -9.493  1.00 12.55 ? 55  ARG A CG  1 
ATOM   384  C  CD  . ARG A 1 55  ? -11.049 2.939   -8.442  1.00 12.10 ? 55  ARG A CD  1 
ATOM   385  N  NE  . ARG A 1 55  ? -11.424 3.443   -7.095  1.00 13.50 ? 55  ARG A NE  1 
ATOM   386  C  CZ  . ARG A 1 55  ? -11.123 2.808   -5.956  1.00 12.80 ? 55  ARG A CZ  1 
ATOM   387  N  NH1 . ARG A 1 55  ? -10.541 1.649   -5.966  1.00 12.77 ? 55  ARG A NH1 1 
ATOM   388  N  NH2 . ARG A 1 55  ? -11.414 3.371   -4.784  1.00 15.24 ? 55  ARG A NH2 1 
ATOM   389  N  N   . CYS A 1 56  ? -7.965  1.917   -12.577 1.00 9.74  ? 56  CYS A N   1 
ATOM   390  C  CA  . CYS A 1 56  ? -7.191  1.702   -13.804 1.00 9.72  ? 56  CYS A CA  1 
ATOM   391  C  C   . CYS A 1 56  ? -6.409  0.406   -13.698 1.00 9.86  ? 56  CYS A C   1 
ATOM   392  O  O   . CYS A 1 56  ? -6.360  -0.255  -12.624 1.00 10.47 ? 56  CYS A O   1 
ATOM   393  C  CB  . CYS A 1 56  ? -6.179  2.831   -13.999 1.00 8.81  ? 56  CYS A CB  1 
ATOM   394  S  SG  . CYS A 1 56  ? -4.852  2.816   -12.781 1.00 9.51  ? 56  CYS A SG  1 
ATOM   395  N  N   A ASP A 1 57  ? -5.761  -0.022  -14.794 0.13 11.05 ? 57  ASP A N   1 
ATOM   396  N  N   B ASP A 1 57  ? -5.735  0.161   -14.822 0.13 11.29 ? 57  ASP A N   1 
ATOM   397  C  CA  A ASP A 1 57  ? -4.775  -1.135  -14.759 0.13 10.96 ? 57  ASP A CA  1 
ATOM   398  C  CA  B ASP A 1 57  ? -4.914  -1.035  -15.084 0.13 11.52 ? 57  ASP A CA  1 
ATOM   399  C  C   A ASP A 1 57  ? -3.415  -0.614  -15.231 0.13 11.00 ? 57  ASP A C   1 
ATOM   400  C  C   B ASP A 1 57  ? -3.441  -0.615  -15.262 0.13 11.60 ? 57  ASP A C   1 
ATOM   401  O  O   A ASP A 1 57  ? -2.700  -1.321  -15.923 0.13 11.55 ? 57  ASP A O   1 
ATOM   402  O  O   B ASP A 1 57  ? -2.645  -1.435  -15.740 0.13 12.41 ? 57  ASP A O   1 
ATOM   403  C  CB  A ASP A 1 57  ? -5.218  -2.357  -15.571 0.13 11.80 ? 57  ASP A CB  1 
ATOM   404  C  CB  B ASP A 1 57  ? -5.528  -1.770  -16.286 0.13 13.44 ? 57  ASP A CB  1 
ATOM   405  C  CG  A ASP A 1 57  ? -5.363  -2.104  -17.057 0.13 14.36 ? 57  ASP A CG  1 
ATOM   406  C  CG  B ASP A 1 57  ? -5.017  -3.168  -16.538 0.13 15.88 ? 57  ASP A CG  1 
ATOM   407  O  OD1 A ASP A 1 57  ? -5.162  -0.984  -17.457 0.13 14.01 ? 57  ASP A OD1 1 
ATOM   408  O  OD1 B ASP A 1 57  ? -4.884  -3.915  -15.561 0.13 18.55 ? 57  ASP A OD1 1 
ATOM   409  O  OD2 A ASP A 1 57  ? -5.694  -3.077  -17.799 0.13 17.65 ? 57  ASP A OD2 1 
ATOM   410  O  OD2 B ASP A 1 57  ? -4.719  -3.475  -17.702 0.13 19.23 ? 57  ASP A OD2 1 
ATOM   411  N  N   . CYS A 1 58  ? -3.062  0.598   -14.875 1.00 10.37 ? 58  CYS A N   1 
ATOM   412  C  CA  . CYS A 1 58  ? -1.671  1.047   -15.112 1.00 9.98  ? 58  CYS A CA  1 
ATOM   413  C  C   . CYS A 1 58  ? -0.664  0.060   -14.528 1.00 9.66  ? 58  CYS A C   1 
ATOM   414  O  O   . CYS A 1 58  ? -0.896  -0.532  -13.469 1.00 10.08 ? 58  CYS A O   1 
ATOM   415  C  CB  . CYS A 1 58  ? -1.374  2.402   -14.515 1.00 11.17 ? 58  CYS A CB  1 
ATOM   416  S  SG  . CYS A 1 58  ? -2.216  3.798   -15.338 1.00 10.86 ? 58  CYS A SG  1 
ATOM   417  N  N   . GLN A 1 59  ? 0.501   0.012   -15.197 1.00 10.27 ? 59  GLN A N   1 
ATOM   418  C  CA  . GLN A 1 59  ? 1.688   -0.728  -14.730 1.00 9.68  ? 59  GLN A CA  1 
ATOM   419  C  C   . GLN A 1 59  ? 2.892   0.177   -14.744 1.00 9.06  ? 59  GLN A C   1 
ATOM   420  O  O   . GLN A 1 59  ? 4.012   -0.317  -14.614 1.00 10.05 ? 59  GLN A O   1 
ATOM   421  C  CB  . GLN A 1 59  ? 1.972   -1.976  -15.584 1.00 10.55 ? 59  GLN A CB  1 
ATOM   422  C  CG  . GLN A 1 59  ? 0.989   -3.105  -15.311 1.00 11.88 ? 59  GLN A CG  1 
ATOM   423  C  CD  . GLN A 1 59  ? 1.430   -4.369  -16.010 1.00 12.56 ? 59  GLN A CD  1 
ATOM   424  O  OE1 . GLN A 1 59  ? 0.889   -4.708  -17.068 1.00 14.92 ? 59  GLN A OE1 1 
ATOM   425  N  NE2 . GLN A 1 59  ? 2.474   -5.020  -15.504 1.00 12.50 ? 59  GLN A NE2 1 
ATOM   426  N  N   . THR A 1 60  ? 2.706   1.482   -14.778 1.00 9.80  ? 60  THR A N   1 
ATOM   427  C  CA  . THR A 1 60  ? 3.800   2.433   -14.583 1.00 10.40 ? 60  THR A CA  1 
ATOM   428  C  C   . THR A 1 60  ? 3.336   3.521   -13.622 1.00 9.40  ? 60  THR A C   1 
ATOM   429  O  O   . THR A 1 60  ? 2.142   3.927   -13.650 1.00 10.83 ? 60  THR A O   1 
ATOM   430  C  CB  . THR A 1 60  ? 4.338   3.016   -15.867 1.00 12.40 ? 60  THR A CB  1 
ATOM   431  O  OG1 . THR A 1 60  ? 3.354   3.850   -16.399 1.00 17.33 ? 60  THR A OG1 1 
ATOM   432  C  CG2 . THR A 1 60  ? 4.871   1.973   -16.811 1.00 13.59 ? 60  THR A CG2 1 
ATOM   433  N  N   . GLY A 1 61  ? 4.239   3.980   -12.771 1.00 9.07  ? 61  GLY A N   1 
ATOM   434  C  CA  . GLY A 1 61  ? 3.895   4.988   -11.787 1.00 9.23  ? 61  GLY A CA  1 
ATOM   435  C  C   . GLY A 1 61  ? 5.157   5.475   -11.108 1.00 8.56  ? 61  GLY A C   1 
ATOM   436  O  O   . GLY A 1 61  ? 6.259   5.264   -11.606 1.00 10.03 ? 61  GLY A O   1 
ATOM   437  N  N   . VAL A 1 62  ? 4.962   6.113   -9.982  1.00 8.29  ? 62  VAL A N   1 
ATOM   438  C  CA  . VAL A 1 62  ? 6.063   6.731   -9.200  1.00 8.33  ? 62  VAL A CA  1 
ATOM   439  C  C   . VAL A 1 62  ? 5.808   6.351   -7.757  1.00 8.53  ? 62  VAL A C   1 
ATOM   440  O  O   . VAL A 1 62  ? 4.665   6.523   -7.291  1.00 9.39  ? 62  VAL A O   1 
ATOM   441  C  CB  . VAL A 1 62  ? 6.127   8.246   -9.374  1.00 8.68  ? 62  VAL A CB  1 
ATOM   442  C  CG1 . VAL A 1 62  ? 7.131   8.852   -8.435  1.00 9.31  ? 62  VAL A CG1 1 
ATOM   443  C  CG2 . VAL A 1 62  ? 6.444   8.556   -10.830 1.00 9.35  ? 62  VAL A CG2 1 
ATOM   444  N  N   . TYR A 1 63  ? 6.815   5.910   -7.001  1.00 8.33  ? 63  TYR A N   1 
ATOM   445  C  CA  . TYR A 1 63  ? 6.614   5.602   -5.567  1.00 8.15  ? 63  TYR A CA  1 
ATOM   446  C  C   . TYR A 1 63  ? 7.583   6.369   -4.692  1.00 8.35  ? 63  TYR A C   1 
ATOM   447  O  O   . TYR A 1 63  ? 8.695   6.735   -5.143  1.00 9.30  ? 63  TYR A O   1 
ATOM   448  C  CB  . TYR A 1 63  ? 6.718   4.105   -5.258  1.00 8.79  ? 63  TYR A CB  1 
ATOM   449  C  CG  . TYR A 1 63  ? 8.108   3.563   -5.025  1.00 8.92  ? 63  TYR A CG  1 
ATOM   450  C  CD1 . TYR A 1 63  ? 8.947   3.315   -6.080  1.00 9.04  ? 63  TYR A CD1 1 
ATOM   451  C  CD2 . TYR A 1 63  ? 8.588   3.316   -3.741  1.00 9.03  ? 63  TYR A CD2 1 
ATOM   452  C  CE1 . TYR A 1 63  ? 10.207  2.768   -5.909  1.00 9.71  ? 63  TYR A CE1 1 
ATOM   453  C  CE2 . TYR A 1 63  ? 9.866   2.798   -3.547  1.00 9.51  ? 63  TYR A CE2 1 
ATOM   454  C  CZ  . TYR A 1 63  ? 10.673  2.535   -4.638  1.00 9.14  ? 63  TYR A CZ  1 
ATOM   455  O  OH  . TYR A 1 63  ? 11.941  2.028   -4.457  1.00 11.41 ? 63  TYR A OH  1 
ATOM   456  N  N   . TYR A 1 64  ? 7.176   6.616   -3.489  1.00 8.46  ? 64  TYR A N   1 
ATOM   457  C  CA  . TYR A 1 64  ? 8.049   7.263   -2.499  1.00 8.92  ? 64  TYR A CA  1 
ATOM   458  C  C   . TYR A 1 64  ? 8.794   6.255   -1.642  1.00 8.93  ? 64  TYR A C   1 
ATOM   459  O  O   . TYR A 1 64  ? 8.195   5.375   -1.034  1.00 9.28  ? 64  TYR A O   1 
ATOM   460  C  CB  . TYR A 1 64  ? 7.223   8.161   -1.575  1.00 10.09 ? 64  TYR A CB  1 
ATOM   461  C  CG  . TYR A 1 64  ? 8.116   8.879   -0.602  1.00 11.01 ? 64  TYR A CG  1 
ATOM   462  C  CD1 . TYR A 1 64  ? 9.092   9.748   -1.073  1.00 11.45 ? 64  TYR A CD1 1 
ATOM   463  C  CD2 . TYR A 1 64  ? 8.000   8.669   0.765   1.00 10.84 ? 64  TYR A CD2 1 
ATOM   464  C  CE1 . TYR A 1 64  ? 9.970   10.387  -0.196  1.00 13.55 ? 64  TYR A CE1 1 
ATOM   465  C  CE2 . TYR A 1 64  ? 8.885   9.290   1.638   1.00 13.39 ? 64  TYR A CE2 1 
ATOM   466  C  CZ  . TYR A 1 64  ? 9.857   10.141  1.157   1.00 13.76 ? 64  TYR A CZ  1 
ATOM   467  O  OH  . TYR A 1 64  ? 10.736  10.754  2.035   1.00 16.31 ? 64  TYR A OH  1 
ATOM   468  N  N   . CYS A 1 65  ? 10.088  6.440   -1.610  1.00 8.98  ? 65  CYS A N   1 
ATOM   469  C  CA  . CYS A 1 65  ? 11.051  5.647   -0.831  1.00 9.73  ? 65  CYS A CA  1 
ATOM   470  C  C   . CYS A 1 65  ? 11.636  6.469   0.299   1.00 9.23  ? 65  CYS A C   1 
ATOM   471  O  O   . CYS A 1 65  ? 12.606  7.246   0.082   1.00 9.85  ? 65  CYS A O   1 
ATOM   472  C  CB  . CYS A 1 65  ? 12.130  5.135   -1.753  1.00 9.63  ? 65  CYS A CB  1 
ATOM   473  S  SG  . CYS A 1 65  ? 13.374  4.138   -0.900  1.00 10.83 ? 65  CYS A SG  1 
ATOM   474  N  N   . SER A 1 66  ? 11.154  6.282   1.504   1.00 9.66  ? 66  SER A N   1 
ATOM   475  C  CA  . SER A 1 66  ? 11.606  7.088   2.663   1.00 11.27 ? 66  SER A CA  1 
ATOM   476  C  C   . SER A 1 66  ? 13.061  6.841   2.994   1.00 9.86  ? 66  SER A C   1 
ATOM   477  O  O   . SER A 1 66  ? 13.733  7.820   3.393   1.00 11.38 ? 66  SER A O   1 
ATOM   478  C  CB  . SER A 1 66  ? 10.738  6.869   3.862   1.00 12.60 ? 66  SER A CB  1 
ATOM   479  O  OG  . SER A 1 66  ? 10.871  5.608   4.453   1.00 16.99 ? 66  SER A OG  1 
ATOM   480  N  N   . SER A 1 67  ? 13.583  5.673   2.720   1.00 9.30  ? 67  SER A N   1 
ATOM   481  C  CA  . SER A 1 67  ? 14.972  5.325   3.094   1.00 10.40 ? 67  SER A CA  1 
ATOM   482  C  C   . SER A 1 67  ? 15.937  5.937   2.069   1.00 10.02 ? 67  SER A C   1 
ATOM   483  O  O   . SER A 1 67  ? 17.191  5.782   2.259   1.00 10.37 ? 67  SER A O   1 
ATOM   484  C  CB  . SER A 1 67  ? 15.153  3.857   3.198   1.00 10.31 ? 67  SER A CB  1 
ATOM   485  O  OG  . SER A 1 67  ? 14.942  3.180   1.963   1.00 10.50 ? 67  SER A OG  1 
ATOM   486  N  N   . ARG A 1 68  ? 15.434  6.618   1.051   1.00 9.77  ? 68  ARG A N   1 
ATOM   487  C  CA  . ARG A 1 68  ? 16.240  7.377   0.079   1.00 10.53 ? 68  ARG A CA  1 
ATOM   488  C  C   . ARG A 1 68  ? 15.809  8.826   0.065   1.00 11.04 ? 68  ARG A C   1 
ATOM   489  O  O   . ARG A 1 68  ? 16.408  9.599   -0.723  1.00 12.45 ? 68  ARG A O   1 
ATOM   490  C  CB  . ARG A 1 68  ? 16.161  6.743   -1.297  1.00 10.57 ? 68  ARG A CB  1 
ATOM   491  C  CG  . ARG A 1 68  ? 16.723  5.351   -1.335  1.00 11.47 ? 68  ARG A CG  1 
ATOM   492  C  CD  . ARG A 1 68  ? 18.260  5.367   -1.333  1.00 11.55 ? 68  ARG A CD  1 
ATOM   493  N  NE  . ARG A 1 68  ? 18.841  4.056   -1.371  1.00 12.28 ? 68  ARG A NE  1 
ATOM   494  C  CZ  . ARG A 1 68  ? 19.131  3.307   -0.332  1.00 11.15 ? 68  ARG A CZ  1 
ATOM   495  N  NH1 . ARG A 1 68  ? 18.904  3.761   0.887   1.00 12.15 ? 68  ARG A NH1 1 
ATOM   496  N  NH2 . ARG A 1 68  ? 19.683  2.121   -0.499  1.00 13.09 ? 68  ARG A NH2 1 
ATOM   497  N  N   . ARG A 1 69  ? 14.758  9.203   0.762   1.00 10.86 ? 69  ARG A N   1 
ATOM   498  C  CA  . ARG A 1 69  ? 14.141  10.538  0.608   1.00 11.52 ? 69  ARG A CA  1 
ATOM   499  C  C   . ARG A 1 69  ? 13.933  10.844  -0.877  1.00 12.98 ? 69  ARG A C   1 
ATOM   500  O  O   . ARG A 1 69  ? 14.197  11.996  -1.306  1.00 13.72 ? 69  ARG A O   1 
ATOM   501  C  CB  . ARG A 1 69  ? 14.971  11.636  1.293   1.00 12.25 ? 69  ARG A CB  1 
ATOM   502  C  CG  . ARG A 1 69  ? 15.033  11.525  2.796   1.00 13.13 ? 69  ARG A CG  1 
ATOM   503  C  CD  . ARG A 1 69  ? 15.711  12.732  3.398   1.00 14.31 ? 69  ARG A CD  1 
ATOM   504  N  NE  . ARG A 1 69  ? 15.851  12.614  4.859   1.00 14.97 ? 69  ARG A NE  1 
ATOM   505  C  CZ  . ARG A 1 69  ? 17.018  12.545  5.510   1.00 14.90 ? 69  ARG A CZ  1 
ATOM   506  N  NH1 . ARG A 1 69  ? 18.162  12.457  4.849   1.00 15.87 ? 69  ARG A NH1 1 
ATOM   507  N  NH2 . ARG A 1 69  ? 17.020  12.485  6.829   1.00 16.83 ? 69  ARG A NH2 1 
ATOM   508  N  N   . LYS A 1 70  ? 13.377  9.891   -1.641  1.00 11.86 ? 70  LYS A N   1 
ATOM   509  C  CA  . LYS A 1 70  ? 13.288  10.063  -3.106  1.00 12.56 ? 70  LYS A CA  1 
ATOM   510  C  C   . LYS A 1 70  ? 12.021  9.398   -3.603  1.00 11.41 ? 70  LYS A C   1 
ATOM   511  O  O   . LYS A 1 70  ? 11.664  8.337   -3.063  1.00 11.44 ? 70  LYS A O   1 
ATOM   512  C  CB  . LYS A 1 70  ? 14.512  9.497   -3.827  1.00 14.39 ? 70  LYS A CB  1 
ATOM   513  C  CG  . LYS A 1 70  ? 15.748  10.375  -3.781  1.00 20.40 ? 70  LYS A CG  1 
ATOM   514  C  CD  . LYS A 1 70  ? 16.795  9.980   -4.811  1.00 26.58 ? 70  LYS A CD  1 
ATOM   515  C  CE  . LYS A 1 70  ? 18.085  10.759  -4.660  1.00 30.79 ? 70  LYS A CE  1 
ATOM   516  N  NZ  . LYS A 1 70  ? 18.641  10.604  -3.291  1.00 38.41 ? 70  LYS A NZ  1 
ATOM   517  N  N   . HIS A 1 71  ? 11.467  9.972   -4.638  1.00 10.58 ? 71  HIS A N   1 
ATOM   518  C  CA  . HIS A 1 71  ? 10.425  9.327   -5.437  1.00 10.54 ? 71  HIS A CA  1 
ATOM   519  C  C   . HIS A 1 71  ? 11.053  8.718   -6.665  1.00 11.48 ? 71  HIS A C   1 
ATOM   520  O  O   . HIS A 1 71  ? 11.923  9.382   -7.312  1.00 14.55 ? 71  HIS A O   1 
ATOM   521  C  CB  . HIS A 1 71  ? 9.368   10.320  -5.865  1.00 11.34 ? 71  HIS A CB  1 
ATOM   522  C  CG  . HIS A 1 71  ? 8.541   10.884  -4.770  1.00 11.73 ? 71  HIS A CG  1 
ATOM   523  N  ND1 . HIS A 1 71  ? 7.237   10.506  -4.411  1.00 13.20 ? 71  HIS A ND1 1 
ATOM   524  C  CD2 . HIS A 1 71  ? 8.920   11.833  -3.898  1.00 12.84 ? 71  HIS A CD2 1 
ATOM   525  C  CE1 . HIS A 1 71  ? 6.866   11.225  -3.384  1.00 12.02 ? 71  HIS A CE1 1 
ATOM   526  N  NE2 . HIS A 1 71  ? 7.828   12.097  -3.098  1.00 16.58 ? 71  HIS A NE2 1 
ATOM   527  N  N   . TYR A 1 72  ? 10.729  7.495   -7.017  1.00 9.38  ? 72  TYR A N   1 
ATOM   528  C  CA  . TYR A 1 72  ? 11.266  6.799   -8.181  1.00 9.59  ? 72  TYR A CA  1 
ATOM   529  C  C   . TYR A 1 72  ? 10.175  6.410   -9.152  1.00 9.33  ? 72  TYR A C   1 
ATOM   530  O  O   . TYR A 1 72  ? 9.165   5.808   -8.760  1.00 9.59  ? 72  TYR A O   1 
ATOM   531  C  CB  . TYR A 1 72  ? 11.981  5.510   -7.750  1.00 10.67 ? 72  TYR A CB  1 
ATOM   532  C  CG  . TYR A 1 72  ? 13.203  5.694   -6.901  1.00 11.12 ? 72  TYR A CG  1 
ATOM   533  C  CD1 . TYR A 1 72  ? 14.449  5.963   -7.487  1.00 12.74 ? 72  TYR A CD1 1 
ATOM   534  C  CD2 . TYR A 1 72  ? 13.163  5.615   -5.514  1.00 11.83 ? 72  TYR A CD2 1 
ATOM   535  C  CE1 . TYR A 1 72  ? 15.588  6.151   -6.702  1.00 13.12 ? 72  TYR A CE1 1 
ATOM   536  C  CE2 . TYR A 1 72  ? 14.297  5.761   -4.737  1.00 12.73 ? 72  TYR A CE2 1 
ATOM   537  C  CZ  . TYR A 1 72  ? 15.497  6.037   -5.344  1.00 12.24 ? 72  TYR A CZ  1 
ATOM   538  O  OH  . TYR A 1 72  ? 16.618  6.172   -4.545  1.00 14.17 ? 72  TYR A OH  1 
ATOM   539  N  N   . PRO A 1 73  ? 10.394  6.610   -10.458 1.00 9.10  ? 73  PRO A N   1 
ATOM   540  C  CA  . PRO A 1 73  ? 9.496   6.053   -11.464 1.00 9.36  ? 73  PRO A CA  1 
ATOM   541  C  C   . PRO A 1 73  ? 9.760   4.563   -11.631 1.00 9.85  ? 73  PRO A C   1 
ATOM   542  O  O   . PRO A 1 73  ? 10.915  4.135   -11.761 1.00 11.98 ? 73  PRO A O   1 
ATOM   543  C  CB  . PRO A 1 73  ? 9.858   6.838   -12.738 1.00 10.17 ? 73  PRO A CB  1 
ATOM   544  C  CG  . PRO A 1 73  ? 11.226  7.334   -12.541 1.00 13.38 ? 73  PRO A CG  1 
ATOM   545  C  CD  . PRO A 1 73  ? 11.489  7.408   -11.050 1.00 11.44 ? 73  PRO A CD  1 
ATOM   546  N  N   . VAL A 1 74  ? 8.705   3.777   -11.675 1.00 8.85  ? 74  VAL A N   1 
ATOM   547  C  CA  . VAL A 1 74  ? 8.814   2.310   -11.773 1.00 9.82  ? 74  VAL A CA  1 
ATOM   548  C  C   . VAL A 1 74  ? 7.763   1.746   -12.688 1.00 9.57  ? 74  VAL A C   1 
ATOM   549  O  O   . VAL A 1 74  ? 6.626   2.266   -12.812 1.00 9.96  ? 74  VAL A O   1 
ATOM   550  C  CB  . VAL A 1 74  ? 8.679   1.634   -10.402 1.00 10.72 ? 74  VAL A CB  1 
ATOM   551  C  CG1 . VAL A 1 74  ? 9.905   1.865   -9.534  1.00 12.47 ? 74  VAL A CG1 1 
ATOM   552  C  CG2 . VAL A 1 74  ? 7.415   2.015   -9.681  1.00 12.23 ? 74  VAL A CG2 1 
ATOM   553  N  N   . SER A 1 75  ? 8.092   0.611   -13.278 1.00 9.70  ? 75  SER A N   1 
ATOM   554  C  CA  . SER A 1 75  ? 7.123   -0.331  -13.859 1.00 9.72  ? 75  SER A CA  1 
ATOM   555  C  C   . SER A 1 75  ? 6.839   -1.383  -12.796 1.00 9.50  ? 75  SER A C   1 
ATOM   556  O  O   . SER A 1 75  ? 7.724   -1.774  -12.065 1.00 10.02 ? 75  SER A O   1 
ATOM   557  C  CB  . SER A 1 75  ? 7.677   -0.941  -15.091 1.00 12.49 ? 75  SER A CB  1 
ATOM   558  O  OG  . SER A 1 75  ? 7.963   -0.022  -16.105 1.00 18.63 ? 75  SER A OG  1 
ATOM   559  N  N   . PHE A 1 76  ? 5.608   -1.838  -12.723 1.00 9.02  ? 76  PHE A N   1 
ATOM   560  C  CA  . PHE A 1 76  ? 5.199   -2.820  -11.707 1.00 9.49  ? 76  PHE A CA  1 
ATOM   561  C  C   . PHE A 1 76  ? 4.267   -3.857  -12.299 1.00 9.65  ? 76  PHE A C   1 
ATOM   562  O  O   . PHE A 1 76  ? 3.521   -3.585  -13.251 1.00 10.07 ? 76  PHE A O   1 
ATOM   563  C  CB  . PHE A 1 76  ? 4.618   -2.112  -10.467 1.00 8.82  ? 76  PHE A CB  1 
ATOM   564  C  CG  . PHE A 1 76  ? 3.477   -1.152  -10.720 1.00 8.89  ? 76  PHE A CG  1 
ATOM   565  C  CD1 . PHE A 1 76  ? 3.719   0.166   -11.003 1.00 9.48  ? 76  PHE A CD1 1 
ATOM   566  C  CD2 . PHE A 1 76  ? 2.154   -1.591  -10.709 1.00 9.34  ? 76  PHE A CD2 1 
ATOM   567  C  CE1 . PHE A 1 76  ? 2.692   1.045   -11.270 1.00 9.95  ? 76  PHE A CE1 1 
ATOM   568  C  CE2 . PHE A 1 76  ? 1.128   -0.683  -10.920 1.00 9.78  ? 76  PHE A CE2 1 
ATOM   569  C  CZ  . PHE A 1 76  ? 1.407   0.623   -11.220 1.00 10.09 ? 76  PHE A CZ  1 
ATOM   570  N  N   . SER A 1 77  ? 4.313   -5.033  -11.681 1.00 9.60  ? 77  SER A N   1 
ATOM   571  C  CA  . SER A 1 77  ? 3.417   -6.144  -12.080 1.00 10.31 ? 77  SER A CA  1 
ATOM   572  C  C   . SER A 1 77  ? 2.007   -5.860  -11.639 1.00 10.64 ? 77  SER A C   1 
ATOM   573  O  O   . SER A 1 77  ? 1.763   -5.156  -10.700 1.00 11.61 ? 77  SER A O   1 
ATOM   574  C  CB  . SER A 1 77  ? 3.918   -7.440  -11.555 1.00 10.83 ? 77  SER A CB  1 
ATOM   575  O  OG  . SER A 1 77  ? 3.991   -7.447  -10.134 1.00 13.13 ? 77  SER A OG  1 
ATOM   576  N  N   . LYS A 1 78  ? 0.973   -6.471  -12.255 0.26 10.75 ? 78  LYS A N   1 
ATOM   577  C  CA  . LYS A 1 78  ? -0.458  -6.432  -11.823 0.26 10.88 ? 78  LYS A CA  1 
ATOM   578  C  C   . LYS A 1 78  ? -0.579  -7.183  -10.487 0.26 11.34 ? 78  LYS A C   1 
ATOM   579  O  O   . LYS A 1 78  ? 0.282   -7.953  -10.154 0.26 12.53 ? 78  LYS A O   1 
ATOM   580  C  CB  . LYS A 1 78  ? -1.375  -7.089  -12.851 0.26 12.24 ? 78  LYS A CB  1 
ATOM   581  C  CG  . LYS A 1 78  ? -1.412  -6.369  -14.199 0.26 13.90 ? 78  LYS A CG  1 
ATOM   582  C  CD  . LYS A 1 78  ? -2.207  -7.046  -15.298 0.26 16.72 ? 78  LYS A CD  1 
ATOM   583  C  CE  . LYS A 1 78  ? -2.705  -5.990  -16.228 0.26 20.62 ? 78  LYS A CE  1 
ATOM   584  N  NZ  . LYS A 1 78  ? -2.240  -6.113  -17.610 0.26 26.76 ? 78  LYS A NZ  1 
ATOM   585  N  N   . PRO A 1 79  ? -1.644  -6.880  -9.729  0.26 11.56 ? 79  PRO A N   1 
ATOM   586  C  CA  . PRO A 1 79  ? -1.879  -7.472  -8.408  0.26 11.94 ? 79  PRO A CA  1 
ATOM   587  C  C   . PRO A 1 79  ? -1.911  -9.014  -8.479  0.26 12.23 ? 79  PRO A C   1 
ATOM   588  O  O   . PRO A 1 79  ? -2.593  -9.562  -9.348  0.26 15.34 ? 79  PRO A O   1 
ATOM   589  C  CB  . PRO A 1 79  ? -3.180  -6.800  -7.919  0.26 13.38 ? 79  PRO A CB  1 
ATOM   590  C  CG  . PRO A 1 79  ? -3.220  -5.506  -8.637  0.26 13.72 ? 79  PRO A CG  1 
ATOM   591  C  CD  . PRO A 1 79  ? -2.595  -5.830  -9.986  0.26 11.76 ? 79  PRO A CD  1 
ATOM   592  N  N   . SER A 1 80  ? -1.054  -9.608  -7.655  0.26 12.95 ? 80  SER A N   1 
ATOM   593  C  CA  . SER A 1 80  ? -0.802  -11.069 -7.733  0.26 14.91 ? 80  SER A CA  1 
ATOM   594  C  C   . SER A 1 80  ? -0.726  -11.711 -6.341  0.26 14.28 ? 80  SER A C   1 
ATOM   595  O  O   . SER A 1 80  ? -0.692  -10.969 -5.363  0.26 12.70 ? 80  SER A O   1 
ATOM   596  C  CB  . SER A 1 80  ? 0.497   -11.360 -8.497  0.26 17.30 ? 80  SER A CB  1 
ATOM   597  O  OG  . SER A 1 80  ? 0.477   -10.687 -9.740  0.26 19.99 ? 80  SER A OG  1 
ATOM   598  N  N   . LEU A 1 81  ? -0.886  -13.042 -6.353  0.26 13.65 ? 81  LEU A N   1 
ATOM   599  C  CA  . LEU A 1 81  ? -0.597  -13.782 -5.110  0.26 14.14 ? 81  LEU A CA  1 
ATOM   600  C  C   . LEU A 1 81  ? 0.867   -14.124 -5.209  0.26 14.86 ? 81  LEU A C   1 
ATOM   601  O  O   . LEU A 1 81  ? 1.227   -14.752 -6.191  0.26 18.00 ? 81  LEU A O   1 
ATOM   602  C  CB  . LEU A 1 81  ? -1.513  -15.012 -5.005  0.26 15.48 ? 81  LEU A CB  1 
ATOM   603  C  CG  . LEU A 1 81  ? -1.207  -15.946 -3.867  0.26 18.09 ? 81  LEU A CG  1 
ATOM   604  C  CD1 . LEU A 1 81  ? -1.529  -15.326 -2.519  0.26 19.56 ? 81  LEU A CD1 1 
ATOM   605  C  CD2 . LEU A 1 81  ? -1.961  -17.237 -4.107  0.26 21.20 ? 81  LEU A CD2 1 
ATOM   606  N  N   . ILE A 1 82  ? 1.666   -13.578 -4.311  0.26 13.27 ? 82  ILE A N   1 
ATOM   607  C  CA  . ILE A 1 82  ? 3.149   -13.698 -4.324  0.26 14.75 ? 82  ILE A CA  1 
ATOM   608  C  C   . ILE A 1 82  ? 3.728   -14.307 -3.060  0.26 13.27 ? 82  ILE A C   1 
ATOM   609  O  O   . ILE A 1 82  ? 3.255   -13.951 -1.957  0.26 13.23 ? 82  ILE A O   1 
ATOM   610  C  CB  . ILE A 1 82  ? 3.798   -12.306 -4.507  0.26 16.36 ? 82  ILE A CB  1 
ATOM   611  C  CG1 . ILE A 1 82  ? 3.255   -11.671 -5.791  0.26 16.90 ? 82  ILE A CG1 1 
ATOM   612  C  CG2 . ILE A 1 82  ? 5.311   -12.430 -4.556  0.26 19.69 ? 82  ILE A CG2 1 
ATOM   613  C  CD1 . ILE A 1 82  ? 3.781   -12.314 -7.091  0.26 21.25 ? 82  ILE A CD1 1 
ATOM   614  N  N   . PHE A 1 83  ? 4.733   -15.147 -3.185  1.00 12.53 ? 83  PHE A N   1 
ATOM   615  C  CA  . PHE A 1 83  ? 5.495   -15.536 -2.004  1.00 13.26 ? 83  PHE A CA  1 
ATOM   616  C  C   . PHE A 1 83  ? 6.413   -14.400 -1.638  1.00 13.19 ? 83  PHE A C   1 
ATOM   617  O  O   . PHE A 1 83  ? 7.147   -13.888 -2.519  1.00 14.23 ? 83  PHE A O   1 
ATOM   618  C  CB  . PHE A 1 83  ? 6.250   -16.851 -2.229  1.00 14.43 ? 83  PHE A CB  1 
ATOM   619  C  CG  . PHE A 1 83  ? 6.867   -17.406 -0.974  1.00 15.02 ? 83  PHE A CG  1 
ATOM   620  C  CD1 . PHE A 1 83  ? 6.024   -17.928 -0.016  1.00 16.77 ? 83  PHE A CD1 1 
ATOM   621  C  CD2 . PHE A 1 83  ? 8.219   -17.334 -0.693  1.00 17.76 ? 83  PHE A CD2 1 
ATOM   622  C  CE1 . PHE A 1 83  ? 6.532   -18.473 1.157   1.00 17.78 ? 83  PHE A CE1 1 
ATOM   623  C  CE2 . PHE A 1 83  ? 8.725   -17.861 0.488   1.00 20.42 ? 83  PHE A CE2 1 
ATOM   624  C  CZ  . PHE A 1 83  ? 7.875   -18.369 1.422   1.00 19.28 ? 83  PHE A CZ  1 
ATOM   625  N  N   . VAL A 1 84  ? 6.457   -14.045 -0.361  1.00 12.54 ? 84  VAL A N   1 
ATOM   626  C  CA  . VAL A 1 84  ? 7.289   -12.971 0.186   1.00 12.98 ? 84  VAL A CA  1 
ATOM   627  C  C   . VAL A 1 84  ? 8.225   -13.614 1.198   1.00 12.17 ? 84  VAL A C   1 
ATOM   628  O  O   . VAL A 1 84  ? 7.745   -14.233 2.204   1.00 13.72 ? 84  VAL A O   1 
ATOM   629  C  CB  . VAL A 1 84  ? 6.422   -11.827 0.763   1.00 12.87 ? 84  VAL A CB  1 
ATOM   630  C  CG1 . VAL A 1 84  ? 7.295   -10.701 1.252   1.00 12.11 ? 84  VAL A CG1 1 
ATOM   631  C  CG2 . VAL A 1 84  ? 5.423   -11.355 -0.283  1.00 13.61 ? 84  VAL A CG2 1 
ATOM   632  N  N   . GLU A 1 85  ? 9.502   -13.426 1.072   1.00 12.88 ? 85  GLU A N   1 
ATOM   633  C  CA  . GLU A 1 85  ? 10.450  -13.932 2.068   1.00 13.98 ? 85  GLU A CA  1 
ATOM   634  C  C   . GLU A 1 85  ? 10.247  -13.227 3.413   1.00 13.84 ? 85  GLU A C   1 
ATOM   635  O  O   . GLU A 1 85  ? 9.602   -12.118 3.499   1.00 14.20 ? 85  GLU A O   1 
ATOM   636  C  CB  . GLU A 1 85  ? 11.884  -13.786 1.586   1.00 14.50 ? 85  GLU A CB  1 
ATOM   637  C  CG  . GLU A 1 85  ? 12.166  -14.628 0.367   1.00 16.68 ? 85  GLU A CG  1 
ATOM   638  C  CD  . GLU A 1 85  ? 12.086  -16.126 0.549   1.00 18.83 ? 85  GLU A CD  1 
ATOM   639  O  OE1 . GLU A 1 85  ? 12.112  -16.625 1.706   1.00 19.71 ? 85  GLU A OE1 1 
ATOM   640  O  OE2 . GLU A 1 85  ? 11.977  -16.786 -0.507  1.00 18.87 ? 85  GLU A OE2 1 
ATOM   641  N  N   . ALA A 1 86  ? 10.771  -13.800 4.496   1.00 15.59 ? 86  ALA A N   1 
ATOM   642  C  CA  . ALA A 1 86  ? 10.615  -13.206 5.840   1.00 15.86 ? 86  ALA A CA  1 
ATOM   643  C  C   . ALA A 1 86  ? 11.180  -11.795 5.874   1.00 16.38 ? 86  ALA A C   1 
ATOM   644  O  O   . ALA A 1 86  ? 12.259  -11.549 5.315   1.00 16.08 ? 86  ALA A O   1 
ATOM   645  C  CB  . ALA A 1 86  ? 11.294  -14.080 6.883   1.00 17.30 ? 86  ALA A CB  1 
ATOM   646  N  N   . SER A 1 87  ? 10.490  -10.910 6.598   1.00 15.66 ? 87  SER A N   1 
ATOM   647  C  CA  . SER A 1 87  ? 10.917  -9.521  6.861   1.00 16.22 ? 87  SER A CA  1 
ATOM   648  C  C   . SER A 1 87  ? 10.935  -9.349  8.376   1.00 16.93 ? 87  SER A C   1 
ATOM   649  O  O   . SER A 1 87  ? 10.556  -10.267 9.143   1.00 17.25 ? 87  SER A O   1 
ATOM   650  C  CB  . SER A 1 87  ? 9.962   -8.527  6.236   1.00 15.43 ? 87  SER A CB  1 
ATOM   651  O  OG  . SER A 1 87  ? 8.708   -8.595  6.895   1.00 15.52 ? 87  SER A OG  1 
ATOM   652  N  N   . GLU A 1 88  ? 11.305  -8.156  8.828   1.00 18.00 ? 88  GLU A N   1 
ATOM   653  C  CA  . GLU A 1 88  ? 11.292  -7.846  10.273  1.00 19.05 ? 88  GLU A CA  1 
ATOM   654  C  C   . GLU A 1 88  ? 9.855   -7.933  10.796  1.00 19.96 ? 88  GLU A C   1 
ATOM   655  O  O   . GLU A 1 88  ? 9.696   -8.115  12.002  1.00 19.92 ? 88  GLU A O   1 
ATOM   656  C  CB  . GLU A 1 88  ? 12.025  -6.514  10.513  1.00 23.17 ? 88  GLU A CB  1 
ATOM   657  C  CG  . GLU A 1 88  ? 11.167  -5.286  10.513  1.00 30.71 ? 88  GLU A CG  1 
ATOM   658  C  CD  . GLU A 1 88  ? 11.972  -4.058  10.911  1.00 33.52 ? 88  GLU A CD  1 
ATOM   659  O  OE1 . GLU A 1 88  ? 13.227  -4.115  10.800  1.00 34.85 ? 88  GLU A OE1 1 
ATOM   660  O  OE2 . GLU A 1 88  ? 11.336  -3.045  11.297  1.00 39.95 ? 88  GLU A OE2 1 
ATOM   661  N  N   . TYR A 1 89  ? 8.818   -7.781  9.967   1.00 16.11 ? 89  TYR A N   1 
ATOM   662  C  CA  . TYR A 1 89  ? 7.429   -7.635  10.474  1.00 15.32 ? 89  TYR A CA  1 
ATOM   663  C  C   . TYR A 1 89  ? 6.498   -8.763  10.047  1.00 16.37 ? 89  TYR A C   1 
ATOM   664  O  O   . TYR A 1 89  ? 5.318   -8.851  10.542  1.00 17.14 ? 89  TYR A O   1 
ATOM   665  C  CB  . TYR A 1 89  ? 6.846   -6.281  10.070  1.00 14.45 ? 89  TYR A CB  1 
ATOM   666  C  CG  . TYR A 1 89  ? 7.033   -5.948  8.614   1.00 14.88 ? 89  TYR A CG  1 
ATOM   667  C  CD1 . TYR A 1 89  ? 8.188   -5.321  8.174   1.00 14.67 ? 89  TYR A CD1 1 
ATOM   668  C  CD2 . TYR A 1 89  ? 6.066   -6.270  7.674   1.00 14.21 ? 89  TYR A CD2 1 
ATOM   669  C  CE1 . TYR A 1 89  ? 8.386   -5.030  6.826   1.00 15.28 ? 89  TYR A CE1 1 
ATOM   670  C  CE2 . TYR A 1 89  ? 6.249   -5.980  6.333   1.00 14.42 ? 89  TYR A CE2 1 
ATOM   671  C  CZ  . TYR A 1 89  ? 7.383   -5.310  5.909   1.00 13.87 ? 89  TYR A CZ  1 
ATOM   672  O  OH  . TYR A 1 89  ? 7.629   -5.030  4.594   1.00 14.51 ? 89  TYR A OH  1 
ATOM   673  N  N   . TYR A 1 90  ? 6.923   -9.610  9.106   1.00 15.49 ? 90  TYR A N   1 
ATOM   674  C  CA  . TYR A 1 90  ? 6.148   -10.820 8.792   1.00 14.42 ? 90  TYR A CA  1 
ATOM   675  C  C   . TYR A 1 90  ? 7.070   -11.999 8.523   1.00 14.31 ? 90  TYR A C   1 
ATOM   676  O  O   . TYR A 1 90  ? 8.196   -11.831 8.067   1.00 15.31 ? 90  TYR A O   1 
ATOM   677  C  CB  . TYR A 1 90  ? 5.309   -10.650 7.526   1.00 15.32 ? 90  TYR A CB  1 
ATOM   678  C  CG  . TYR A 1 90  ? 4.070   -9.804  7.656   1.00 15.39 ? 90  TYR A CG  1 
ATOM   679  C  CD1 . TYR A 1 90  ? 3.055   -10.087 8.559   1.00 17.22 ? 90  TYR A CD1 1 
ATOM   680  C  CD2 . TYR A 1 90  ? 3.837   -8.765  6.764   1.00 15.39 ? 90  TYR A CD2 1 
ATOM   681  C  CE1 . TYR A 1 90  ? 1.905   -9.325  8.596   1.00 17.88 ? 90  TYR A CE1 1 
ATOM   682  C  CE2 . TYR A 1 90  ? 2.685   -7.992  6.796   1.00 15.05 ? 90  TYR A CE2 1 
ATOM   683  C  CZ  . TYR A 1 90  ? 1.722   -8.244  7.746   1.00 14.90 ? 90  TYR A CZ  1 
ATOM   684  O  OH  . TYR A 1 90  ? 0.542   -7.524  7.776   1.00 16.39 ? 90  TYR A OH  1 
ATOM   685  N  N   . PRO A 1 91  ? 6.556   -13.224 8.766   1.00 15.65 ? 91  PRO A N   1 
ATOM   686  C  CA  . PRO A 1 91  ? 7.263   -14.426 8.341   1.00 15.25 ? 91  PRO A CA  1 
ATOM   687  C  C   . PRO A 1 91  ? 7.279   -14.497 6.822   1.00 15.12 ? 91  PRO A C   1 
ATOM   688  O  O   . PRO A 1 91  ? 6.516   -13.810 6.140   1.00 15.49 ? 91  PRO A O   1 
ATOM   689  C  CB  . PRO A 1 91  ? 6.444   -15.550 8.962   1.00 16.24 ? 91  PRO A CB  1 
ATOM   690  C  CG  . PRO A 1 91  ? 5.059   -15.002 8.959   1.00 17.06 ? 91  PRO A CG  1 
ATOM   691  C  CD  . PRO A 1 91  ? 5.227   -13.539 9.310   1.00 15.52 ? 91  PRO A CD  1 
ATOM   692  N  N   . ALA A 1 92  ? 8.024   -15.466 6.307   1.00 16.47 ? 92  ALA A N   1 
ATOM   693  C  CA  . ALA A 1 92  ? 7.919   -15.843 4.891   1.00 16.93 ? 92  ALA A CA  1 
ATOM   694  C  C   . ALA A 1 92  ? 6.481   -16.333 4.701   1.00 16.18 ? 92  ALA A C   1 
ATOM   695  O  O   . ALA A 1 92  ? 5.997   -17.191 5.510   1.00 20.21 ? 92  ALA A O   1 
ATOM   696  C  CB  . ALA A 1 92  ? 8.926   -16.911 4.549   1.00 17.43 ? 92  ALA A CB  1 
ATOM   697  N  N   . ARG A 1 93  ? 5.740   -15.820 3.740   1.00 16.23 ? 93  ARG A N   1 
ATOM   698  C  CA  . ARG A 1 93  ? 4.345   -16.206 3.550   1.00 16.99 ? 93  ARG A CA  1 
ATOM   699  C  C   . ARG A 1 93  ? 3.866   -15.734 2.173   1.00 15.46 ? 93  ARG A C   1 
ATOM   700  O  O   . ARG A 1 93  ? 4.620   -14.934 1.485   1.00 15.80 ? 93  ARG A O   1 
ATOM   701  C  CB  . ARG A 1 93  ? 3.520   -15.580 4.678   1.00 16.21 ? 93  ARG A CB  1 
ATOM   702  C  CG  . ARG A 1 93  ? 3.388   -14.084 4.491   1.00 15.42 ? 93  ARG A CG  1 
ATOM   703  C  CD  . ARG A 1 93  ? 2.636   -13.346 5.574   1.00 17.59 ? 93  ARG A CD  1 
ATOM   704  N  NE  . ARG A 1 93  ? 2.284   -12.017 5.089   1.00 17.33 ? 93  ARG A NE  1 
ATOM   705  C  CZ  . ARG A 1 93  ? 1.146   -11.387 5.260   1.00 18.03 ? 93  ARG A CZ  1 
ATOM   706  N  NH1 . ARG A 1 93  ? 0.158   -11.915 5.979   1.00 18.01 ? 93  ARG A NH1 1 
ATOM   707  N  NH2 . ARG A 1 93  ? 0.997   -10.232 4.632   1.00 18.27 ? 93  ARG A NH2 1 
ATOM   708  N  N   . TYR A 1 94  ? 2.708   -16.160 1.749   1.00 14.95 ? 94  TYR A N   1 
ATOM   709  C  CA  . TYR A 1 94  ? 2.025   -15.641 0.556   1.00 15.48 ? 94  TYR A CA  1 
ATOM   710  C  C   . TYR A 1 94  ? 1.326   -14.363 0.966   1.00 14.63 ? 94  TYR A C   1 
ATOM   711  O  O   . TYR A 1 94  ? 0.719   -14.289 2.056   1.00 16.88 ? 94  TYR A O   1 
ATOM   712  C  CB  . TYR A 1 94  ? 1.053   -16.663 -0.027  1.00 16.33 ? 94  TYR A CB  1 
ATOM   713  C  CG  . TYR A 1 94  ? 1.809   -17.661 -0.872  1.00 18.18 ? 94  TYR A CG  1 
ATOM   714  C  CD1 . TYR A 1 94  ? 2.104   -17.352 -2.189  1.00 19.37 ? 94  TYR A CD1 1 
ATOM   715  C  CD2 . TYR A 1 94  ? 2.289   -18.858 -0.368  1.00 20.59 ? 94  TYR A CD2 1 
ATOM   716  C  CE1 . TYR A 1 94  ? 2.837   -18.189 -3.007  1.00 19.91 ? 94  TYR A CE1 1 
ATOM   717  C  CE2 . TYR A 1 94  ? 3.031   -19.727 -1.179  1.00 20.24 ? 94  TYR A CE2 1 
ATOM   718  C  CZ  . TYR A 1 94  ? 3.300   -19.388 -2.499  1.00 21.53 ? 94  TYR A CZ  1 
ATOM   719  O  OH  . TYR A 1 94  ? 4.019   -20.237 -3.305  1.00 23.92 ? 94  TYR A OH  1 
ATOM   720  N  N   . GLN A 1 95  ? 1.446   -13.350 0.123   1.00 13.28 ? 95  GLN A N   1 
ATOM   721  C  CA  . GLN A 1 95  ? 0.653   -12.112 0.248   1.00 12.26 ? 95  GLN A CA  1 
ATOM   722  C  C   . GLN A 1 95  ? -0.142  -11.929 -1.020  1.00 11.70 ? 95  GLN A C   1 
ATOM   723  O  O   . GLN A 1 95  ? 0.435   -12.114 -2.133  1.00 13.87 ? 95  GLN A O   1 
ATOM   724  C  CB  . GLN A 1 95  ? 1.602   -10.947 0.460   1.00 12.12 ? 95  GLN A CB  1 
ATOM   725  C  CG  . GLN A 1 95  ? 0.900   -9.646  0.679   1.00 14.00 ? 95  GLN A CG  1 
ATOM   726  C  CD  . GLN A 1 95  ? 1.750   -8.614  1.384   1.00 13.57 ? 95  GLN A CD  1 
ATOM   727  O  OE1 . GLN A 1 95  ? 2.502   -8.910  2.295   1.00 14.37 ? 95  GLN A OE1 1 
ATOM   728  N  NE2 . GLN A 1 95  ? 1.521   -7.379  1.003   1.00 14.04 ? 95  GLN A NE2 1 
ATOM   729  N  N   . SER A 1 96  ? -1.389  -11.552 -0.925  1.00 11.94 ? 96  SER A N   1 
ATOM   730  C  CA  . SER A 1 96  ? -2.294  -11.348 -2.059  1.00 12.58 ? 96  SER A CA  1 
ATOM   731  C  C   . SER A 1 96  ? -2.335  -9.876  -2.478  1.00 11.70 ? 96  SER A C   1 
ATOM   732  O  O   . SER A 1 96  ? -1.948  -8.991  -1.688  1.00 11.39 ? 96  SER A O   1 
ATOM   733  C  CB  . SER A 1 96  ? -3.677  -11.876 -1.783  1.00 13.87 ? 96  SER A CB  1 
ATOM   734  O  OG  . SER A 1 96  ? -4.253  -11.106 -0.739  1.00 15.83 ? 96  SER A OG  1 
ATOM   735  N  N   . HIS A 1 97  ? -2.867  -9.635  -3.661  1.00 11.25 ? 97  HIS A N   1 
ATOM   736  C  CA  . HIS A 1 97  ? -3.043  -8.277  -4.225  1.00 11.25 ? 97  HIS A CA  1 
ATOM   737  C  C   . HIS A 1 97  ? -1.731  -7.472  -4.205  1.00 9.87  ? 97  HIS A C   1 
ATOM   738  O  O   . HIS A 1 97  ? -1.800  -6.264  -3.951  1.00 10.90 ? 97  HIS A O   1 
ATOM   739  C  CB  . HIS A 1 97  ? -4.164  -7.593  -3.473  1.00 12.33 ? 97  HIS A CB  1 
ATOM   740  C  CG  . HIS A 1 97  ? -5.452  -8.304  -3.613  1.00 13.64 ? 97  HIS A CG  1 
ATOM   741  N  ND1 . HIS A 1 97  ? -6.380  -7.925  -4.538  1.00 13.31 ? 97  HIS A ND1 1 
ATOM   742  C  CD2 . HIS A 1 97  ? -5.988  -9.326  -2.907  1.00 13.42 ? 97  HIS A CD2 1 
ATOM   743  C  CE1 . HIS A 1 97  ? -7.476  -8.704  -4.396  1.00 14.96 ? 97  HIS A CE1 1 
ATOM   744  N  NE2 . HIS A 1 97  ? -7.218  -9.581  -3.458  1.00 15.74 ? 97  HIS A NE2 1 
ATOM   745  N  N   . LEU A 1 98  ? -0.634  -8.131  -4.458  1.00 10.25 ? 98  LEU A N   1 
ATOM   746  C  CA  . LEU A 1 98  ? 0.699   -7.541  -4.318  1.00 10.01 ? 98  LEU A CA  1 
ATOM   747  C  C   . LEU A 1 98  ? 1.266   -7.278  -5.715  1.00 9.87  ? 98  LEU A C   1 
ATOM   748  O  O   . LEU A 1 98  ? 1.193   -8.154  -6.588  1.00 11.06 ? 98  LEU A O   1 
ATOM   749  C  CB  . LEU A 1 98  ? 1.626   -8.472  -3.549  1.00 10.73 ? 98  LEU A CB  1 
ATOM   750  C  CG  . LEU A 1 98  ? 3.013   -7.920  -3.281  1.00 11.49 ? 98  LEU A CG  1 
ATOM   751  C  CD1 . LEU A 1 98  ? 2.987   -6.780  -2.311  1.00 11.39 ? 98  LEU A CD1 1 
ATOM   752  C  CD2 . LEU A 1 98  ? 3.941   -8.999  -2.752  1.00 13.56 ? 98  LEU A CD2 1 
ATOM   753  N  N   . MET A 1 99  ? 1.847   -6.102  -5.900  1.00 9.31  ? 99  MET A N   1 
ATOM   754  C  CA  . MET A 1 99  ? 2.541   -5.710  -7.164  1.00 9.32  ? 99  MET A CA  1 
ATOM   755  C  C   . MET A 1 99  ? 4.018   -5.591  -6.865  1.00 9.57  ? 99  MET A C   1 
ATOM   756  O  O   . MET A 1 99  ? 4.348   -5.029  -5.831  1.00 11.01 ? 99  MET A O   1 
ATOM   757  C  CB  . MET A 1 99  ? 1.982   -4.360  -7.612  1.00 9.60  ? 99  MET A CB  1 
ATOM   758  C  CG  . MET A 1 99  ? 0.512   -4.428  -7.909  1.00 11.23 ? 99  MET A CG  1 
ATOM   759  S  SD  . MET A 1 99  ? -0.304  -2.840  -8.185  1.00 11.68 ? 99  MET A SD  1 
ATOM   760  C  CE  . MET A 1 99  ? -0.208  -2.095  -6.562  1.00 11.52 ? 99  MET A CE  1 
ATOM   761  N  N   . LEU A 1 100 ? 4.863   -5.993  -7.802  1.00 8.96  ? 100 LEU A N   1 
ATOM   762  C  CA  . LEU A 1 100 ? 6.322   -5.894  -7.596  1.00 9.35  ? 100 LEU A CA  1 
ATOM   763  C  C   . LEU A 1 100 ? 6.912   -4.959  -8.637  1.00 9.19  ? 100 LEU A C   1 
ATOM   764  O  O   . LEU A 1 100 ? 6.497   -4.953  -9.815  1.00 10.05 ? 100 LEU A O   1 
ATOM   765  C  CB  . LEU A 1 100 ? 6.964   -7.271  -7.745  1.00 10.79 ? 100 LEU A CB  1 
ATOM   766  C  CG  . LEU A 1 100 ? 6.633   -8.235  -6.628  1.00 12.15 ? 100 LEU A CG  1 
ATOM   767  C  CD1 . LEU A 1 100 ? 7.168   -9.629  -6.936  1.00 13.48 ? 100 LEU A CD1 1 
ATOM   768  C  CD2 . LEU A 1 100 ? 7.144   -7.772  -5.268  1.00 13.41 ? 100 LEU A CD2 1 
ATOM   769  N  N   . ALA A 1 101 ? 7.929   -4.226  -8.217  1.00 9.13  ? 101 ALA A N   1 
ATOM   770  C  CA  . ALA A 1 101 ? 8.805   -3.426  -9.067  1.00 8.93  ? 101 ALA A CA  1 
ATOM   771  C  C   . ALA A 1 101 ? 10.238  -3.655  -8.655  1.00 9.13  ? 101 ALA A C   1 
ATOM   772  O  O   . ALA A 1 101 ? 10.520  -4.045  -7.521  1.00 9.72  ? 101 ALA A O   1 
ATOM   773  C  CB  . ALA A 1 101 ? 8.468   -1.960  -8.981  1.00 9.45  ? 101 ALA A CB  1 
ATOM   774  N  N   . VAL A 1 102 ? 11.144  -3.300  -9.537  1.00 9.36  ? 102 VAL A N   1 
ATOM   775  C  CA  . VAL A 1 102 ? 12.585  -3.253  -9.210  1.00 9.74  ? 102 VAL A CA  1 
ATOM   776  C  C   . VAL A 1 102 ? 12.879  -1.911  -8.550  1.00 9.49  ? 102 VAL A C   1 
ATOM   777  O  O   . VAL A 1 102 ? 12.655  -0.855  -9.147  1.00 10.38 ? 102 VAL A O   1 
ATOM   778  C  CB  . VAL A 1 102 ? 13.432  -3.504  -10.472 1.00 9.40  ? 102 VAL A CB  1 
ATOM   779  C  CG1 . VAL A 1 102 ? 14.914  -3.398  -10.118 1.00 10.03 ? 102 VAL A CG1 1 
ATOM   780  C  CG2 . VAL A 1 102 ? 13.115  -4.856  -11.074 1.00 9.50  ? 102 VAL A CG2 1 
ATOM   781  N  N   . GLY A 1 103 ? 13.351  -1.974  -7.328  1.00 9.52  ? 103 GLY A N   1 
ATOM   782  C  CA  . GLY A 1 103 ? 13.615  -0.746  -6.573  1.00 10.87 ? 103 GLY A CA  1 
ATOM   783  C  C   . GLY A 1 103 ? 13.977  -1.049  -5.148  1.00 10.63 ? 103 GLY A C   1 
ATOM   784  O  O   . GLY A 1 103 ? 13.962  -2.211  -4.749  1.00 11.57 ? 103 GLY A O   1 
ATOM   785  N  N   . HIS A 1 104 ? 14.297  -0.005  -4.414  1.00 10.96 ? 104 HIS A N   1 
ATOM   786  C  CA  . HIS A 1 104 ? 14.738  -0.134  -3.016  1.00 11.68 ? 104 HIS A CA  1 
ATOM   787  C  C   . HIS A 1 104 ? 13.559  -0.034  -2.066  1.00 11.47 ? 104 HIS A C   1 
ATOM   788  O  O   . HIS A 1 104 ? 12.758  0.908   -2.157  1.00 11.12 ? 104 HIS A O   1 
ATOM   789  C  CB  . HIS A 1 104 ? 15.781  0.949   -2.738  1.00 11.14 ? 104 HIS A CB  1 
ATOM   790  C  CG  . HIS A 1 104 ? 16.346  0.775   -1.378  1.00 11.73 ? 104 HIS A CG  1 
ATOM   791  N  ND1 . HIS A 1 104 ? 17.109  -0.319  -1.072  1.00 12.80 ? 104 HIS A ND1 1 
ATOM   792  C  CD2 . HIS A 1 104 ? 16.160  1.463   -0.233  1.00 12.46 ? 104 HIS A CD2 1 
ATOM   793  C  CE1 . HIS A 1 104 ? 17.388  -0.247  0.231   1.00 12.69 ? 104 HIS A CE1 1 
ATOM   794  N  NE2 . HIS A 1 104 ? 16.860  0.824   0.714   1.00 13.05 ? 104 HIS A NE2 1 
ATOM   795  N  N   . SER A 1 105 ? 13.505  -0.955  -1.109  1.00 10.72 ? 105 SER A N   1 
ATOM   796  C  CA  . SER A 1 105 ? 12.474  -0.970  -0.068  1.00 10.46 ? 105 SER A CA  1 
ATOM   797  C  C   . SER A 1 105 ? 13.049  -1.656  1.165   1.00 11.40 ? 105 SER A C   1 
ATOM   798  O  O   . SER A 1 105 ? 13.399  -2.857  1.056   1.00 13.82 ? 105 SER A O   1 
ATOM   799  C  CB  . SER A 1 105 ? 11.238  -1.675  -0.604  1.00 10.83 ? 105 SER A CB  1 
ATOM   800  O  OG  . SER A 1 105 ? 10.296  -1.769  0.453   1.00 11.60 ? 105 SER A OG  1 
ATOM   801  N  N   . GLU A 1 106 ? 13.029  -0.970  2.247   1.00 10.42 ? 106 GLU A N   1 
ATOM   802  C  CA  . GLU A 1 106 ? 13.329  -1.490  3.602   1.00 11.69 ? 106 GLU A CA  1 
ATOM   803  C  C   . GLU A 1 106 ? 12.073  -1.430  4.417   1.00 12.85 ? 106 GLU A C   1 
ATOM   804  O  O   . GLU A 1 106 ? 11.103  -0.750  4.055   1.00 13.22 ? 106 GLU A O   1 
ATOM   805  C  CB  . GLU A 1 106 ? 14.336  -0.591  4.305   1.00 15.31 ? 106 GLU A CB  1 
ATOM   806  C  CG  . GLU A 1 106 ? 15.663  -0.530  3.615   1.00 18.26 ? 106 GLU A CG  1 
ATOM   807  C  CD  . GLU A 1 106 ? 16.636  0.527   4.163   1.00 18.53 ? 106 GLU A CD  1 
ATOM   808  O  OE1 . GLU A 1 106 ? 16.528  0.924   5.336   1.00 24.22 ? 106 GLU A OE1 1 
ATOM   809  O  OE2 . GLU A 1 106 ? 17.421  0.978   3.400   1.00 16.78 ? 106 GLU A OE2 1 
ATOM   810  N  N   . PRO A 1 107 ? 12.018  -2.083  5.605   1.00 14.24 ? 107 PRO A N   1 
ATOM   811  C  CA  . PRO A 1 107 ? 10.760  -2.170  6.331   1.00 13.67 ? 107 PRO A CA  1 
ATOM   812  C  C   . PRO A 1 107 ? 10.098  -0.822  6.613   1.00 14.29 ? 107 PRO A C   1 
ATOM   813  O  O   . PRO A 1 107 ? 8.851   -0.662  6.479   1.00 14.80 ? 107 PRO A O   1 
ATOM   814  C  CB  . PRO A 1 107 ? 11.220  -2.864  7.626   1.00 14.98 ? 107 PRO A CB  1 
ATOM   815  C  CG  . PRO A 1 107 ? 12.242  -3.821  7.143   1.00 16.25 ? 107 PRO A CG  1 
ATOM   816  C  CD  . PRO A 1 107 ? 13.053  -2.981  6.163   1.00 15.19 ? 107 PRO A CD  1 
ATOM   817  N  N   . GLY A 1 108 ? 10.883  0.167   6.956   1.00 13.85 ? 108 GLY A N   1 
ATOM   818  C  CA  . GLY A 1 108 ? 10.338  1.472   7.315   1.00 13.96 ? 108 GLY A CA  1 
ATOM   819  C  C   . GLY A 1 108 ? 9.815   2.246   6.097   1.00 11.88 ? 108 GLY A C   1 
ATOM   820  O  O   . GLY A 1 108 ? 9.189   3.289   6.292   1.00 12.96 ? 108 GLY A O   1 
ATOM   821  N  N   . ASP A 1 109 ? 10.095  1.750   4.882   1.00 11.68 ? 109 ASP A N   1 
ATOM   822  C  CA  . ASP A 1 109 ? 9.494   2.328   3.671   1.00 9.75  ? 109 ASP A CA  1 
ATOM   823  C  C   . ASP A 1 109 ? 8.016   1.979   3.538   1.00 9.11  ? 109 ASP A C   1 
ATOM   824  O  O   . ASP A 1 109 ? 7.345   2.601   2.696   1.00 9.44  ? 109 ASP A O   1 
ATOM   825  C  CB  . ASP A 1 109 ? 10.255  1.874   2.435   1.00 9.87  ? 109 ASP A CB  1 
ATOM   826  C  CG  . ASP A 1 109 ? 11.652  2.492   2.408   1.00 9.63  ? 109 ASP A CG  1 
ATOM   827  O  OD1 . ASP A 1 109 ? 11.750  3.668   2.782   1.00 11.82 ? 109 ASP A OD1 1 
ATOM   828  O  OD2 . ASP A 1 109 ? 12.588  1.814   1.996   1.00 10.61 ? 109 ASP A OD2 1 
ATOM   829  N  N   . CYS A 1 110 ? 7.512   1.022   4.279   1.00 9.64  ? 110 CYS A N   1 
ATOM   830  C  CA  . CYS A 1 110 ? 6.102   0.666   4.176   1.00 9.70  ? 110 CYS A CA  1 
ATOM   831  C  C   . CYS A 1 110 ? 5.254   1.880   4.393   1.00 9.88  ? 110 CYS A C   1 
ATOM   832  O  O   . CYS A 1 110 ? 5.497   2.682   5.306   1.00 10.52 ? 110 CYS A O   1 
ATOM   833  C  CB  . CYS A 1 110 ? 5.758   -0.428  5.193   1.00 10.14 ? 110 CYS A CB  1 
ATOM   834  S  SG  . CYS A 1 110 ? 6.335   -2.064  4.717   1.00 11.62 ? 110 CYS A SG  1 
ATOM   835  N  N   . GLY A 1 111 ? 4.210   2.025   3.576   1.00 9.18  ? 111 GLY A N   1 
ATOM   836  C  CA  . GLY A 1 111 ? 3.280   3.138   3.645   1.00 8.92  ? 111 GLY A CA  1 
ATOM   837  C  C   . GLY A 1 111 ? 3.566   4.211   2.612   1.00 9.25  ? 111 GLY A C   1 
ATOM   838  O  O   . GLY A 1 111 ? 2.718   5.064   2.395   1.00 9.97  ? 111 GLY A O   1 
ATOM   839  N  N   . GLY A 1 112 ? 4.711   4.177   1.956   1.00 9.22  ? 112 GLY A N   1 
ATOM   840  C  CA  . GLY A 1 112 ? 4.980   5.114   0.862   1.00 8.78  ? 112 GLY A CA  1 
ATOM   841  C  C   . GLY A 1 112 ? 3.988   4.908   -0.265  1.00 8.55  ? 112 GLY A C   1 
ATOM   842  O  O   . GLY A 1 112 ? 3.694   3.758   -0.606  1.00 8.51  ? 112 GLY A O   1 
ATOM   843  N  N   . ILE A 1 113 ? 3.525   5.983   -0.869  1.00 8.75  ? 113 ILE A N   1 
ATOM   844  C  CA  . ILE A 1 113 ? 2.517   5.879   -1.948  1.00 8.50  ? 113 ILE A CA  1 
ATOM   845  C  C   . ILE A 1 113 ? 3.177   5.545   -3.277  1.00 8.66  ? 113 ILE A C   1 
ATOM   846  O  O   . ILE A 1 113 ? 4.204   6.162   -3.641  1.00 8.53  ? 113 ILE A O   1 
ATOM   847  C  CB  . ILE A 1 113 ? 1.736   7.191   -2.016  1.00 10.06 ? 113 ILE A CB  1 
ATOM   848  C  CG1 . ILE A 1 113 ? 0.717   7.160   -0.868  1.00 12.58 ? 113 ILE A CG1 1 
ATOM   849  C  CG2 . ILE A 1 113 ? 1.048   7.411   -3.357  1.00 9.71  ? 113 ILE A CG2 1 
ATOM   850  C  CD1 . ILE A 1 113 ? -0.063  8.437   -0.668  1.00 14.53 ? 113 ILE A CD1 1 
ATOM   851  N  N   . LEU A 1 114 ? 2.517   4.655   -4.007  1.00 7.90  ? 114 LEU A N   1 
ATOM   852  C  CA  . LEU A 1 114 ? 2.717   4.458   -5.466  1.00 8.13  ? 114 LEU A CA  1 
ATOM   853  C  C   . LEU A 1 114 ? 1.543   5.160   -6.160  1.00 8.01  ? 114 LEU A C   1 
ATOM   854  O  O   . LEU A 1 114 ? 0.364   4.895   -5.779  1.00 8.37  ? 114 LEU A O   1 
ATOM   855  C  CB  . LEU A 1 114 ? 2.681   2.960   -5.759  1.00 8.40  ? 114 LEU A CB  1 
ATOM   856  C  CG  . LEU A 1 114 ? 2.665   2.586   -7.240  1.00 8.28  ? 114 LEU A CG  1 
ATOM   857  C  CD1 . LEU A 1 114 ? 3.948   2.967   -7.941  1.00 9.17  ? 114 LEU A CD1 1 
ATOM   858  C  CD2 . LEU A 1 114 ? 2.414   1.088   -7.378  1.00 8.77  ? 114 LEU A CD2 1 
ATOM   859  N  N   . ARG A 1 115 ? 1.834   5.999   -7.123  1.00 7.93  ? 115 ARG A N   1 
ATOM   860  C  CA  . ARG A 1 115 ? 0.795   6.754   -7.857  1.00 8.10  ? 115 ARG A CA  1 
ATOM   861  C  C   . ARG A 1 115 ? 1.042   6.649   -9.341  1.00 8.60  ? 115 ARG A C   1 
ATOM   862  O  O   . ARG A 1 115 ? 2.179   6.549   -9.801  1.00 8.78  ? 115 ARG A O   1 
ATOM   863  C  CB  . ARG A 1 115 ? 0.744   8.195   -7.406  1.00 9.52  ? 115 ARG A CB  1 
ATOM   864  C  CG  . ARG A 1 115 ? 2.007   8.978   -7.727  1.00 9.78  ? 115 ARG A CG  1 
ATOM   865  C  CD  . ARG A 1 115 ? 1.974   10.383  -7.176  1.00 12.45 ? 115 ARG A CD  1 
ATOM   866  N  NE  . ARG A 1 115 ? 2.174   10.396  -5.733  1.00 16.03 ? 115 ARG A NE  1 
ATOM   867  C  CZ  . ARG A 1 115 ? 1.336   10.897  -4.785  1.00 17.06 ? 115 ARG A CZ  1 
ATOM   868  N  NH1 . ARG A 1 115 ? 0.127   11.337  -5.096  1.00 20.45 ? 115 ARG A NH1 1 
ATOM   869  N  NH2 . ARG A 1 115 ? 1.695   10.899  -3.520  1.00 21.78 ? 115 ARG A NH2 1 
ATOM   870  N  N   . CYS A 1 116 ? -0.059  6.711   -10.079 1.00 8.94  ? 116 CYS A N   1 
ATOM   871  C  CA  . CYS A 1 116 ? -0.058  6.785   -11.545 1.00 9.61  ? 116 CYS A CA  1 
ATOM   872  C  C   . CYS A 1 116 ? -0.780  8.051   -11.954 1.00 9.53  ? 116 CYS A C   1 
ATOM   873  O  O   . CYS A 1 116 ? -1.221  8.827   -11.133 1.00 10.36 ? 116 CYS A O   1 
ATOM   874  C  CB  . CYS A 1 116 ? -0.707  5.539   -12.141 1.00 9.36  ? 116 CYS A CB  1 
ATOM   875  S  SG  . CYS A 1 116 ? -2.473  5.442   -11.785 1.00 9.42  ? 116 CYS A SG  1 
ATOM   876  N  N   . GLN A 1 117 ? -0.989  8.196   -13.255 1.00 11.51 ? 117 GLN A N   1 
ATOM   877  C  CA  . GLN A 1 117 ? -1.760  9.346   -13.772 1.00 12.12 ? 117 GLN A CA  1 
ATOM   878  C  C   . GLN A 1 117 ? -3.173  9.397   -13.221 1.00 12.48 ? 117 GLN A C   1 
ATOM   879  O  O   . GLN A 1 117 ? -3.749  10.477  -13.249 1.00 15.62 ? 117 GLN A O   1 
ATOM   880  C  CB  . GLN A 1 117 ? -1.751  9.342   -15.298 1.00 13.29 ? 117 GLN A CB  1 
ATOM   881  C  CG  . GLN A 1 117 ? -2.575  8.199   -15.876 1.00 15.46 ? 117 GLN A CG  1 
ATOM   882  C  CD  . GLN A 1 117 ? -2.591  8.168   -17.382 1.00 19.91 ? 117 GLN A CD  1 
ATOM   883  O  OE1 . GLN A 1 117 ? -1.756  7.510   -17.990 1.00 25.15 ? 117 GLN A OE1 1 
ATOM   884  N  NE2 . GLN A 1 117 ? -3.548  8.887   -17.947 1.00 21.18 ? 117 GLN A NE2 1 
ATOM   885  N  N   . HIS A 1 118 ? -3.726  8.313   -12.731 1.00 11.13 ? 118 HIS A N   1 
ATOM   886  C  CA  . HIS A 1 118 ? -5.115  8.318   -12.231 1.00 10.77 ? 118 HIS A CA  1 
ATOM   887  C  C   . HIS A 1 118 ? -5.241  8.560   -10.720 1.00 12.34 ? 118 HIS A C   1 
ATOM   888  O  O   . HIS A 1 118 ? -6.400  8.616   -10.218 1.00 14.28 ? 118 HIS A O   1 
ATOM   889  C  CB  . HIS A 1 118 ? -5.788  7.003   -12.589 1.00 10.75 ? 118 HIS A CB  1 
ATOM   890  C  CG  . HIS A 1 118 ? -5.719  6.702   -14.037 1.00 11.10 ? 118 HIS A CG  1 
ATOM   891  N  ND1 . HIS A 1 118 ? -4.812  5.820   -14.569 1.00 11.06 ? 118 HIS A ND1 1 
ATOM   892  C  CD2 . HIS A 1 118 ? -6.474  7.182   -15.068 1.00 12.10 ? 118 HIS A CD2 1 
ATOM   893  C  CE1 . HIS A 1 118 ? -4.986  5.785   -15.896 1.00 11.59 ? 118 HIS A CE1 1 
ATOM   894  N  NE2 . HIS A 1 118 ? -6.012  6.590   -16.201 1.00 13.85 ? 118 HIS A NE2 1 
ATOM   895  N  N   . GLY A 1 119 ? -4.123  8.580   -9.974  1.00 10.63 ? 119 GLY A N   1 
ATOM   896  C  CA  . GLY A 1 119 ? -4.145  8.726   -8.525  1.00 10.61 ? 119 GLY A CA  1 
ATOM   897  C  C   . GLY A 1 119 ? -3.318  7.675   -7.826  1.00 8.95  ? 119 GLY A C   1 
ATOM   898  O  O   . GLY A 1 119 ? -2.398  7.126   -8.380  1.00 9.45  ? 119 GLY A O   1 
ATOM   899  N  N   . VAL A 1 120 ? -3.719  7.405   -6.604  1.00 9.38  ? 120 VAL A N   1 
ATOM   900  C  CA  . VAL A 1 120 ? -2.966  6.478   -5.728  1.00 9.00  ? 120 VAL A CA  1 
ATOM   901  C  C   . VAL A 1 120 ? -3.275  5.043   -6.123  1.00 9.24  ? 120 VAL A C   1 
ATOM   902  O  O   . VAL A 1 120 ? -4.480  4.623   -6.168  1.00 9.82  ? 120 VAL A O   1 
ATOM   903  C  CB  . VAL A 1 120 ? -3.292  6.743   -4.253  1.00 10.39 ? 120 VAL A CB  1 
ATOM   904  C  CG1 . VAL A 1 120 ? -2.651  5.679   -3.380  1.00 10.02 ? 120 VAL A CG1 1 
ATOM   905  C  CG2 . VAL A 1 120 ? -2.893  8.137   -3.843  1.00 11.59 ? 120 VAL A CG2 1 
ATOM   906  N  N   . VAL A 1 121 ? -2.262  4.250   -6.378  1.00 8.56  ? 121 VAL A N   1 
ATOM   907  C  CA  . VAL A 1 121 ? -2.380  2.839   -6.797  1.00 8.69  ? 121 VAL A CA  1 
ATOM   908  C  C   . VAL A 1 121 ? -2.313  1.951   -5.574  1.00 8.37  ? 121 VAL A C   1 
ATOM   909  O  O   . VAL A 1 121 ? -2.982  0.930   -5.520  1.00 9.08  ? 121 VAL A O   1 
ATOM   910  C  CB  . VAL A 1 121 ? -1.260  2.541   -7.786  1.00 9.28  ? 121 VAL A CB  1 
ATOM   911  C  CG1 . VAL A 1 121 ? -1.169  1.081   -8.128  1.00 9.40  ? 121 VAL A CG1 1 
ATOM   912  C  CG2 . VAL A 1 121 ? -1.348  3.398   -9.044  1.00 10.71 ? 121 VAL A CG2 1 
ATOM   913  N  N   . GLY A 1 122 ? -1.432  2.269   -4.628  1.00 8.80  ? 122 GLY A N   1 
ATOM   914  C  CA  . GLY A 1 122 ? -1.182  1.405   -3.463  1.00 9.75  ? 122 GLY A CA  1 
ATOM   915  C  C   . GLY A 1 122 ? -0.108  1.964   -2.599  1.00 8.42  ? 122 GLY A C   1 
ATOM   916  O  O   . GLY A 1 122 ? 0.321   3.119   -2.775  1.00 8.88  ? 122 GLY A O   1 
ATOM   917  N  N   . ILE A 1 123 ? 0.291   1.152   -1.631  1.00 8.20  ? 123 ILE A N   1 
ATOM   918  C  CA  . ILE A 1 123 ? 1.325   1.579   -0.650  1.00 8.52  ? 123 ILE A CA  1 
ATOM   919  C  C   . ILE A 1 123 ? 2.424   0.515   -0.577  1.00 8.03  ? 123 ILE A C   1 
ATOM   920  O  O   . ILE A 1 123 ? 2.131   -0.690  -0.729  1.00 8.17  ? 123 ILE A O   1 
ATOM   921  C  CB  . ILE A 1 123 ? 0.795   1.900   0.766   1.00 9.15  ? 123 ILE A CB  1 
ATOM   922  C  CG1 . ILE A 1 123 ? -0.089  0.761   1.319   1.00 9.56  ? 123 ILE A CG1 1 
ATOM   923  C  CG2 . ILE A 1 123 ? 0.107   3.255   0.761   1.00 10.25 ? 123 ILE A CG2 1 
ATOM   924  C  CD1 . ILE A 1 123 ? -0.500  0.943   2.775   1.00 10.17 ? 123 ILE A CD1 1 
ATOM   925  N  N   . VAL A 1 124 ? 3.633   0.943   -0.317  1.00 8.17  ? 124 VAL A N   1 
ATOM   926  C  CA  . VAL A 1 124 ? 4.751   0.004   -0.106  1.00 8.50  ? 124 VAL A CA  1 
ATOM   927  C  C   . VAL A 1 124 ? 4.371   -0.956  1.006   1.00 8.34  ? 124 VAL A C   1 
ATOM   928  O  O   . VAL A 1 124 ? 3.889   -0.533  2.092   1.00 8.35  ? 124 VAL A O   1 
ATOM   929  C  CB  . VAL A 1 124 ? 6.049   0.724   0.216   1.00 8.69  ? 124 VAL A CB  1 
ATOM   930  C  CG1 . VAL A 1 124 ? 7.146   -0.259  0.580   1.00 8.44  ? 124 VAL A CG1 1 
ATOM   931  C  CG2 . VAL A 1 124 ? 6.485   1.655   -0.889  1.00 8.55  ? 124 VAL A CG2 1 
ATOM   932  N  N   . SER A 1 125 ? 4.580   -2.245  0.769   1.00 8.42  ? 125 SER A N   1 
ATOM   933  C  CA  . SER A 1 125 ? 4.305   -3.320  1.727   1.00 9.55  ? 125 SER A CA  1 
ATOM   934  C  C   . SER A 1 125 ? 5.426   -4.340  1.844   1.00 9.32  ? 125 SER A C   1 
ATOM   935  O  O   . SER A 1 125 ? 5.521   -4.985  2.916   1.00 11.15 ? 125 SER A O   1 
ATOM   936  C  CB  . SER A 1 125 ? 3.026   -3.999  1.343   1.00 9.95  ? 125 SER A CB  1 
ATOM   937  O  OG  . SER A 1 125 ? 2.688   -5.078  2.218   1.00 11.43 ? 125 SER A OG  1 
ATOM   938  N  N   . THR A 1 126 ? 6.260   -4.519  0.834   1.00 9.64  ? 126 THR A N   1 
ATOM   939  C  CA  . THR A 1 126 ? 7.350   -5.520  0.917   1.00 9.77  ? 126 THR A CA  1 
ATOM   940  C  C   . THR A 1 126 ? 8.648   -4.937  0.377   1.00 10.24 ? 126 THR A C   1 
ATOM   941  O  O   . THR A 1 126 ? 8.628   -3.920  -0.353  1.00 9.38  ? 126 THR A O   1 
ATOM   942  C  CB  . THR A 1 126 ? 7.042   -6.857  0.209   1.00 10.53 ? 126 THR A CB  1 
ATOM   943  O  OG1 . THR A 1 126 ? 7.156   -6.671  -1.203  1.00 10.64 ? 126 THR A OG1 1 
ATOM   944  C  CG2 . THR A 1 126 ? 5.659   -7.399  0.518   1.00 10.65 ? 126 THR A CG2 1 
ATOM   945  N  N   . GLY A 1 127 ? 9.757   -5.608  0.653   1.00 10.37 ? 127 GLY A N   1 
ATOM   946  C  CA  . GLY A 1 127 ? 11.049  -5.196  0.133   1.00 11.69 ? 127 GLY A CA  1 
ATOM   947  C  C   . GLY A 1 127 ? 12.018  -6.352  0.169   1.00 12.31 ? 127 GLY A C   1 
ATOM   948  O  O   . GLY A 1 127 ? 11.592  -7.501  0.341   1.00 14.73 ? 127 GLY A O   1 
ATOM   949  N  N   . GLY A 1 128 ? 13.270  -6.027  -0.056  1.00 14.90 ? 128 GLY A N   1 
ATOM   950  C  CA  . GLY A 1 128 ? 14.366  -7.014  -0.108  1.00 15.04 ? 128 GLY A CA  1 
ATOM   951  C  C   . GLY A 1 128 ? 14.659  -7.496  -1.512  1.00 14.46 ? 128 GLY A C   1 
ATOM   952  O  O   . GLY A 1 128 ? 13.820  -7.499  -2.435  1.00 14.49 ? 128 GLY A O   1 
ATOM   953  N  N   . ASN A 1 129 ? 15.891  -7.974  -1.671  1.00 17.11 ? 129 ASN A N   1 
ATOM   954  C  CA  . ASN A 1 129 ? 16.365  -8.620  -2.930  1.00 16.42 ? 129 ASN A CA  1 
ATOM   955  C  C   . ASN A 1 129 ? 16.098  -7.705  -4.122  1.00 14.17 ? 129 ASN A C   1 
ATOM   956  O  O   . ASN A 1 129 ? 15.832  -8.188  -5.245  1.00 14.84 ? 129 ASN A O   1 
ATOM   957  C  CB  . ASN A 1 129 ? 15.754  -9.986  -3.226  1.00 19.52 ? 129 ASN A CB  1 
ATOM   958  C  CG  . ASN A 1 129 ? 16.284  -11.098 -2.353  1.00 25.44 ? 129 ASN A CG  1 
ATOM   959  O  OD1 . ASN A 1 129 ? 17.490  -11.183 -2.112  1.00 26.39 ? 129 ASN A OD1 1 
ATOM   960  N  ND2 . ASN A 1 129 ? 15.374  -11.927 -1.869  1.00 29.45 ? 129 ASN A ND2 1 
ATOM   961  N  N   . GLY A 1 130 ? 16.248  -6.410  -3.900  1.00 13.71 ? 130 GLY A N   1 
ATOM   962  C  CA  . GLY A 1 130 ? 16.177  -5.433  -4.989  1.00 12.48 ? 130 GLY A CA  1 
ATOM   963  C  C   . GLY A 1 130 ? 14.789  -5.197  -5.561  1.00 11.07 ? 130 GLY A C   1 
ATOM   964  O  O   . GLY A 1 130 ? 14.734  -4.551  -6.584  1.00 10.66 ? 130 GLY A O   1 
ATOM   965  N  N   . LEU A 1 131 ? 13.737  -5.643  -4.891  1.00 11.12 ? 131 LEU A N   1 
ATOM   966  C  CA  . LEU A 1 131 ? 12.364  -5.395  -5.309  1.00 10.60 ? 131 LEU A CA  1 
ATOM   967  C  C   . LEU A 1 131 ? 11.684  -4.542  -4.247  1.00 10.10 ? 131 LEU A C   1 
ATOM   968  O  O   . LEU A 1 131 ? 12.005  -4.604  -3.047  1.00 12.45 ? 131 LEU A O   1 
ATOM   969  C  CB  . LEU A 1 131 ? 11.570  -6.671  -5.509  1.00 12.37 ? 131 LEU A CB  1 
ATOM   970  C  CG  . LEU A 1 131 ? 12.136  -7.678  -6.513  1.00 12.71 ? 131 LEU A CG  1 
ATOM   971  C  CD1 . LEU A 1 131 ? 11.101  -8.792  -6.744  1.00 14.29 ? 131 LEU A CD1 1 
ATOM   972  C  CD2 . LEU A 1 131 ? 12.527  -7.047  -7.843  1.00 12.34 ? 131 LEU A CD2 1 
ATOM   973  N  N   . VAL A 1 132 ? 10.639  -3.876  -4.688  1.00 10.07 ? 132 VAL A N   1 
ATOM   974  C  CA  . VAL A 1 132 ? 9.677   -3.206  -3.798  1.00 9.37  ? 132 VAL A CA  1 
ATOM   975  C  C   . VAL A 1 132 ? 8.316   -3.764  -4.138  1.00 9.78  ? 132 VAL A C   1 
ATOM   976  O  O   . VAL A 1 132 ? 7.966   -3.852  -5.335  1.00 10.03 ? 132 VAL A O   1 
ATOM   977  C  CB  . VAL A 1 132 ? 9.749   -1.687  -3.961  1.00 10.12 ? 132 VAL A CB  1 
ATOM   978  C  CG1 . VAL A 1 132 ? 9.705   -1.213  -5.387  1.00 11.75 ? 132 VAL A CG1 1 
ATOM   979  C  CG2 . VAL A 1 132 ? 8.724   -1.007  -3.086  1.00 9.81  ? 132 VAL A CG2 1 
ATOM   980  N  N   . GLY A 1 133 ? 7.556   -4.165  -3.135  1.00 8.78  ? 133 GLY A N   1 
ATOM   981  C  CA  . GLY A 1 133 ? 6.199   -4.663  -3.343  1.00 8.23  ? 133 GLY A CA  1 
ATOM   982  C  C   . GLY A 1 133 ? 5.201   -3.679  -2.794  1.00 8.40  ? 133 GLY A C   1 
ATOM   983  O  O   . GLY A 1 133 ? 5.443   -3.091  -1.720  1.00 9.26  ? 133 GLY A O   1 
ATOM   984  N  N   . PHE A 1 134 ? 4.096   -3.531  -3.492  1.00 8.41  ? 134 PHE A N   1 
ATOM   985  C  CA  . PHE A 1 134 ? 3.034   -2.578  -3.163  1.00 8.44  ? 134 PHE A CA  1 
ATOM   986  C  C   . PHE A 1 134 ? 1.712   -3.293  -3.012  1.00 8.39  ? 134 PHE A C   1 
ATOM   987  O  O   . PHE A 1 134 ? 1.370   -4.164  -3.840  1.00 9.04  ? 134 PHE A O   1 
ATOM   988  C  CB  . PHE A 1 134 ? 2.839   -1.582  -4.297  1.00 8.73  ? 134 PHE A CB  1 
ATOM   989  C  CG  . PHE A 1 134 ? 4.106   -0.905  -4.722  1.00 8.39  ? 134 PHE A CG  1 
ATOM   990  C  CD1 . PHE A 1 134 ? 4.582   0.211   -4.063  1.00 8.60  ? 134 PHE A CD1 1 
ATOM   991  C  CD2 . PHE A 1 134 ? 4.811   -1.371  -5.832  1.00 9.02  ? 134 PHE A CD2 1 
ATOM   992  C  CE1 . PHE A 1 134 ? 5.756   0.842   -4.475  1.00 8.51  ? 134 PHE A CE1 1 
ATOM   993  C  CE2 . PHE A 1 134 ? 5.983   -0.717  -6.247  1.00 9.39  ? 134 PHE A CE2 1 
ATOM   994  C  CZ  . PHE A 1 134 ? 6.422   0.412   -5.599  1.00 8.85  ? 134 PHE A CZ  1 
ATOM   995  N  N   . ALA A 1 135 ? 1.022   -2.998  -1.905  1.00 8.10  ? 135 ALA A N   1 
ATOM   996  C  CA  . ALA A 1 135 ? -0.345  -3.481  -1.706  1.00 8.31  ? 135 ALA A CA  1 
ATOM   997  C  C   . ALA A 1 135 ? -1.263  -2.617  -2.560  1.00 8.81  ? 135 ALA A C   1 
ATOM   998  O  O   . ALA A 1 135 ? -1.403  -1.425  -2.305  1.00 8.90  ? 135 ALA A O   1 
ATOM   999  C  CB  . ALA A 1 135 ? -0.672  -3.412  -0.251  1.00 8.59  ? 135 ALA A CB  1 
ATOM   1000 N  N   . ASP A 1 136 ? -1.952  -3.259  -3.511  1.00 9.05  ? 136 ASP A N   1 
ATOM   1001 C  CA  . ASP A 1 136 ? -2.898  -2.568  -4.389  1.00 8.78  ? 136 ASP A CA  1 
ATOM   1002 C  C   . ASP A 1 136 ? -4.117  -2.108  -3.590  1.00 9.22  ? 136 ASP A C   1 
ATOM   1003 O  O   . ASP A 1 136 ? -4.580  -2.845  -2.662  1.00 9.81  ? 136 ASP A O   1 
ATOM   1004 C  CB  . ASP A 1 136 ? -3.362  -3.497  -5.500  1.00 9.20  ? 136 ASP A CB  1 
ATOM   1005 C  CG  . ASP A 1 136 ? -4.254  -2.820  -6.508  1.00 10.07 ? 136 ASP A CG  1 
ATOM   1006 O  OD1 . ASP A 1 136 ? -3.883  -1.786  -7.026  1.00 10.96 ? 136 ASP A OD1 1 
ATOM   1007 O  OD2 . ASP A 1 136 ? -5.380  -3.324  -6.698  1.00 12.58 ? 136 ASP A OD2 1 
ATOM   1008 N  N   . VAL A 1 137 ? -4.686  -0.976  -3.963  1.00 8.94  ? 137 VAL A N   1 
ATOM   1009 C  CA  . VAL A 1 137 ? -5.980  -0.530  -3.400  1.00 9.45  ? 137 VAL A CA  1 
ATOM   1010 C  C   . VAL A 1 137 ? -6.975  -0.222  -4.516  1.00 9.98  ? 137 VAL A C   1 
ATOM   1011 O  O   . VAL A 1 137 ? -8.075  0.212   -4.212  1.00 10.47 ? 137 VAL A O   1 
ATOM   1012 C  CB  . VAL A 1 137 ? -5.816  0.684   -2.478  1.00 10.22 ? 137 VAL A CB  1 
ATOM   1013 C  CG1 . VAL A 1 137 ? -4.939  0.317   -1.281  1.00 10.97 ? 137 VAL A CG1 1 
ATOM   1014 C  CG2 . VAL A 1 137 ? -5.238  1.893   -3.189  1.00 10.25 ? 137 VAL A CG2 1 
ATOM   1015 N  N   . ARG A 1 138 ? -6.593  -0.378  -5.776  1.00 9.83  ? 138 ARG A N   1 
ATOM   1016 C  CA  . ARG A 1 138 ? -7.475  0.077   -6.878  1.00 9.72  ? 138 ARG A CA  1 
ATOM   1017 C  C   . ARG A 1 138 ? -8.724  -0.798  -6.994  1.00 10.38 ? 138 ARG A C   1 
ATOM   1018 O  O   . ARG A 1 138 ? -9.674  -0.313  -7.654  1.00 11.93 ? 138 ARG A O   1 
ATOM   1019 C  CB  . ARG A 1 138 ? -6.718  0.068   -8.194  1.00 9.63  ? 138 ARG A CB  1 
ATOM   1020 C  CG  . ARG A 1 138 ? -5.553  1.043   -8.235  1.00 9.03  ? 138 ARG A CG  1 
ATOM   1021 C  CD  . ARG A 1 138 ? -4.802  0.865   -9.537  1.00 9.20  ? 138 ARG A CD  1 
ATOM   1022 N  NE  . ARG A 1 138 ? -4.118  -0.369  -9.539  1.00 9.85  ? 138 ARG A NE  1 
ATOM   1023 C  CZ  . ARG A 1 138 ? -3.309  -0.800  -10.498 1.00 9.71  ? 138 ARG A CZ  1 
ATOM   1024 N  NH1 . ARG A 1 138 ? -3.208  -0.115  -11.637 1.00 9.35  ? 138 ARG A NH1 1 
ATOM   1025 N  NH2 . ARG A 1 138 ? -2.575  -1.885  -10.309 1.00 9.73  ? 138 ARG A NH2 1 
ATOM   1026 N  N   . ASP A 1 139 ? -8.734  -1.993  -6.465  1.00 10.67 ? 139 ASP A N   1 
ATOM   1027 C  CA  . ASP A 1 139 ? -9.933  -2.846  -6.454  1.00 11.29 ? 139 ASP A CA  1 
ATOM   1028 C  C   . ASP A 1 139 ? -10.883 -2.440  -5.327  1.00 12.81 ? 139 ASP A C   1 
ATOM   1029 O  O   . ASP A 1 139 ? -12.037 -2.960  -5.361  1.00 14.66 ? 139 ASP A O   1 
ATOM   1030 C  CB  . ASP A 1 139 ? -9.563  -4.313  -6.370  1.00 13.10 ? 139 ASP A CB  1 
ATOM   1031 C  CG  . ASP A 1 139 ? -8.921  -4.695  -5.064  1.00 14.03 ? 139 ASP A CG  1 
ATOM   1032 O  OD1 . ASP A 1 139 ? -8.134  -3.871  -4.559  1.00 13.42 ? 139 ASP A OD1 1 
ATOM   1033 O  OD2 . ASP A 1 139 ? -9.195  -5.790  -4.558  1.00 16.61 ? 139 ASP A OD2 1 
ATOM   1034 N  N   . LEU A 1 140 ? -10.497 -1.569  -4.407  1.00 11.87 ? 140 LEU A N   1 
ATOM   1035 C  CA  . LEU A 1 140 ? -11.347 -1.269  -3.233  1.00 11.84 ? 140 LEU A CA  1 
ATOM   1036 C  C   . LEU A 1 140 ? -12.232 -0.095  -3.584  1.00 11.49 ? 140 LEU A C   1 
ATOM   1037 O  O   . LEU A 1 140 ? -12.052 1.035   -3.178  1.00 12.17 ? 140 LEU A O   1 
ATOM   1038 C  CB  . LEU A 1 140 ? -10.448 -1.004  -2.031  1.00 11.64 ? 140 LEU A CB  1 
ATOM   1039 C  CG  . LEU A 1 140 ? -9.518  -2.132  -1.624  1.00 13.50 ? 140 LEU A CG  1 
ATOM   1040 C  CD1 . LEU A 1 140 ? -8.636  -1.686  -0.469  1.00 12.43 ? 140 LEU A CD1 1 
ATOM   1041 C  CD2 . LEU A 1 140 ? -10.247 -3.427  -1.309  1.00 14.60 ? 140 LEU A CD2 1 
ATOM   1042 N  N   . LEU A 1 141 ? -13.267 -0.392  -4.398  1.00 12.67 ? 141 LEU A N   1 
ATOM   1043 C  CA  . LEU A 1 141 ? -14.081 0.690   -4.988  1.00 13.21 ? 141 LEU A CA  1 
ATOM   1044 C  C   . LEU A 1 141 ? -14.872 1.470   -3.937  1.00 13.30 ? 141 LEU A C   1 
ATOM   1045 O  O   . LEU A 1 141 ? -15.108 2.635   -4.071  1.00 15.59 ? 141 LEU A O   1 
ATOM   1046 C  CB  . LEU A 1 141 ? -15.060 0.139   -6.036  1.00 14.14 ? 141 LEU A CB  1 
ATOM   1047 C  CG  . LEU A 1 141 ? -14.444 -0.709  -7.142  1.00 16.85 ? 141 LEU A CG  1 
ATOM   1048 C  CD1 . LEU A 1 141 ? -15.515 -0.906  -8.193  1.00 20.12 ? 141 LEU A CD1 1 
ATOM   1049 C  CD2 . LEU A 1 141 ? -13.197 -0.127  -7.813  1.00 16.75 ? 141 LEU A CD2 1 
ATOM   1050 N  N   . TRP A 1 142 ? -15.189 0.779   -2.832  1.00 13.70 ? 142 TRP A N   1 
ATOM   1051 C  CA  . TRP A 1 142 ? -15.945 1.387   -1.722  1.00 15.53 ? 142 TRP A CA  1 
ATOM   1052 C  C   . TRP A 1 142 ? -15.160 2.508   -1.050  1.00 14.53 ? 142 TRP A C   1 
ATOM   1053 O  O   . TRP A 1 142 ? -15.747 3.374   -0.341  1.00 16.63 ? 142 TRP A O   1 
ATOM   1054 C  CB  . TRP A 1 142 ? -16.352 0.285   -0.758  1.00 14.22 ? 142 TRP A CB  1 
ATOM   1055 C  CG  . TRP A 1 142 ? -15.220 -0.525  -0.195  1.00 14.03 ? 142 TRP A CG  1 
ATOM   1056 C  CD1 . TRP A 1 142 ? -14.830 -1.753  -0.613  1.00 14.76 ? 142 TRP A CD1 1 
ATOM   1057 C  CD2 . TRP A 1 142 ? -14.357 -0.150  0.906   1.00 14.31 ? 142 TRP A CD2 1 
ATOM   1058 N  NE1 . TRP A 1 142 ? -13.761 -2.194  0.138   1.00 15.43 ? 142 TRP A NE1 1 
ATOM   1059 C  CE2 . TRP A 1 142 ? -13.476 -1.247  1.068   1.00 15.14 ? 142 TRP A CE2 1 
ATOM   1060 C  CE3 . TRP A 1 142 ? -14.294 0.940   1.786   1.00 15.12 ? 142 TRP A CE3 1 
ATOM   1061 C  CZ2 . TRP A 1 142 ? -12.523 -1.249  2.089   1.00 16.16 ? 142 TRP A CZ2 1 
ATOM   1062 C  CZ3 . TRP A 1 142 ? -13.313 0.946   2.775   1.00 15.02 ? 142 TRP A CZ3 1 
ATOM   1063 C  CH2 . TRP A 1 142 ? -12.467 -0.149  2.907   1.00 15.58 ? 142 TRP A CH2 1 
ATOM   1064 N  N   . LEU A 1 143 ? -13.842 2.603   -1.246  1.00 14.68 ? 143 LEU A N   1 
ATOM   1065 C  CA  . LEU A 1 143 ? -13.097 3.740   -0.678  1.00 15.10 ? 143 LEU A CA  1 
ATOM   1066 C  C   . LEU A 1 143 ? -13.605 5.091   -1.220  1.00 16.88 ? 143 LEU A C   1 
ATOM   1067 O  O   . LEU A 1 143 ? -13.350 6.120   -0.567  1.00 17.36 ? 143 LEU A O   1 
ATOM   1068 C  CB  . LEU A 1 143 ? -11.601 3.631   -0.967  1.00 13.94 ? 143 LEU A CB  1 
ATOM   1069 C  CG  . LEU A 1 143 ? -10.841 2.539   -0.226  1.00 13.38 ? 143 LEU A CG  1 
ATOM   1070 C  CD1 . LEU A 1 143 ? -9.452  2.405   -0.802  1.00 14.62 ? 143 LEU A CD1 1 
ATOM   1071 C  CD2 . LEU A 1 143 ? -10.739 2.867   1.266   1.00 14.53 ? 143 LEU A CD2 1 
ATOM   1072 N  N   . ASP A 1 144 ? -14.256 5.074   -2.398  1.00 17.01 ? 144 ASP A N   1 
ATOM   1073 C  CA  . ASP A 1 144 ? -14.661 6.310   -3.126  1.00 20.43 ? 144 ASP A CA  1 
ATOM   1074 C  C   . ASP A 1 144 ? -15.992 6.855   -2.626  1.00 22.17 ? 144 ASP A C   1 
ATOM   1075 O  O   . ASP A 1 144 ? -16.318 7.981   -3.075  1.00 25.96 ? 144 ASP A O   1 
ATOM   1076 C  CB  . ASP A 1 144 ? -14.760 6.070   -4.636  1.00 21.54 ? 144 ASP A CB  1 
ATOM   1077 C  CG  . ASP A 1 144 ? -13.442 5.778   -5.320  1.00 19.57 ? 144 ASP A CG  1 
ATOM   1078 O  OD1 . ASP A 1 144 ? -12.380 5.913   -4.648  1.00 22.29 ? 144 ASP A OD1 1 
ATOM   1079 O  OD2 . ASP A 1 144 ? -13.473 5.261   -6.463  1.00 22.75 ? 144 ASP A OD2 1 
ATOM   1080 N  N   . GLU A 1 145 ? -16.688 6.167   -1.726  1.00 27.02 ? 145 GLU A N   1 
ATOM   1081 C  CA  . GLU A 1 145 ? -18.014 6.629   -1.218  1.00 34.62 ? 145 GLU A CA  1 
ATOM   1082 C  C   . GLU A 1 145 ? -18.179 6.410   0.292   1.00 37.31 ? 145 GLU A C   1 
ATOM   1083 O  O   . GLU A 1 145 ? -17.352 5.699   0.895   1.00 34.05 ? 145 GLU A O   1 
ATOM   1084 C  CB  . GLU A 1 145 ? -19.106 5.857   -1.941  1.00 37.37 ? 145 GLU A CB  1 
ATOM   1085 C  CG  . GLU A 1 145 ? -19.104 4.372   -1.605  1.00 38.94 ? 145 GLU A CG  1 
ATOM   1086 C  CD  . GLU A 1 145 ? -19.222 3.439   -2.798  1.00 47.58 ? 145 GLU A CD  1 
ATOM   1087 O  OE1 . GLU A 1 145 ? -19.366 2.204   -2.587  1.00 49.39 ? 145 GLU A OE1 1 
ATOM   1088 O  OE2 . GLU A 1 145 ? -19.151 3.938   -3.931  1.00 56.99 ? 145 GLU A OE2 1 
ATOM   1089 N  N   . GLU A 1 146 ? -19.231 7.010   0.862   1.00 46.53 ? 146 GLU A N   1 
ATOM   1090 C  CA  . GLU A 1 146 ? -19.854 6.616   2.158   1.00 52.27 ? 146 GLU A CA  1 
ATOM   1091 C  C   . GLU A 1 146 ? -18.796 6.660   3.268   1.00 59.05 ? 146 GLU A C   1 
ATOM   1092 O  O   . GLU A 1 146 ? -19.093 6.615   4.469   1.00 63.45 ? 146 GLU A O   1 
ATOM   1093 C  CB  . GLU A 1 146 ? -20.523 5.247   1.982   1.00 50.51 ? 146 GLU A CB  1 
ATOM   1094 C  CG  . GLU A 1 146 ? -20.222 4.232   3.075   1.00 55.52 ? 146 GLU A CG  1 
ATOM   1095 C  CD  . GLU A 1 146 ? -21.078 4.275   4.334   1.00 60.35 ? 146 GLU A CD  1 
ATOM   1096 O  OE1 . GLU A 1 146 ? -20.860 3.405   5.209   1.00 54.90 ? 146 GLU A OE1 1 
ATOM   1097 O  OE2 . GLU A 1 146 ? -21.962 5.160   4.442   1.00 60.70 ? 146 GLU A OE2 1 
HETATM 1098 C  C10 . YFN B 2 .   ? -5.000  -14.750 -9.407  0.50 20.00 ? 201 YFN A C10 1 
HETATM 1099 C  C13 . YFN B 2 .   ? -5.370  -17.196 -8.441  0.50 20.00 ? 201 YFN A C13 1 
HETATM 1100 C  C01 . YFN B 2 .   ? -7.213  -12.274 -8.565  0.50 20.00 ? 201 YFN A C01 1 
HETATM 1101 C  C02 . YFN B 2 .   ? -6.015  -12.994 -7.971  0.50 20.00 ? 201 YFN A C02 1 
HETATM 1102 C  C03 . YFN B 2 .   ? -6.238  -13.341 -6.523  0.50 20.00 ? 201 YFN A C03 1 
HETATM 1103 C  C04 . YFN B 2 .   ? -6.190  -11.947 -5.910  0.50 20.00 ? 201 YFN A C04 1 
HETATM 1104 C  C08 . YFN B 2 .   ? -4.771  -12.091 -7.991  0.50 20.00 ? 201 YFN A C08 1 
HETATM 1105 C  C12 . YFN B 2 .   ? -4.528  -16.241 -9.280  0.50 20.00 ? 201 YFN A C12 1 
HETATM 1106 C  C14 . YFN B 2 .   ? -4.044  -16.734 -7.920  0.50 20.00 ? 201 YFN A C14 1 
HETATM 1107 N  N09 . YFN B 2 .   ? -5.931  -14.328 -8.569  0.50 20.00 ? 201 YFN A N09 1 
HETATM 1108 O  O06 . YFN B 2 .   ? -3.759  -11.778 -5.693  0.50 20.00 ? 201 YFN A O06 1 
HETATM 1109 O  O07 . YFN B 2 .   ? -5.028  -9.865  -6.575  0.50 20.00 ? 201 YFN A O07 1 
HETATM 1110 O  O11 . YFN B 2 .   ? -4.544  -14.015 -10.253 0.50 20.00 ? 201 YFN A O11 1 
HETATM 1111 S  S05 . YFN B 2 .   ? -4.830  -11.261 -6.441  0.50 20.00 ? 201 YFN A S05 1 
HETATM 1112 ZN ZN  . ZN  C 3 .   ? -3.530  4.554   -13.601 1.00 9.90  ? 202 ZN  A ZN  1 
HETATM 1113 S  S   . DMS D 4 .   ? -5.089  12.446  -8.810  1.00 27.15 ? 203 DMS A S   1 
HETATM 1114 O  O   . DMS D 4 .   ? -5.323  13.968  -8.665  1.00 34.56 ? 203 DMS A O   1 
HETATM 1115 C  C1  . DMS D 4 .   ? -4.155  12.335  -10.321 1.00 24.69 ? 203 DMS A C1  1 
HETATM 1116 C  C2  . DMS D 4 .   ? -3.778  12.152  -7.701  1.00 21.92 ? 203 DMS A C2  1 
HETATM 1117 S  S   . DMS E 4 .   ? -7.538  -12.231 5.363   1.00 25.99 ? 204 DMS A S   1 
HETATM 1118 O  O   . DMS E 4 .   ? -6.086  -12.540 5.479   1.00 23.22 ? 204 DMS A O   1 
HETATM 1119 C  C1  . DMS E 4 .   ? -8.000  -13.019 3.838   1.00 25.63 ? 204 DMS A C1  1 
HETATM 1120 C  C2  . DMS E 4 .   ? -8.342  -13.368 6.490   1.00 25.38 ? 204 DMS A C2  1 
HETATM 1121 S  S   . DMS F 4 .   ? 6.698   12.417  2.074   1.00 59.22 ? 205 DMS A S   1 
HETATM 1122 O  O   . DMS F 4 .   ? 7.970   13.196  2.220   1.00 50.83 ? 205 DMS A O   1 
HETATM 1123 C  C1  . DMS F 4 .   ? 5.377   13.622  2.070   1.00 58.06 ? 205 DMS A C1  1 
HETATM 1124 C  C2  . DMS F 4 .   ? 6.613   11.971  0.369   1.00 50.44 ? 205 DMS A C2  1 
HETATM 1125 S  S   . DMS G 4 .   ? 16.370  0.098   -9.808  1.00 31.29 ? 206 DMS A S   1 
HETATM 1126 O  O   . DMS G 4 .   ? 16.615  -0.445  -8.430  1.00 28.20 ? 206 DMS A O   1 
HETATM 1127 C  C1  . DMS G 4 .   ? 16.738  1.831   -9.730  1.00 29.81 ? 206 DMS A C1  1 
HETATM 1128 C  C2  . DMS G 4 .   ? 17.757  -0.362  -10.796 1.00 29.18 ? 206 DMS A C2  1 
HETATM 1129 S  S   . DMS H 4 .   ? 7.245   -10.807 12.687  1.00 26.13 ? 207 DMS A S   1 
HETATM 1130 O  O   . DMS H 4 .   ? 5.857   -10.999 13.278  1.00 33.06 ? 207 DMS A O   1 
HETATM 1131 C  C1  . DMS H 4 .   ? 8.343   -11.311 13.981  1.00 27.21 ? 207 DMS A C1  1 
HETATM 1132 C  C2  . DMS H 4 .   ? 7.463   -12.152 11.638  1.00 24.45 ? 207 DMS A C2  1 
HETATM 1133 S  S   . SO4 I 5 .   ? 6.637   -22.293 -0.267  1.00 47.02 ? 208 SO4 A S   1 
HETATM 1134 O  O1  . SO4 I 5 .   ? 5.281   -22.688 -0.544  1.00 43.45 ? 208 SO4 A O1  1 
HETATM 1135 O  O2  . SO4 I 5 .   ? 6.981   -21.142 -1.060  1.00 44.77 ? 208 SO4 A O2  1 
HETATM 1136 O  O3  . SO4 I 5 .   ? 7.518   -23.383 -0.593  1.00 47.15 ? 208 SO4 A O3  1 
HETATM 1137 O  O4  . SO4 I 5 .   ? 6.771   -21.975 1.127   1.00 47.48 ? 208 SO4 A O4  1 
HETATM 1138 O  O   . HOH J 6 .   ? 15.306  1.566   6.784   1.00 31.48 ? 301 HOH A O   1 
HETATM 1139 O  O   . HOH J 6 .   ? 3.803   -22.353 -4.083  1.00 43.09 ? 302 HOH A O   1 
HETATM 1140 O  O   . HOH J 6 .   ? -14.088 17.718  1.551   1.00 48.77 ? 303 HOH A O   1 
HETATM 1141 O  O   . HOH J 6 .   ? 11.165  -9.700  -0.349  1.00 11.86 ? 304 HOH A O   1 
HETATM 1142 O  O   . HOH J 6 .   ? -16.135 13.845  10.353  1.00 42.53 ? 305 HOH A O   1 
HETATM 1143 O  O   . HOH J 6 .   ? -16.842 7.334   5.081   1.00 33.41 ? 306 HOH A O   1 
HETATM 1144 O  O   . HOH J 6 .   ? 19.226  9.152   -1.391  1.00 22.45 ? 307 HOH A O   1 
HETATM 1145 O  O   . HOH J 6 .   ? 11.797  13.006  1.840   1.00 37.28 ? 308 HOH A O   1 
HETATM 1146 O  O   . HOH J 6 .   ? 14.140  -13.050 4.590   1.00 35.72 ? 309 HOH A O   1 
HETATM 1147 O  O   . HOH J 6 .   ? -1.212  -10.825 10.152  1.00 27.49 ? 310 HOH A O   1 
HETATM 1148 O  O   . HOH J 6 .   ? 0.540   -10.749 -12.316 1.00 34.06 ? 311 HOH A O   1 
HETATM 1149 O  O   . HOH J 6 .   ? 10.333  10.410  4.569   1.00 20.96 ? 312 HOH A O   1 
HETATM 1150 O  O   . HOH J 6 .   ? -12.049 -8.207  9.913   1.00 23.47 ? 313 HOH A O   1 
HETATM 1151 O  O   . HOH J 6 .   ? -4.366  13.704  1.594   1.00 22.20 ? 314 HOH A O   1 
HETATM 1152 O  O   . HOH J 6 .   ? -8.363  6.790   11.616  1.00 31.53 ? 315 HOH A O   1 
HETATM 1153 O  O   . HOH J 6 .   ? 2.434   -9.163  -8.915  1.00 16.24 ? 316 HOH A O   1 
HETATM 1154 O  O   . HOH J 6 .   ? -11.649 14.937  0.619   1.00 33.40 ? 317 HOH A O   1 
HETATM 1155 O  O   . HOH J 6 .   ? -1.516  10.484  2.066   1.00 19.51 ? 318 HOH A O   1 
HETATM 1156 O  O   . HOH J 6 .   ? -17.233 1.652   4.044   1.00 34.81 ? 319 HOH A O   1 
HETATM 1157 O  O   . HOH J 6 .   ? 18.895  6.950   -5.620  1.00 23.19 ? 320 HOH A O   1 
HETATM 1158 O  O   . HOH J 6 .   ? -10.060 12.208  -0.822  1.00 19.17 ? 321 HOH A O   1 
HETATM 1159 O  O   . HOH J 6 .   ? 12.422  -16.114 4.284   1.00 19.00 ? 322 HOH A O   1 
HETATM 1160 O  O   . HOH J 6 .   ? 1.950   3.228   12.999  1.00 24.78 ? 323 HOH A O   1 
HETATM 1161 O  O   . HOH J 6 .   ? 16.292  13.623  -1.369  1.00 31.44 ? 324 HOH A O   1 
HETATM 1162 O  O   . HOH J 6 .   ? -0.081  9.777   8.052   1.00 31.88 ? 325 HOH A O   1 
HETATM 1163 O  O   . HOH J 6 .   ? -8.167  -4.055  -17.790 1.00 28.21 ? 326 HOH A O   1 
HETATM 1164 O  O   . HOH J 6 .   ? 0.424   -2.621  14.325  1.00 29.43 ? 327 HOH A O   1 
HETATM 1165 O  O   . HOH J 6 .   ? -14.732 6.652   -8.381  1.00 23.88 ? 328 HOH A O   1 
HETATM 1166 O  O   . HOH J 6 .   ? 1.305   2.186   6.832   1.00 11.69 ? 329 HOH A O   1 
HETATM 1167 O  O   . HOH J 6 .   ? 3.966   -7.396  12.351  1.00 19.02 ? 330 HOH A O   1 
HETATM 1168 O  O   . HOH J 6 .   ? 7.160   -1.692  8.409   1.00 15.85 ? 331 HOH A O   1 
HETATM 1169 O  O   . HOH J 6 .   ? -3.969  -4.200  -13.048 1.00 19.38 ? 332 HOH A O   1 
HETATM 1170 O  O   . HOH J 6 .   ? -8.276  10.248  -11.247 1.00 23.72 ? 333 HOH A O   1 
HETATM 1171 O  O   . HOH J 6 .   ? 13.246  3.267   -10.733 1.00 19.65 ? 334 HOH A O   1 
HETATM 1172 O  O   . HOH J 6 .   ? -6.482  13.922  -4.894  1.00 19.08 ? 335 HOH A O   1 
HETATM 1173 O  O   . HOH J 6 .   ? -5.957  -5.953  -6.324  1.00 16.26 ? 336 HOH A O   1 
HETATM 1174 O  O   . HOH J 6 .   ? -0.247  -15.925 3.966   1.00 29.07 ? 337 HOH A O   1 
HETATM 1175 O  O   . HOH J 6 .   ? -7.302  -10.489 8.267   1.00 18.31 ? 338 HOH A O   1 
HETATM 1176 O  O   . HOH J 6 .   ? 17.669  -2.326  -2.784  1.00 26.15 ? 339 HOH A O   1 
HETATM 1177 O  O   . HOH J 6 .   ? -12.868 17.447  6.305   1.00 24.70 ? 340 HOH A O   1 
HETATM 1178 O  O   . HOH J 6 .   ? 12.865  9.564   5.273   1.00 22.83 ? 341 HOH A O   1 
HETATM 1179 O  O   . HOH J 6 .   ? 0.536   3.736   11.508  1.00 31.77 ? 342 HOH A O   1 
HETATM 1180 O  O   . HOH J 6 .   ? -4.036  -9.057  -11.583 1.00 32.78 ? 343 HOH A O   1 
HETATM 1181 O  O   . HOH J 6 .   ? 11.443  -9.410  13.621  1.00 42.55 ? 344 HOH A O   1 
HETATM 1182 O  O   . HOH J 6 .   ? -6.195  6.320   13.485  1.00 26.66 ? 345 HOH A O   1 
HETATM 1183 O  O   . HOH J 6 .   ? -1.322  -1.243  -18.260 1.00 36.35 ? 346 HOH A O   1 
HETATM 1184 O  O   . HOH J 6 .   ? -19.962 -0.369  -1.949  1.00 37.76 ? 347 HOH A O   1 
HETATM 1185 O  O   . HOH J 6 .   ? 13.224  0.285   -11.549 1.00 17.37 ? 348 HOH A O   1 
HETATM 1186 O  O   . HOH J 6 .   ? -5.862  -2.766  -11.698 1.00 13.15 ? 349 HOH A O   1 
HETATM 1187 O  O   . HOH J 6 .   ? 9.431   -14.597 -3.822  1.00 18.48 ? 350 HOH A O   1 
HETATM 1188 O  O   . HOH J 6 .   ? -6.515  -3.511  -9.169  1.00 12.70 ? 351 HOH A O   1 
HETATM 1189 O  O   . HOH J 6 .   ? 7.001   6.612   3.435   1.00 14.79 ? 352 HOH A O   1 
HETATM 1190 O  O   . HOH J 6 .   ? 6.785   5.913   -14.206 1.00 30.43 ? 353 HOH A O   1 
HETATM 1191 O  O   . HOH J 6 .   ? 11.601  -9.067  -2.716  1.00 15.76 ? 354 HOH A O   1 
HETATM 1192 O  O   . HOH J 6 .   ? -3.664  6.357   14.725  1.00 25.58 ? 355 HOH A O   1 
HETATM 1193 O  O   . HOH J 6 .   ? 20.370  8.485   -3.360  1.00 25.58 ? 356 HOH A O   1 
HETATM 1194 O  O   . HOH J 6 .   ? -6.005  -2.337  19.958  1.00 17.84 ? 357 HOH A O   1 
HETATM 1195 O  O   . HOH J 6 .   ? 11.837  -15.619 -2.980  1.00 16.94 ? 358 HOH A O   1 
HETATM 1196 O  O   . HOH J 6 .   ? 4.087   -18.002 7.306   1.00 21.17 ? 359 HOH A O   1 
HETATM 1197 O  O   . HOH J 6 .   ? -1.815  -1.719  16.976  1.00 20.15 ? 360 HOH A O   1 
HETATM 1198 O  O   . HOH J 6 .   ? 10.382  -2.443  -12.200 1.00 10.21 ? 361 HOH A O   1 
HETATM 1199 O  O   . HOH J 6 .   ? 10.070  -12.607 10.495  1.00 29.73 ? 362 HOH A O   1 
HETATM 1200 O  O   . HOH J 6 .   ? -15.298 0.682   16.361  1.00 25.16 ? 363 HOH A O   1 
HETATM 1201 O  O   . HOH J 6 .   ? -2.449  12.888  -13.499 1.00 20.70 ? 364 HOH A O   1 
HETATM 1202 O  O   . HOH J 6 .   ? -8.246  12.475  6.623   1.00 19.28 ? 365 HOH A O   1 
HETATM 1203 O  O   . HOH J 6 .   ? -0.934  -6.595  -0.681  1.00 13.74 ? 366 HOH A O   1 
HETATM 1204 O  O   . HOH J 6 .   ? 8.462   4.937   1.677   1.00 10.08 ? 367 HOH A O   1 
HETATM 1205 O  O   . HOH J 6 .   ? 14.414  -3.611  -2.135  1.00 15.58 ? 368 HOH A O   1 
HETATM 1206 O  O   . HOH J 6 .   ? -7.793  -10.128 11.940  1.00 19.49 ? 369 HOH A O   1 
HETATM 1207 O  O   . HOH J 6 .   ? -3.490  9.996   11.024  1.00 34.46 ? 370 HOH A O   1 
HETATM 1208 O  O   . HOH J 6 .   ? -7.655  -11.371 0.295   1.00 40.27 ? 371 HOH A O   1 
HETATM 1209 O  O   . HOH J 6 .   ? -15.128 7.945   0.544   1.00 38.58 ? 372 HOH A O   1 
HETATM 1210 O  O   . HOH J 6 .   ? -15.470 8.646   3.018   1.00 28.36 ? 373 HOH A O   1 
HETATM 1211 O  O   . HOH J 6 .   ? -17.085 -1.546  8.090   1.00 35.02 ? 374 HOH A O   1 
HETATM 1212 O  O   . HOH J 6 .   ? -9.583  -7.673  -6.583  1.00 31.19 ? 375 HOH A O   1 
HETATM 1213 O  O   . HOH J 6 .   ? -1.541  -3.126  -12.586 1.00 15.31 ? 376 HOH A O   1 
HETATM 1214 O  O   . HOH J 6 .   ? -1.894  -4.179  13.648  1.00 22.98 ? 377 HOH A O   1 
HETATM 1215 O  O   . HOH J 6 .   ? 16.949  -2.996  -7.280  1.00 15.90 ? 378 HOH A O   1 
HETATM 1216 O  O   . HOH J 6 .   ? -13.696 13.465  0.089   1.00 31.16 ? 379 HOH A O   1 
HETATM 1217 O  O   . HOH J 6 .   ? -2.407  -14.160 7.640   1.00 30.16 ? 380 HOH A O   1 
HETATM 1218 O  O   . HOH J 6 .   ? -9.518  -0.117  -10.441 1.00 11.12 ? 381 HOH A O   1 
HETATM 1219 O  O   . HOH J 6 .   ? -15.126 9.621   -5.006  1.00 53.02 ? 382 HOH A O   1 
HETATM 1220 O  O   . HOH J 6 .   ? -10.791 8.213   -4.842  1.00 16.46 ? 383 HOH A O   1 
HETATM 1221 O  O   . HOH J 6 .   ? 10.629  -9.938  2.069   1.00 16.44 ? 384 HOH A O   1 
HETATM 1222 O  O   . HOH J 6 .   ? 14.464  -10.291 -6.497  1.00 17.69 ? 385 HOH A O   1 
HETATM 1223 O  O   . HOH J 6 .   ? -13.350 -1.198  16.033  1.00 21.73 ? 386 HOH A O   1 
HETATM 1224 O  O   . HOH J 6 .   ? -8.919  10.665  4.821   1.00 16.55 ? 387 HOH A O   1 
HETATM 1225 O  O   . HOH J 6 .   ? 4.669   -4.553  12.761  1.00 35.69 ? 388 HOH A O   1 
HETATM 1226 O  O   . HOH J 6 .   ? -1.963  12.678  -3.483  1.00 26.95 ? 389 HOH A O   1 
HETATM 1227 O  O   . HOH J 6 .   ? 13.220  -7.096  7.053   1.00 26.07 ? 390 HOH A O   1 
HETATM 1228 O  O   . HOH J 6 .   ? -0.716  -7.300  10.291  1.00 17.74 ? 391 HOH A O   1 
HETATM 1229 O  O   . HOH J 6 .   ? 0.879   10.709  -11.025 1.00 25.04 ? 392 HOH A O   1 
HETATM 1230 O  O   . HOH J 6 .   ? -13.656 18.799  4.105   1.00 17.46 ? 393 HOH A O   1 
HETATM 1231 O  O   . HOH J 6 .   ? -3.583  -5.097  -1.277  1.00 11.44 ? 394 HOH A O   1 
HETATM 1232 O  O   . HOH J 6 .   ? 12.818  -12.874 -2.616  1.00 18.53 ? 395 HOH A O   1 
HETATM 1233 O  O   . HOH J 6 .   ? 13.411  0.095   8.223   1.00 20.01 ? 396 HOH A O   1 
HETATM 1234 O  O   . HOH J 6 .   ? 17.697  -8.020  0.505   1.00 30.50 ? 397 HOH A O   1 
HETATM 1235 O  O   . HOH J 6 .   ? 4.395   8.839   7.988   1.00 35.38 ? 398 HOH A O   1 
HETATM 1236 O  O   . HOH J 6 .   ? 4.464   -7.466  3.770   1.00 14.75 ? 399 HOH A O   1 
HETATM 1237 O  O   . HOH J 6 .   ? 0.696   1.239   -17.745 1.00 23.03 ? 400 HOH A O   1 
HETATM 1238 O  O   . HOH J 6 .   ? 12.254  12.558  -5.500  1.00 21.76 ? 401 HOH A O   1 
HETATM 1239 O  O   . HOH J 6 .   ? -3.583  4.609   18.864  1.00 18.78 ? 402 HOH A O   1 
HETATM 1240 O  O   . HOH J 6 .   ? -11.852 -6.297  -3.700  1.00 26.52 ? 403 HOH A O   1 
HETATM 1241 O  O   . HOH J 6 .   ? 7.613   2.887   9.416   1.00 20.92 ? 404 HOH A O   1 
HETATM 1242 O  O   . HOH J 6 .   ? 20.079  1.205   2.164   1.00 17.57 ? 405 HOH A O   1 
HETATM 1243 O  O   . HOH J 6 .   ? -2.036  -14.551 -8.472  1.00 29.17 ? 406 HOH A O   1 
HETATM 1244 O  O   . HOH J 6 .   ? -13.269 -4.998  0.088   1.00 28.83 ? 407 HOH A O   1 
HETATM 1245 O  O   . HOH J 6 .   ? -6.454  1.545   -17.251 1.00 16.33 ? 408 HOH A O   1 
HETATM 1246 O  O   . HOH J 6 .   ? 8.416   -11.412 -3.131  1.00 15.31 ? 409 HOH A O   1 
HETATM 1247 O  O   . HOH J 6 .   ? 15.942  -4.104  1.387   1.00 28.26 ? 410 HOH A O   1 
HETATM 1248 O  O   . HOH J 6 .   ? -15.344 6.536   7.440   1.00 27.84 ? 411 HOH A O   1 
HETATM 1249 O  O   . HOH J 6 .   ? -16.616 10.924  2.916   1.00 39.67 ? 412 HOH A O   1 
HETATM 1250 O  O   . HOH J 6 .   ? -10.125 -10.251 6.595   1.00 45.45 ? 413 HOH A O   1 
HETATM 1251 O  O   . HOH J 6 .   ? 8.902   -8.833  -1.879  1.00 16.35 ? 414 HOH A O   1 
HETATM 1252 O  O   . HOH J 6 .   ? 4.493   8.743   -4.842  1.00 16.84 ? 415 HOH A O   1 
HETATM 1253 O  O   . HOH J 6 .   ? 6.976   -11.510 4.459   1.00 14.49 ? 416 HOH A O   1 
HETATM 1254 O  O   . HOH J 6 .   ? 12.887  -9.433  3.488   1.00 24.62 ? 417 HOH A O   1 
HETATM 1255 O  O   . HOH J 6 .   ? 1.832   7.790   2.447   1.00 19.26 ? 418 HOH A O   1 
HETATM 1256 O  O   . HOH J 6 .   ? 14.037  9.290   -9.248  1.00 22.37 ? 419 HOH A O   1 
HETATM 1257 O  O   . HOH J 6 .   ? -4.331  11.513  -5.258  1.00 22.46 ? 420 HOH A O   1 
HETATM 1258 O  O   . HOH J 6 .   ? 7.067   -8.625  4.532   1.00 15.02 ? 421 HOH A O   1 
HETATM 1259 O  O   . HOH J 6 .   ? 19.338  2.259   5.122   1.00 16.21 ? 422 HOH A O   1 
HETATM 1260 O  O   . HOH J 6 .   ? -9.327  6.385   -12.542 1.00 14.18 ? 423 HOH A O   1 
HETATM 1261 O  O   . HOH J 6 .   ? -9.024  13.241  10.755  1.00 27.65 ? 424 HOH A O   1 
HETATM 1262 O  O   . HOH J 6 .   ? 19.032  3.102   -4.103  1.00 23.05 ? 425 HOH A O   1 
HETATM 1263 O  O   . HOH J 6 .   ? 8.798   6.248   6.528   1.00 23.85 ? 426 HOH A O   1 
HETATM 1264 O  O   . HOH J 6 .   ? -9.465  11.126  12.588  1.00 31.09 ? 427 HOH A O   1 
HETATM 1265 O  O   . HOH J 6 .   ? -13.673 3.728   19.177  1.00 26.62 ? 428 HOH A O   1 
HETATM 1266 O  O   . HOH J 6 .   ? 12.137  3.597   -14.354 1.00 39.79 ? 429 HOH A O   1 
HETATM 1267 O  O   . HOH J 6 .   ? -9.631  -8.741  -0.804  1.00 25.79 ? 430 HOH A O   1 
HETATM 1268 O  O   . HOH J 6 .   ? 4.436   -10.880 3.465   1.00 20.39 ? 431 HOH A O   1 
HETATM 1269 O  O   . HOH J 6 .   ? 0.897   -7.611  -17.475 1.00 32.46 ? 432 HOH A O   1 
HETATM 1270 O  O   . HOH J 6 .   ? 10.444  -11.854 -1.218  1.00 15.53 ? 433 HOH A O   1 
HETATM 1271 O  O   . HOH J 6 .   ? 9.606   -3.141  2.954   1.00 16.85 ? 434 HOH A O   1 
HETATM 1272 O  O   . HOH J 6 .   ? 16.731  -4.728  -1.542  1.00 22.19 ? 435 HOH A O   1 
HETATM 1273 O  O   . HOH J 6 .   ? -4.818  14.195  3.385   1.00 20.35 ? 436 HOH A O   1 
HETATM 1274 O  O   . HOH J 6 .   ? 13.257  1.915   -8.378  1.00 14.23 ? 437 HOH A O   1 
HETATM 1275 O  O   . HOH J 6 .   ? 0.053   11.995  -1.336  1.00 23.30 ? 438 HOH A O   1 
HETATM 1276 O  O   . HOH J 6 .   ? 14.531  2.457   -6.012  1.00 12.14 ? 439 HOH A O   1 
HETATM 1277 O  O   . HOH J 6 .   ? -8.969  13.782  -8.402  1.00 37.06 ? 440 HOH A O   1 
HETATM 1278 O  O   . HOH J 6 .   ? 1.481   -8.331  -14.489 1.00 17.60 ? 441 HOH A O   1 
HETATM 1279 O  O   . HOH J 6 .   ? -6.692  5.926   -18.997 1.00 32.24 ? 442 HOH A O   1 
HETATM 1280 O  O   . HOH J 6 .   ? 4.228   8.690   0.095   1.00 15.82 ? 443 HOH A O   1 
HETATM 1281 O  O   . HOH J 6 .   ? 11.003  0.017   -13.146 1.00 15.48 ? 444 HOH A O   1 
HETATM 1282 O  O   . HOH J 6 .   ? 0.705   6.338   9.283   1.00 21.85 ? 445 HOH A O   1 
HETATM 1283 O  O   . HOH J 6 .   ? 1.349   -18.172 3.474   1.00 23.42 ? 446 HOH A O   1 
HETATM 1284 O  O   . HOH J 6 .   ? 15.566  -13.813 0.432   1.00 40.95 ? 447 HOH A O   1 
HETATM 1285 O  O   . HOH J 6 .   ? -1.090  11.452  -7.819  1.00 32.93 ? 448 HOH A O   1 
HETATM 1286 O  O   . HOH J 6 .   ? 2.218   3.955   8.792   1.00 14.72 ? 449 HOH A O   1 
HETATM 1287 O  O   . HOH J 6 .   ? -0.858  1.980   18.795  1.00 20.98 ? 450 HOH A O   1 
HETATM 1288 O  O   . HOH J 6 .   ? -16.106 3.386   -6.788  1.00 25.95 ? 451 HOH A O   1 
HETATM 1289 O  O   . HOH J 6 .   ? -12.590 -6.595  7.611   1.00 20.58 ? 452 HOH A O   1 
HETATM 1290 O  O   . HOH J 6 .   ? 0.464   5.685   12.290  1.00 27.84 ? 453 HOH A O   1 
HETATM 1291 O  O   . HOH J 6 .   ? 10.692  -0.244  10.369  1.00 34.60 ? 454 HOH A O   1 
HETATM 1292 O  O   . HOH J 6 .   ? 13.293  -10.568 -0.149  1.00 22.89 ? 455 HOH A O   1 
HETATM 1293 O  O   . HOH J 6 .   ? -16.032 14.793  7.197   1.00 35.73 ? 456 HOH A O   1 
HETATM 1294 O  O   . HOH J 6 .   ? 0.941   9.561   5.471   1.00 20.82 ? 457 HOH A O   1 
HETATM 1295 O  O   . HOH J 6 .   ? -15.048 -1.675  13.975  1.00 31.41 ? 458 HOH A O   1 
HETATM 1296 O  O   . HOH J 6 .   ? 6.895   -20.108 5.363   1.00 35.17 ? 459 HOH A O   1 
HETATM 1297 O  O   . HOH J 6 .   ? 1.127   6.598   -14.781 1.00 21.00 ? 460 HOH A O   1 
HETATM 1298 O  O   . HOH J 6 .   ? -7.376  0.011   -19.324 1.00 24.12 ? 461 HOH A O   1 
HETATM 1299 O  O   . HOH J 6 .   ? 9.173   -7.660  2.860   1.00 13.57 ? 462 HOH A O   1 
HETATM 1300 O  O   . HOH J 6 .   ? -14.970 -3.235  -4.476  1.00 20.71 ? 463 HOH A O   1 
HETATM 1301 O  O   . HOH J 6 .   ? 8.346   -2.637  10.672  1.00 31.94 ? 464 HOH A O   1 
HETATM 1302 O  O   . HOH J 6 .   ? 4.420   10.734  -2.013  1.00 18.19 ? 465 HOH A O   1 
HETATM 1303 O  O   . HOH J 6 .   ? 14.592  14.071  7.991   1.00 37.78 ? 466 HOH A O   1 
HETATM 1304 O  O   . HOH J 6 .   ? 14.916  -2.159  9.026   1.00 26.47 ? 467 HOH A O   1 
HETATM 1305 O  O   . HOH J 6 .   ? -13.234 8.499   13.373  1.00 41.10 ? 468 HOH A O   1 
HETATM 1306 O  O   . HOH J 6 .   ? 1.367   7.523   -17.460 1.00 40.79 ? 469 HOH A O   1 
HETATM 1307 O  O   . HOH J 6 .   ? -14.832 -5.345  7.093   1.00 41.92 ? 470 HOH A O   1 
HETATM 1308 O  O   . HOH J 6 .   ? -10.668 2.570   22.697  1.00 29.30 ? 471 HOH A O   1 
HETATM 1309 O  O   . HOH J 6 .   ? 8.686   -5.564  13.695  1.00 40.18 ? 472 HOH A O   1 
HETATM 1310 O  O   . HOH J 6 .   ? 8.737   3.152   -15.695 1.00 32.92 ? 473 HOH A O   1 
HETATM 1311 O  O   . HOH J 6 .   ? 10.805  -5.585  3.918   1.00 20.16 ? 474 HOH A O   1 
HETATM 1312 O  O   . HOH J 6 .   ? 0.022   -15.204 6.587   1.00 23.68 ? 475 HOH A O   1 
HETATM 1313 O  O   . HOH J 6 .   ? 12.279  14.055  -3.293  1.00 26.11 ? 476 HOH A O   1 
HETATM 1314 O  O   . HOH J 6 .   ? -13.491 -4.671  -2.712  1.00 25.40 ? 477 HOH A O   1 
HETATM 1315 O  O   . HOH J 6 .   ? -18.597 -0.394  -4.765  1.00 30.04 ? 478 HOH A O   1 
HETATM 1316 O  O   . HOH J 6 .   ? 17.899  -1.522  -5.366  1.00 25.38 ? 479 HOH A O   1 
HETATM 1317 O  O   . HOH J 6 .   ? -15.131 16.637  7.490   1.00 26.12 ? 480 HOH A O   1 
HETATM 1318 O  O   . HOH J 6 .   ? -1.105  7.368   13.543  1.00 36.49 ? 481 HOH A O   1 
HETATM 1319 O  O   . HOH J 6 .   ? 16.739  -2.309  6.865   1.00 27.85 ? 482 HOH A O   1 
HETATM 1320 O  O   . HOH J 6 .   ? -3.917  2.483   -17.812 1.00 19.36 ? 483 HOH A O   1 
HETATM 1321 O  O   . HOH J 6 .   ? 17.478  15.966  4.355   1.00 32.32 ? 484 HOH A O   1 
HETATM 1322 O  O   . HOH J 6 .   ? -2.348  0.710   -19.120 1.00 36.53 ? 485 HOH A O   1 
HETATM 1323 O  O   . HOH J 6 .   ? 2.321   -0.413  15.401  1.00 50.91 ? 486 HOH A O   1 
HETATM 1324 O  O   . HOH J 6 .   ? -2.664  -15.556 1.076   1.00 42.82 ? 487 HOH A O   1 
HETATM 1325 O  O   . HOH J 6 .   ? 17.246  2.820   -6.096  1.00 23.78 ? 488 HOH A O   1 
HETATM 1326 O  O   . HOH J 6 .   ? -17.115 -2.383  -3.538  1.00 26.59 ? 489 HOH A O   1 
HETATM 1327 O  O   . HOH J 6 .   ? 8.094   0.425   10.051  1.00 32.62 ? 490 HOH A O   1 
HETATM 1328 O  O   . HOH J 6 .   ? -4.921  -15.013 -0.130  1.00 35.37 ? 491 HOH A O   1 
HETATM 1329 O  O   . HOH J 6 .   ? 2.874   -19.446 5.530   1.00 26.11 ? 492 HOH A O   1 
HETATM 1330 O  O   . HOH J 6 .   ? -11.879 -7.153  -0.211  1.00 43.36 ? 493 HOH A O   1 
HETATM 1331 O  O   . HOH J 6 .   ? 20.086  -6.920  -3.781  1.00 47.53 ? 494 HOH A O   1 
HETATM 1332 O  O   . HOH J 6 .   ? -5.920  14.253  5.944   1.00 23.35 ? 495 HOH A O   1 
HETATM 1333 O  O   . HOH J 6 .   ? -15.157 -5.595  1.519   1.00 39.88 ? 496 HOH A O   1 
HETATM 1334 O  O   . HOH J 6 .   ? -8.381  16.372  -7.859  1.00 30.24 ? 497 HOH A O   1 
HETATM 1335 O  O   . HOH J 6 .   ? 16.012  16.401  6.586   1.00 57.41 ? 498 HOH A O   1 
HETATM 1336 O  O   . HOH J 6 .   ? -6.072  10.086  10.561  1.00 34.35 ? 499 HOH A O   1 
HETATM 1337 O  O   . HOH J 6 .   ? -12.647 17.980  10.899  1.00 42.47 ? 500 HOH A O   1 
HETATM 1338 O  O   . HOH J 6 .   ? -4.310  4.621   -19.484 1.00 37.58 ? 501 HOH A O   1 
HETATM 1339 O  O   . HOH J 6 .   ? -7.177  12.232  9.156   1.00 28.15 ? 502 HOH A O   1 
HETATM 1340 O  O   . HOH J 6 .   ? 14.759  -10.255 2.246   1.00 37.28 ? 503 HOH A O   1 
HETATM 1341 O  O   . HOH J 6 .   ? -6.629  -6.156  -9.514  1.00 27.82 ? 504 HOH A O   1 
HETATM 1342 O  O   . HOH J 6 .   ? 15.370  -5.823  3.560   1.00 34.23 ? 505 HOH A O   1 
HETATM 1343 O  O   . HOH J 6 .   ? -18.735 0.919   1.919   1.00 43.52 ? 506 HOH A O   1 
HETATM 1344 O  O   . HOH J 6 .   ? 12.339  -11.042 -4.689  1.00 16.85 ? 507 HOH A O   1 
HETATM 1345 O  O   . HOH J 6 .   ? 4.465   -25.079 -3.948  1.00 35.68 ? 508 HOH A O   1 
HETATM 1346 O  O   . HOH J 6 .   ? 12.961  -6.770  4.304   1.00 26.62 ? 509 HOH A O   1 
HETATM 1347 O  O   . HOH J 6 .   ? 0.943   -7.246  12.244  1.00 24.06 ? 510 HOH A O   1 
HETATM 1348 O  O   . HOH J 6 .   ? -5.335  12.700  -17.240 1.00 52.81 ? 511 HOH A O   1 
HETATM 1349 O  O   . HOH J 6 .   ? 14.608  -15.506 5.410   1.00 46.65 ? 512 HOH A O   1 
HETATM 1350 O  O   . HOH J 6 .   ? 9.877   -12.303 -5.443  1.00 15.35 ? 513 HOH A O   1 
HETATM 1351 O  O   . HOH J 6 .   ? -5.074  -6.911  -12.430 1.00 27.80 ? 514 HOH A O   1 
HETATM 1352 O  O   . HOH J 6 .   ? 18.621  4.430   -8.027  1.00 30.10 ? 515 HOH A O   1 
HETATM 1353 O  O   . HOH J 6 .   ? 16.626  -8.241  2.645   1.00 33.89 ? 516 HOH A O   1 
HETATM 1354 O  O   . HOH J 6 .   ? 11.317  -0.051  14.513  1.00 45.51 ? 517 HOH A O   1 
HETATM 1355 O  O   . HOH J 6 .   ? 15.624  15.489  0.948   1.00 45.92 ? 518 HOH A O   1 
HETATM 1356 O  O   . HOH J 6 .   ? -15.672 20.583  4.984   1.00 25.93 ? 519 HOH A O   1 
HETATM 1357 O  O   . HOH J 6 .   ? 3.768   3.839   11.072  1.00 21.54 ? 520 HOH A O   1 
HETATM 1358 O  O   . HOH J 6 .   ? 18.505  13.346  0.456   1.00 26.54 ? 521 HOH A O   1 
HETATM 1359 O  O   . HOH J 6 .   ? 15.766  -12.772 2.765   1.00 33.75 ? 522 HOH A O   1 
HETATM 1360 O  O   . HOH J 6 .   ? 15.274  5.221   -11.193 1.00 30.30 ? 523 HOH A O   1 
HETATM 1361 O  O   . HOH J 6 .   ? -19.585 -1.195  0.459   1.00 38.61 ? 524 HOH A O   1 
HETATM 1362 O  O   . HOH J 6 .   ? -16.636 4.369   8.713   1.00 35.09 ? 525 HOH A O   1 
HETATM 1363 O  O   . HOH J 6 .   ? 2.535   3.330   15.813  1.00 38.51 ? 526 HOH A O   1 
HETATM 1364 O  O   . HOH J 6 .   ? -12.871 3.521   21.486  1.00 32.08 ? 527 HOH A O   1 
HETATM 1365 O  O   . HOH J 6 .   ? 6.346   2.948   11.690  1.00 28.89 ? 528 HOH A O   1 
HETATM 1366 O  O   . HOH J 6 .   ? -17.942 20.235  4.478   1.00 48.10 ? 529 HOH A O   1 
HETATM 1367 O  O   . HOH J 6 .   ? 15.179  7.661   -10.833 1.00 39.18 ? 530 HOH A O   1 
HETATM 1368 O  O   . HOH J 6 .   ? -18.344 -3.282  -1.367  1.00 34.48 ? 531 HOH A O   1 
HETATM 1369 O  O   . HOH J 6 .   ? -0.896  -20.342 -1.930  1.00 52.00 ? 532 HOH A O   1 
HETATM 1370 O  O   . HOH J 6 .   ? 16.971  8.151   -9.245  1.00 37.50 ? 533 HOH A O   1 
HETATM 1371 O  O   . HOH J 6 .   ? -1.762  -18.753 -0.244  1.00 42.98 ? 534 HOH A O   1 
HETATM 1372 O  O   . HOH J 6 .   ? 7.497   0.726   12.621  1.00 32.37 ? 535 HOH A O   1 
HETATM 1373 O  O   . HOH J 6 .   ? -3.998  -20.198 -3.071  1.00 41.74 ? 536 HOH A O   1 
# 
